data_8PUV
#
_entry.id   8PUV
#
_cell.length_a   1.00
_cell.length_b   1.00
_cell.length_c   1.00
_cell.angle_alpha   90.00
_cell.angle_beta   90.00
_cell.angle_gamma   90.00
#
_symmetry.space_group_name_H-M   'P 1'
#
loop_
_entity.id
_entity.type
_entity.pdbx_description
1 polymer 'Envelope protein E'
2 polymer 'Protein prM'
3 non-polymer 2-acetamido-2-deoxy-beta-D-glucopyranose
#
loop_
_entity_poly.entity_id
_entity_poly.type
_entity_poly.pdbx_seq_one_letter_code
_entity_poly.pdbx_strand_id
1 'polypeptide(L)'
;SRCTHLENRDFVTGTQGTTRVTLVLELGGCVTITAEGKPSMDVWLDAIYQENPAKTREYCLHAKLSDTKVAARCPTMGPA
TLAEEHQGGTVCKRDQSDRGWGNHCGLFGKGSIVACVKAACEAKKKATGHVYDANKIVYTVKVEPHTGDYVAANETHSGR
KTASFTISSEKTILTMGEYGDVSLLCRVASGVDLAQTVILELDKTVEHLPTAWQVHRDWFNDLALPWKHEGAQNWNNAER
LVEFGAPHAVKMDVYNLGDQTGVLLKALAGVPVAHIEGTKYHLKSGHVTCEVGLEKLKMKGLTYTMCDKTKFTWKRAPTD
SGHDTVVMEVTFSGTKPCRIPVRAVAHGSPDVNVAMLITPNPTIENNGGGFIEMQLPPGDNIIYVGELSHQWFQKGSSIG
RVFQKTKKGIERLTVIGEHAWDFGSAGGFLSSIGKAVHTVLGGAFNSIFGGVGFLPKLLLGVALAWLGLNMRNPTMSMSF
LLAGGLVLAMTLGVGA
;
A,B,C
2 'polypeptide(L)'
;TVRKERDGSTVIRAEGKDAATQVRVENGTCVILATDMGSWCDDSLSYECVTIDQGEEPVDVDCFCRNVDGVYLEYGRCGK
QEGSRTRRSVLIPSHAQGELTGRGHKWLEGDSLRTHLTRVEGWVWKNKLLALAMVTVVWLTLESVVTRVAVLVVLLCLAP
VYA
;
D,E,F
#
loop_
_chem_comp.id
_chem_comp.type
_chem_comp.name
_chem_comp.formula
NAG D-saccharide, beta linking 2-acetamido-2-deoxy-beta-D-glucopyranose 'C8 H15 N O6'
#
# COMPACT_ATOMS: atom_id res chain seq x y z
N SER A 1 -59.66 18.53 -32.18
CA SER A 1 -58.28 18.02 -32.39
C SER A 1 -57.86 17.11 -31.24
N ARG A 2 -56.75 16.40 -31.42
CA ARG A 2 -56.24 15.53 -30.36
C ARG A 2 -55.87 16.33 -29.12
N CYS A 3 -55.49 17.60 -29.31
CA CYS A 3 -54.97 18.39 -28.21
C CYS A 3 -56.06 19.00 -27.34
N THR A 4 -57.34 18.81 -27.70
CA THR A 4 -58.42 19.26 -26.84
C THR A 4 -58.60 18.39 -25.61
N HIS A 5 -57.93 17.23 -25.56
CA HIS A 5 -58.11 16.28 -24.48
C HIS A 5 -56.90 16.17 -23.55
N LEU A 6 -55.92 17.06 -23.70
CA LEU A 6 -54.71 17.02 -22.90
C LEU A 6 -54.68 18.18 -21.92
N GLU A 7 -53.95 17.98 -20.83
CA GLU A 7 -53.83 19.01 -19.80
C GLU A 7 -52.82 20.08 -20.19
N ASN A 8 -51.57 19.68 -20.40
CA ASN A 8 -50.53 20.64 -20.75
C ASN A 8 -50.71 21.16 -22.16
N ARG A 9 -51.38 22.30 -22.30
CA ARG A 9 -51.65 22.90 -23.60
C ARG A 9 -51.14 24.33 -23.59
N ASP A 10 -50.49 24.74 -24.68
CA ASP A 10 -49.96 26.08 -24.83
C ASP A 10 -50.37 26.64 -26.18
N PHE A 11 -50.83 27.90 -26.17
CA PHE A 11 -51.29 28.56 -27.39
C PHE A 11 -50.17 29.46 -27.89
N VAL A 12 -49.17 28.83 -28.51
CA VAL A 12 -48.04 29.56 -29.07
C VAL A 12 -48.42 30.09 -30.44
N THR A 13 -48.92 31.32 -30.49
CA THR A 13 -49.41 31.94 -31.70
C THR A 13 -48.45 33.04 -32.14
N GLY A 14 -48.10 33.04 -33.43
CA GLY A 14 -47.25 34.07 -33.96
C GLY A 14 -47.96 35.41 -34.06
N THR A 15 -47.16 36.47 -34.13
CA THR A 15 -47.70 37.81 -34.19
C THR A 15 -48.46 38.02 -35.49
N GLN A 16 -49.14 39.16 -35.59
CA GLN A 16 -49.89 39.49 -36.79
C GLN A 16 -48.94 39.61 -37.97
N GLY A 17 -49.32 38.99 -39.09
CA GLY A 17 -48.46 39.01 -40.27
C GLY A 17 -47.13 38.34 -40.05
N THR A 18 -47.13 37.17 -39.42
CA THR A 18 -45.92 36.42 -39.13
C THR A 18 -45.93 35.10 -39.90
N THR A 19 -44.74 34.61 -40.23
CA THR A 19 -44.59 33.41 -41.05
C THR A 19 -43.93 32.24 -40.32
N ARG A 20 -43.35 32.47 -39.15
CA ARG A 20 -42.72 31.40 -38.39
C ARG A 20 -42.80 31.72 -36.92
N VAL A 21 -42.68 30.68 -36.09
CA VAL A 21 -42.79 30.81 -34.65
C VAL A 21 -41.92 29.76 -33.99
N THR A 22 -41.26 30.14 -32.90
CA THR A 22 -40.43 29.21 -32.15
C THR A 22 -41.29 28.35 -31.22
N LEU A 23 -40.91 27.08 -31.08
CA LEU A 23 -41.67 26.13 -30.29
C LEU A 23 -40.75 25.42 -29.31
N VAL A 24 -41.33 25.03 -28.18
CA VAL A 24 -40.67 24.15 -27.22
C VAL A 24 -41.59 22.97 -26.99
N LEU A 25 -41.07 21.76 -27.20
CA LEU A 25 -41.87 20.54 -27.18
C LEU A 25 -41.36 19.64 -26.07
N GLU A 26 -42.22 19.36 -25.09
CA GLU A 26 -41.94 18.43 -24.01
C GLU A 26 -42.92 17.28 -24.12
N LEU A 27 -42.39 16.05 -24.04
CA LEU A 27 -43.23 14.88 -24.28
C LEU A 27 -44.44 14.90 -23.37
N GLY A 28 -45.62 14.67 -23.97
CA GLY A 28 -46.86 14.74 -23.25
C GLY A 28 -47.53 16.10 -23.26
N GLY A 29 -46.80 17.15 -23.65
CA GLY A 29 -47.36 18.49 -23.67
C GLY A 29 -47.59 19.03 -25.07
N CYS A 30 -48.85 19.10 -25.47
CA CYS A 30 -49.18 19.58 -26.80
C CYS A 30 -48.89 21.08 -26.94
N VAL A 31 -49.08 21.57 -28.17
CA VAL A 31 -49.02 22.99 -28.49
C VAL A 31 -49.95 23.24 -29.65
N THR A 32 -50.65 24.38 -29.61
CA THR A 32 -51.55 24.78 -30.69
C THR A 32 -50.98 26.03 -31.36
N ILE A 33 -50.80 25.96 -32.68
CA ILE A 33 -50.23 27.05 -33.46
C ILE A 33 -51.33 27.65 -34.32
N THR A 34 -51.44 28.97 -34.29
CA THR A 34 -52.42 29.70 -35.07
C THR A 34 -51.75 30.88 -35.75
N ALA A 35 -52.33 31.30 -36.87
CA ALA A 35 -51.80 32.41 -37.64
C ALA A 35 -52.90 32.99 -38.51
N GLU A 36 -53.05 34.30 -38.47
CA GLU A 36 -54.11 34.95 -39.22
C GLU A 36 -53.98 34.62 -40.70
N GLY A 37 -55.10 34.21 -41.31
CA GLY A 37 -55.11 33.88 -42.72
C GLY A 37 -54.49 32.56 -43.08
N LYS A 38 -54.22 31.70 -42.11
CA LYS A 38 -53.63 30.40 -42.36
C LYS A 38 -54.33 29.34 -41.52
N PRO A 39 -54.31 28.08 -41.95
CA PRO A 39 -54.87 27.02 -41.11
C PRO A 39 -54.01 26.78 -39.87
N SER A 40 -54.65 26.24 -38.84
CA SER A 40 -54.00 26.01 -37.56
C SER A 40 -53.57 24.55 -37.45
N MET A 41 -52.42 24.33 -36.82
CA MET A 41 -51.83 23.01 -36.70
C MET A 41 -51.52 22.69 -35.24
N ASP A 42 -51.58 21.41 -34.91
CA ASP A 42 -51.24 20.91 -33.58
C ASP A 42 -50.02 20.01 -33.68
N VAL A 43 -49.07 20.20 -32.77
CA VAL A 43 -47.85 19.40 -32.75
C VAL A 43 -47.56 18.99 -31.31
N TRP A 44 -46.81 17.91 -31.16
CA TRP A 44 -46.44 17.39 -29.85
C TRP A 44 -45.37 16.32 -30.04
N LEU A 45 -44.52 16.18 -29.04
CA LEU A 45 -43.44 15.19 -29.08
C LEU A 45 -44.02 13.84 -28.71
N ASP A 46 -44.26 13.00 -29.73
CA ASP A 46 -44.96 11.75 -29.51
C ASP A 46 -44.16 10.81 -28.62
N ALA A 47 -42.89 10.58 -28.96
CA ALA A 47 -42.08 9.65 -28.19
C ALA A 47 -40.62 9.84 -28.54
N ILE A 48 -39.76 9.53 -27.58
CA ILE A 48 -38.31 9.58 -27.74
C ILE A 48 -37.78 8.16 -27.57
N TYR A 49 -37.03 7.68 -28.55
CA TYR A 49 -36.55 6.31 -28.49
C TYR A 49 -35.27 6.16 -29.31
N GLN A 50 -34.49 5.14 -28.95
CA GLN A 50 -33.36 4.68 -29.75
C GLN A 50 -33.57 3.22 -30.09
N GLU A 51 -33.02 2.79 -31.22
CA GLU A 51 -33.21 1.44 -31.72
C GLU A 51 -31.87 0.71 -31.79
N ASN A 52 -31.84 -0.50 -31.25
CA ASN A 52 -30.63 -1.32 -31.26
C ASN A 52 -29.49 -0.60 -30.57
N PRO A 53 -29.64 -0.23 -29.30
CA PRO A 53 -28.53 0.43 -28.59
C PRO A 53 -27.36 -0.51 -28.39
N ALA A 54 -26.17 0.08 -28.34
CA ALA A 54 -24.96 -0.69 -28.12
C ALA A 54 -24.99 -1.35 -26.75
N LYS A 55 -24.44 -2.56 -26.68
CA LYS A 55 -24.36 -3.32 -25.44
C LYS A 55 -22.96 -3.23 -24.86
N THR A 56 -22.86 -2.91 -23.57
CA THR A 56 -21.59 -2.63 -22.94
C THR A 56 -21.00 -3.80 -22.16
N ARG A 57 -21.83 -4.53 -21.41
CA ARG A 57 -21.31 -5.60 -20.56
C ARG A 57 -22.39 -6.64 -20.32
N GLU A 58 -22.00 -7.89 -20.05
CA GLU A 58 -22.95 -8.97 -19.88
C GLU A 58 -22.63 -9.74 -18.61
N TYR A 59 -23.63 -9.88 -17.74
CA TYR A 59 -23.57 -10.74 -16.57
C TYR A 59 -24.48 -11.94 -16.80
N CYS A 60 -24.10 -13.08 -16.21
CA CYS A 60 -24.92 -14.28 -16.31
C CYS A 60 -25.14 -14.86 -14.91
N LEU A 61 -26.24 -15.57 -14.76
CA LEU A 61 -26.79 -15.89 -13.44
C LEU A 61 -26.95 -17.39 -13.19
N HIS A 62 -26.45 -18.24 -14.09
CA HIS A 62 -26.55 -19.69 -13.88
C HIS A 62 -25.35 -20.33 -14.57
N ALA A 63 -24.32 -20.64 -13.79
CA ALA A 63 -23.13 -21.27 -14.34
C ALA A 63 -23.45 -22.68 -14.80
N LYS A 64 -22.77 -23.12 -15.86
CA LYS A 64 -22.97 -24.45 -16.45
C LYS A 64 -21.63 -25.17 -16.44
N LEU A 65 -21.34 -25.85 -15.34
CA LEU A 65 -20.08 -26.58 -15.20
C LEU A 65 -20.12 -27.87 -16.02
N SER A 66 -18.94 -28.35 -16.38
CA SER A 66 -18.82 -29.57 -17.15
C SER A 66 -17.35 -29.95 -17.28
N ASP A 67 -17.12 -31.25 -17.49
CA ASP A 67 -15.77 -31.77 -17.75
C ASP A 67 -14.83 -31.55 -16.57
N THR A 68 -15.37 -31.46 -15.35
CA THR A 68 -14.52 -31.27 -14.19
C THR A 68 -13.65 -32.49 -13.95
N LYS A 69 -12.39 -32.25 -13.59
CA LYS A 69 -11.42 -33.30 -13.35
C LYS A 69 -10.71 -33.06 -12.04
N VAL A 70 -10.03 -34.07 -11.54
CA VAL A 70 -9.30 -33.99 -10.28
C VAL A 70 -8.05 -34.86 -10.37
N ALA A 71 -6.97 -34.42 -9.72
CA ALA A 71 -5.73 -35.18 -9.69
C ALA A 71 -5.05 -34.96 -8.36
N ALA A 72 -4.23 -35.92 -7.96
CA ALA A 72 -3.55 -35.87 -6.67
C ALA A 72 -2.24 -36.60 -6.75
N ARG A 73 -1.35 -36.31 -5.79
CA ARG A 73 -0.05 -36.94 -5.71
C ARG A 73 0.26 -37.24 -4.26
N CYS A 74 1.06 -38.29 -4.03
CA CYS A 74 1.50 -38.62 -2.69
C CYS A 74 2.45 -37.52 -2.18
N PRO A 75 2.61 -37.41 -0.86
CA PRO A 75 3.50 -36.38 -0.34
C PRO A 75 4.93 -36.56 -0.81
N THR A 76 5.63 -35.44 -0.95
CA THR A 76 7.02 -35.43 -1.42
C THR A 76 7.10 -35.99 -2.84
N MET A 77 6.16 -35.58 -3.69
CA MET A 77 6.19 -35.98 -5.10
C MET A 77 5.84 -34.82 -6.03
N GLY A 78 5.93 -33.58 -5.55
CA GLY A 78 5.66 -32.42 -6.37
C GLY A 78 4.17 -32.12 -6.45
N PRO A 79 3.84 -31.01 -7.11
CA PRO A 79 2.43 -30.62 -7.22
C PRO A 79 1.70 -31.44 -8.28
N ALA A 80 0.38 -31.28 -8.28
CA ALA A 80 -0.48 -31.95 -9.25
C ALA A 80 -0.83 -30.97 -10.37
N THR A 81 -0.77 -31.45 -11.61
CA THR A 81 -0.99 -30.63 -12.78
C THR A 81 -2.09 -31.24 -13.64
N LEU A 82 -2.90 -30.35 -14.23
CA LEU A 82 -3.95 -30.75 -15.15
C LEU A 82 -3.84 -29.94 -16.43
N ALA A 83 -4.28 -30.54 -17.54
CA ALA A 83 -4.28 -29.82 -18.80
C ALA A 83 -5.23 -28.62 -18.76
N GLU A 84 -6.39 -28.79 -18.12
CA GLU A 84 -7.37 -27.71 -18.03
C GLU A 84 -6.87 -26.52 -17.21
N GLU A 85 -5.80 -26.69 -16.43
CA GLU A 85 -5.38 -25.64 -15.52
C GLU A 85 -4.97 -24.38 -16.27
N HIS A 86 -4.24 -24.53 -17.38
CA HIS A 86 -3.71 -23.38 -18.11
C HIS A 86 -4.59 -22.99 -19.30
N GLN A 87 -5.74 -23.64 -19.48
CA GLN A 87 -6.63 -23.28 -20.57
C GLN A 87 -7.43 -22.03 -20.21
N GLY A 88 -8.27 -21.59 -21.13
CA GLY A 88 -9.14 -20.46 -20.91
C GLY A 88 -10.54 -20.90 -20.50
N GLY A 89 -11.21 -20.03 -19.74
CA GLY A 89 -12.54 -20.35 -19.27
C GLY A 89 -12.61 -21.52 -18.32
N THR A 90 -11.70 -21.60 -17.35
CA THR A 90 -11.70 -22.64 -16.35
C THR A 90 -11.49 -22.02 -14.97
N VAL A 91 -12.20 -22.57 -13.99
CA VAL A 91 -12.14 -22.11 -12.60
C VAL A 91 -11.57 -23.24 -11.77
N CYS A 92 -10.48 -22.97 -11.06
CA CYS A 92 -9.94 -24.04 -10.22
C CYS A 92 -8.93 -23.53 -9.21
N LYS A 93 -8.70 -24.37 -8.20
CA LYS A 93 -8.00 -24.01 -6.98
C LYS A 93 -7.02 -25.12 -6.63
N ARG A 94 -5.95 -24.77 -5.93
CA ARG A 94 -4.93 -25.72 -5.51
C ARG A 94 -4.95 -25.85 -3.99
N ASP A 95 -5.02 -27.08 -3.49
CA ASP A 95 -5.14 -27.32 -2.07
C ASP A 95 -4.24 -28.47 -1.63
N GLN A 96 -4.38 -28.91 -0.38
CA GLN A 96 -3.64 -30.04 0.15
C GLN A 96 -4.60 -30.99 0.83
N SER A 97 -4.28 -32.29 0.77
CA SER A 97 -5.15 -33.33 1.31
C SER A 97 -4.35 -34.24 2.24
N ASP A 98 -5.05 -34.80 3.21
CA ASP A 98 -4.42 -35.62 4.25
C ASP A 98 -4.25 -37.05 3.73
N ARG A 99 -3.17 -37.25 2.98
CA ARG A 99 -2.80 -38.58 2.55
C ARG A 99 -2.20 -39.36 3.71
N GLY A 100 -2.28 -40.69 3.63
CA GLY A 100 -1.82 -41.52 4.72
C GLY A 100 -1.79 -43.00 4.41
N TRP A 101 -2.23 -43.82 5.38
CA TRP A 101 -2.10 -45.26 5.26
C TRP A 101 -3.11 -45.85 4.29
N GLY A 102 -4.35 -45.39 4.34
CA GLY A 102 -5.40 -45.99 3.54
C GLY A 102 -5.46 -45.57 2.09
N ASN A 103 -4.63 -44.61 1.67
CA ASN A 103 -4.61 -44.15 0.30
C ASN A 103 -3.38 -44.67 -0.46
N HIS A 104 -2.69 -45.65 0.11
CA HIS A 104 -1.51 -46.24 -0.52
C HIS A 104 -0.45 -45.18 -0.81
N CYS A 105 -0.23 -44.29 0.14
CA CYS A 105 0.91 -43.38 0.14
C CYS A 105 1.86 -43.84 1.24
N GLY A 106 3.12 -44.09 0.88
CA GLY A 106 4.05 -44.63 1.84
C GLY A 106 4.30 -43.70 3.01
N LEU A 107 4.48 -42.42 2.74
CA LEU A 107 4.83 -41.43 3.75
C LEU A 107 3.60 -40.66 4.18
N PHE A 108 3.32 -40.65 5.48
CA PHE A 108 2.17 -39.94 6.01
C PHE A 108 2.42 -38.44 5.99
N GLY A 109 1.46 -37.69 5.46
CA GLY A 109 1.61 -36.25 5.39
C GLY A 109 0.55 -35.62 4.52
N LYS A 110 0.89 -34.47 3.95
CA LYS A 110 0.00 -33.70 3.10
C LYS A 110 0.43 -33.81 1.65
N GLY A 111 -0.53 -34.03 0.77
CA GLY A 111 -0.25 -34.17 -0.64
C GLY A 111 -1.09 -33.22 -1.47
N SER A 112 -0.52 -32.79 -2.59
CA SER A 112 -1.17 -31.79 -3.42
C SER A 112 -2.38 -32.37 -4.13
N ILE A 113 -3.34 -31.50 -4.43
CA ILE A 113 -4.57 -31.88 -5.10
C ILE A 113 -5.09 -30.69 -5.88
N VAL A 114 -5.57 -30.95 -7.09
CA VAL A 114 -6.10 -29.90 -7.96
C VAL A 114 -7.37 -30.44 -8.62
N ALA A 115 -8.41 -29.60 -8.63
CA ALA A 115 -9.69 -29.94 -9.25
C ALA A 115 -10.08 -28.78 -10.16
N CYS A 116 -10.09 -29.02 -11.47
CA CYS A 116 -10.27 -27.93 -12.43
C CYS A 116 -11.40 -28.26 -13.39
N VAL A 117 -12.30 -27.30 -13.57
CA VAL A 117 -13.57 -27.50 -14.27
C VAL A 117 -13.74 -26.39 -15.30
N LYS A 118 -14.26 -26.75 -16.47
CA LYS A 118 -14.61 -25.77 -17.48
C LYS A 118 -15.91 -25.07 -17.11
N ALA A 119 -15.91 -23.74 -17.18
CA ALA A 119 -17.06 -22.94 -16.77
C ALA A 119 -17.47 -22.02 -17.92
N ALA A 120 -18.67 -22.24 -18.43
CA ALA A 120 -19.28 -21.35 -19.42
C ALA A 120 -20.77 -21.34 -19.16
N CYS A 121 -21.27 -20.25 -18.59
CA CYS A 121 -22.60 -20.26 -18.00
C CYS A 121 -23.69 -20.39 -19.06
N GLU A 122 -24.88 -20.74 -18.59
CA GLU A 122 -25.96 -21.21 -19.45
C GLU A 122 -26.39 -20.13 -20.44
N ALA A 123 -27.27 -20.53 -21.34
CA ALA A 123 -27.95 -19.63 -22.26
C ALA A 123 -29.34 -19.30 -21.73
N LYS A 124 -29.92 -18.23 -22.28
CA LYS A 124 -31.22 -17.74 -21.82
C LYS A 124 -31.17 -17.31 -20.36
N LYS A 125 -29.97 -16.96 -19.88
CA LYS A 125 -29.81 -16.45 -18.52
C LYS A 125 -28.87 -15.26 -18.45
N LYS A 126 -28.29 -14.82 -19.56
CA LYS A 126 -27.42 -13.65 -19.55
C LYS A 126 -28.24 -12.40 -19.20
N ALA A 127 -27.66 -11.55 -18.34
CA ALA A 127 -28.26 -10.27 -18.00
C ALA A 127 -27.57 -9.19 -18.82
N THR A 128 -28.00 -9.06 -20.06
CA THR A 128 -27.38 -8.10 -20.97
C THR A 128 -27.63 -6.68 -20.49
N GLY A 129 -26.61 -5.83 -20.64
CA GLY A 129 -26.73 -4.44 -20.27
C GLY A 129 -26.43 -3.51 -21.43
N HIS A 130 -27.44 -2.79 -21.90
CA HIS A 130 -27.28 -1.84 -22.99
C HIS A 130 -27.06 -0.44 -22.43
N VAL A 131 -26.44 0.41 -23.26
CA VAL A 131 -26.09 1.77 -22.87
C VAL A 131 -26.62 2.73 -23.94
N TYR A 132 -27.27 3.80 -23.50
CA TYR A 132 -27.81 4.79 -24.43
C TYR A 132 -26.69 5.64 -25.01
N ASP A 133 -26.82 5.94 -26.31
CA ASP A 133 -25.90 6.83 -27.00
C ASP A 133 -26.65 8.08 -27.43
N ALA A 134 -26.13 9.25 -27.05
CA ALA A 134 -26.85 10.50 -27.27
C ALA A 134 -27.03 10.77 -28.77
N ASN A 135 -25.99 10.53 -29.56
CA ASN A 135 -26.01 10.97 -30.95
C ASN A 135 -27.11 10.29 -31.75
N LYS A 136 -27.31 9.00 -31.55
CA LYS A 136 -28.17 8.21 -32.43
C LYS A 136 -29.63 8.21 -32.03
N ILE A 137 -30.01 8.91 -30.95
CA ILE A 137 -31.40 8.95 -30.55
C ILE A 137 -32.23 9.60 -31.65
N VAL A 138 -33.48 9.14 -31.80
CA VAL A 138 -34.38 9.66 -32.82
C VAL A 138 -35.68 10.08 -32.14
N TYR A 139 -36.15 11.28 -32.48
CA TYR A 139 -37.38 11.83 -31.95
C TYR A 139 -38.47 11.79 -33.01
N THR A 140 -39.71 11.71 -32.56
CA THR A 140 -40.88 11.76 -33.43
C THR A 140 -41.80 12.87 -32.96
N VAL A 141 -42.26 13.70 -33.89
CA VAL A 141 -43.15 14.81 -33.57
C VAL A 141 -44.26 14.81 -34.62
N LYS A 142 -45.47 14.46 -34.20
CA LYS A 142 -46.60 14.42 -35.10
C LYS A 142 -47.07 15.82 -35.45
N VAL A 143 -47.95 15.91 -36.45
CA VAL A 143 -48.56 17.17 -36.87
C VAL A 143 -49.99 16.86 -37.28
N GLU A 144 -50.96 17.31 -36.48
CA GLU A 144 -52.37 17.06 -36.75
C GLU A 144 -53.04 18.35 -37.20
N PRO A 145 -53.59 18.43 -38.42
CA PRO A 145 -54.26 19.66 -38.85
C PRO A 145 -55.69 19.73 -38.37
N HIS A 146 -56.08 20.92 -37.91
CA HIS A 146 -57.45 21.14 -37.46
C HIS A 146 -58.43 20.96 -38.61
N THR A 147 -59.57 20.36 -38.31
CA THR A 147 -60.67 20.26 -39.27
C THR A 147 -61.99 20.48 -38.54
N GLY A 148 -63.10 20.16 -39.19
CA GLY A 148 -64.40 20.29 -38.58
C GLY A 148 -64.87 19.06 -37.84
N ASP A 149 -64.02 18.06 -37.66
CA ASP A 149 -64.42 16.78 -37.09
C ASP A 149 -63.89 16.64 -35.67
N TYR A 150 -64.78 16.27 -34.75
CA TYR A 150 -64.35 15.94 -33.39
C TYR A 150 -63.59 14.62 -33.39
N VAL A 151 -62.59 14.53 -32.51
CA VAL A 151 -61.79 13.33 -32.37
C VAL A 151 -61.74 12.93 -30.90
N ALA A 152 -62.00 11.66 -30.62
CA ALA A 152 -61.90 11.15 -29.26
C ALA A 152 -60.42 10.96 -28.89
N ALA A 153 -60.19 10.76 -27.59
CA ALA A 153 -58.82 10.62 -27.11
C ALA A 153 -58.14 9.41 -27.74
N ASN A 154 -58.83 8.28 -27.81
CA ASN A 154 -58.21 7.07 -28.37
C ASN A 154 -58.10 7.14 -29.88
N GLU A 155 -59.12 7.66 -30.56
CA GLU A 155 -59.11 7.68 -32.02
C GLU A 155 -57.99 8.56 -32.55
N THR A 156 -57.47 8.20 -33.71
CA THR A 156 -56.39 8.94 -34.36
C THR A 156 -56.93 9.62 -35.61
N HIS A 157 -56.63 10.92 -35.74
CA HIS A 157 -57.09 11.68 -36.89
C HIS A 157 -56.49 11.11 -38.17
N SER A 158 -57.33 10.97 -39.20
CA SER A 158 -56.87 10.36 -40.44
C SER A 158 -55.76 11.16 -41.10
N GLY A 159 -55.87 12.49 -41.09
CA GLY A 159 -54.91 13.34 -41.74
C GLY A 159 -53.62 13.59 -40.99
N ARG A 160 -53.42 12.90 -39.87
CA ARG A 160 -52.22 13.12 -39.08
C ARG A 160 -50.97 12.71 -39.86
N LYS A 161 -49.85 13.37 -39.57
CA LYS A 161 -48.58 13.09 -40.21
C LYS A 161 -47.48 13.05 -39.15
N THR A 162 -46.35 12.45 -39.51
CA THR A 162 -45.26 12.23 -38.59
C THR A 162 -43.94 12.62 -39.25
N ALA A 163 -42.94 12.88 -38.42
CA ALA A 163 -41.62 13.24 -38.91
C ALA A 163 -40.57 12.73 -37.92
N SER A 164 -39.34 12.61 -38.41
CA SER A 164 -38.20 12.19 -37.60
C SER A 164 -37.22 13.35 -37.45
N PHE A 165 -36.43 13.29 -36.38
CA PHE A 165 -35.50 14.37 -36.08
C PHE A 165 -34.34 13.81 -35.27
N THR A 166 -33.18 13.70 -35.91
CA THR A 166 -31.95 13.35 -35.24
C THR A 166 -31.15 14.62 -34.96
N ILE A 167 -30.10 14.47 -34.14
CA ILE A 167 -29.28 15.63 -33.81
C ILE A 167 -28.60 16.17 -35.06
N SER A 168 -28.14 15.28 -35.94
CA SER A 168 -27.48 15.72 -37.16
C SER A 168 -28.47 16.36 -38.13
N SER A 169 -29.61 15.73 -38.34
CA SER A 169 -30.60 16.27 -39.26
C SER A 169 -31.21 17.55 -38.70
N GLU A 170 -31.37 18.55 -39.56
CA GLU A 170 -31.82 19.87 -39.13
C GLU A 170 -33.08 20.35 -39.86
N LYS A 171 -33.19 20.12 -41.16
CA LYS A 171 -34.27 20.66 -41.96
C LYS A 171 -35.12 19.52 -42.53
N THR A 172 -36.44 19.67 -42.42
CA THR A 172 -37.36 18.69 -42.96
C THR A 172 -38.62 19.40 -43.44
N ILE A 173 -39.27 18.85 -44.46
CA ILE A 173 -40.49 19.39 -45.02
C ILE A 173 -41.55 18.32 -45.00
N LEU A 174 -42.75 18.68 -44.57
CA LEU A 174 -43.87 17.76 -44.45
C LEU A 174 -44.96 18.11 -45.45
N THR A 175 -45.69 17.08 -45.88
CA THR A 175 -46.77 17.23 -46.85
C THR A 175 -48.10 16.98 -46.14
N MET A 176 -48.93 18.02 -46.05
CA MET A 176 -50.26 17.90 -45.49
C MET A 176 -51.31 17.57 -46.54
N GLY A 177 -50.90 17.38 -47.79
CA GLY A 177 -51.83 17.06 -48.85
C GLY A 177 -52.67 18.26 -49.26
N GLU A 178 -53.95 18.23 -48.93
CA GLU A 178 -54.84 19.31 -49.33
C GLU A 178 -54.48 20.64 -48.68
N TYR A 179 -53.90 20.59 -47.47
CA TYR A 179 -53.63 21.80 -46.71
C TYR A 179 -52.29 22.45 -47.06
N GLY A 180 -51.47 21.81 -47.87
CA GLY A 180 -50.20 22.39 -48.27
C GLY A 180 -49.00 21.69 -47.66
N ASP A 181 -48.06 22.47 -47.13
CA ASP A 181 -46.82 21.93 -46.58
C ASP A 181 -46.39 22.75 -45.38
N VAL A 182 -45.56 22.13 -44.54
CA VAL A 182 -45.02 22.76 -43.34
C VAL A 182 -43.53 22.46 -43.27
N SER A 183 -42.74 23.46 -42.91
CA SER A 183 -41.29 23.33 -42.81
C SER A 183 -40.89 23.31 -41.35
N LEU A 184 -40.15 22.26 -40.95
CA LEU A 184 -39.69 22.09 -39.58
C LEU A 184 -38.18 22.22 -39.54
N LEU A 185 -37.68 23.06 -38.64
CA LEU A 185 -36.25 23.19 -38.36
C LEU A 185 -36.09 22.99 -36.86
N CYS A 186 -35.84 21.76 -36.46
CA CYS A 186 -35.85 21.37 -35.05
C CYS A 186 -34.44 21.15 -34.54
N ARG A 187 -34.16 21.69 -33.36
CA ARG A 187 -32.92 21.45 -32.63
C ARG A 187 -33.23 20.56 -31.44
N VAL A 188 -32.55 19.42 -31.36
CA VAL A 188 -32.81 18.44 -30.32
C VAL A 188 -31.78 18.59 -29.21
N ALA A 189 -32.20 18.24 -28.00
CA ALA A 189 -31.31 18.31 -26.84
C ALA A 189 -31.85 17.39 -25.76
N SER A 190 -30.94 16.71 -25.07
CA SER A 190 -31.28 15.82 -23.97
C SER A 190 -30.99 16.52 -22.65
N GLY A 191 -32.01 16.64 -21.81
CA GLY A 191 -31.91 17.40 -20.58
C GLY A 191 -31.26 16.70 -19.41
N VAL A 192 -30.88 15.44 -19.57
CA VAL A 192 -30.25 14.68 -18.49
C VAL A 192 -28.99 14.04 -19.02
N ASP A 193 -28.06 13.75 -18.11
CA ASP A 193 -26.81 13.08 -18.48
C ASP A 193 -27.08 11.60 -18.69
N LEU A 194 -27.11 11.17 -19.95
CA LEU A 194 -27.45 9.79 -20.25
C LEU A 194 -26.29 8.84 -19.96
N ALA A 195 -25.07 9.36 -19.87
CA ALA A 195 -23.92 8.51 -19.63
C ALA A 195 -23.93 7.86 -18.26
N GLN A 196 -24.79 8.32 -17.34
CA GLN A 196 -24.85 7.78 -15.98
C GLN A 196 -26.08 6.90 -15.76
N THR A 197 -26.72 6.44 -16.84
CA THR A 197 -27.82 5.51 -16.74
C THR A 197 -27.65 4.42 -17.80
N VAL A 198 -27.77 3.17 -17.37
CA VAL A 198 -27.63 2.01 -18.25
C VAL A 198 -28.84 1.11 -18.07
N ILE A 199 -29.45 0.72 -19.19
CA ILE A 199 -30.65 -0.11 -19.18
C ILE A 199 -30.22 -1.56 -19.07
N LEU A 200 -30.78 -2.27 -18.09
CA LEU A 200 -30.47 -3.66 -17.83
C LEU A 200 -31.61 -4.54 -18.36
N GLU A 201 -31.26 -5.55 -19.14
CA GLU A 201 -32.24 -6.37 -19.83
C GLU A 201 -31.88 -7.84 -19.67
N LEU A 202 -32.74 -8.60 -19.01
CA LEU A 202 -32.61 -10.04 -19.01
C LEU A 202 -32.97 -10.60 -20.38
N ASP A 203 -32.46 -11.79 -20.68
CA ASP A 203 -32.75 -12.40 -21.96
C ASP A 203 -34.26 -12.61 -22.11
N LYS A 204 -34.74 -12.44 -23.34
CA LYS A 204 -36.17 -12.30 -23.57
C LYS A 204 -36.92 -13.61 -23.34
N THR A 205 -37.44 -13.79 -22.13
CA THR A 205 -38.33 -14.90 -21.81
C THR A 205 -39.61 -14.32 -21.23
N VAL A 206 -40.75 -14.78 -21.73
CA VAL A 206 -42.03 -14.19 -21.40
C VAL A 206 -42.74 -14.97 -20.29
N GLU A 207 -41.99 -15.77 -19.51
CA GLU A 207 -42.61 -16.53 -18.43
C GLU A 207 -43.26 -15.61 -17.40
N HIS A 208 -42.58 -14.53 -17.04
CA HIS A 208 -43.10 -13.56 -16.08
C HIS A 208 -42.74 -12.16 -16.56
N LEU A 209 -43.01 -11.17 -15.72
CA LEU A 209 -42.68 -9.78 -16.00
C LEU A 209 -42.20 -9.14 -14.70
N PRO A 210 -41.41 -8.06 -14.80
CA PRO A 210 -40.88 -7.42 -16.01
C PRO A 210 -39.51 -7.98 -16.39
N THR A 211 -38.99 -7.62 -17.56
CA THR A 211 -37.71 -8.11 -18.04
C THR A 211 -36.88 -6.97 -18.62
N ALA A 212 -36.90 -5.82 -17.97
CA ALA A 212 -36.13 -4.66 -18.40
C ALA A 212 -36.19 -3.61 -17.30
N TRP A 213 -35.09 -2.88 -17.11
CA TRP A 213 -35.03 -1.88 -16.07
C TRP A 213 -34.01 -0.81 -16.44
N GLN A 214 -34.16 0.36 -15.82
CA GLN A 214 -33.16 1.41 -15.85
C GLN A 214 -32.50 1.47 -14.49
N VAL A 215 -31.17 1.36 -14.46
CA VAL A 215 -30.44 1.27 -13.20
C VAL A 215 -29.26 2.23 -13.25
N HIS A 216 -28.89 2.74 -12.07
CA HIS A 216 -27.74 3.63 -11.98
C HIS A 216 -26.49 2.91 -12.46
N ARG A 217 -25.63 3.65 -13.17
CA ARG A 217 -24.47 3.03 -13.81
C ARG A 217 -23.55 2.37 -12.78
N ASP A 218 -23.31 3.05 -11.66
CA ASP A 218 -22.39 2.50 -10.67
C ASP A 218 -22.90 1.19 -10.10
N TRP A 219 -24.19 1.12 -9.77
CA TRP A 219 -24.73 -0.10 -9.21
C TRP A 219 -24.62 -1.27 -10.19
N PHE A 220 -24.93 -1.01 -11.47
CA PHE A 220 -24.84 -2.08 -12.46
C PHE A 220 -23.39 -2.46 -12.72
N ASN A 221 -22.45 -1.54 -12.53
CA ASN A 221 -21.05 -1.84 -12.72
C ASN A 221 -20.41 -2.47 -11.49
N ASP A 222 -21.10 -2.50 -10.36
CA ASP A 222 -20.59 -3.09 -9.13
C ASP A 222 -21.43 -4.30 -8.72
N LEU A 223 -21.79 -5.13 -9.69
CA LEU A 223 -22.49 -6.38 -9.41
C LEU A 223 -21.48 -7.51 -9.23
N ALA A 224 -21.71 -8.34 -8.22
CA ALA A 224 -20.80 -9.45 -7.90
C ALA A 224 -21.24 -10.70 -8.67
N LEU A 225 -20.91 -10.72 -9.95
CA LEU A 225 -21.23 -11.84 -10.82
C LEU A 225 -20.20 -11.88 -11.94
N PRO A 226 -20.07 -13.00 -12.63
CA PRO A 226 -19.14 -13.06 -13.77
C PRO A 226 -19.54 -12.07 -14.84
N TRP A 227 -18.55 -11.47 -15.48
CA TRP A 227 -18.81 -10.43 -16.48
C TRP A 227 -17.87 -10.59 -17.66
N LYS A 228 -18.43 -10.51 -18.86
CA LYS A 228 -17.67 -10.57 -20.09
C LYS A 228 -18.08 -9.42 -21.00
N HIS A 229 -17.11 -8.86 -21.70
CA HIS A 229 -17.40 -7.91 -22.76
C HIS A 229 -17.62 -8.66 -24.07
N GLU A 230 -18.47 -8.09 -24.91
CA GLU A 230 -18.87 -8.78 -26.13
C GLU A 230 -17.65 -9.14 -26.98
N GLY A 231 -17.59 -10.40 -27.42
CA GLY A 231 -16.56 -10.84 -28.33
C GLY A 231 -15.64 -11.92 -27.77
N ALA A 232 -15.30 -11.82 -26.49
CA ALA A 232 -14.40 -12.78 -25.84
C ALA A 232 -15.25 -13.78 -25.08
N GLN A 233 -15.25 -15.04 -25.54
CA GLN A 233 -16.14 -16.04 -24.97
C GLN A 233 -15.80 -16.35 -23.51
N ASN A 234 -14.51 -16.43 -23.18
CA ASN A 234 -14.11 -16.76 -21.82
C ASN A 234 -14.70 -15.76 -20.83
N TRP A 235 -15.31 -16.29 -19.76
CA TRP A 235 -15.96 -15.46 -18.76
C TRP A 235 -14.97 -15.02 -17.71
N ASN A 236 -14.71 -13.72 -17.63
CA ASN A 236 -13.79 -13.19 -16.63
C ASN A 236 -14.38 -13.33 -15.24
N ASN A 237 -13.51 -13.66 -14.29
CA ASN A 237 -13.90 -13.76 -12.88
C ASN A 237 -15.08 -14.71 -12.70
N ALA A 238 -14.91 -15.94 -13.19
CA ALA A 238 -15.98 -16.93 -13.14
C ALA A 238 -16.07 -17.63 -11.79
N GLU A 239 -15.13 -17.38 -10.88
CA GLU A 239 -15.15 -18.06 -9.59
C GLU A 239 -16.36 -17.67 -8.74
N ARG A 240 -17.04 -16.57 -9.06
CA ARG A 240 -18.10 -16.08 -8.19
C ARG A 240 -19.30 -17.02 -8.13
N LEU A 241 -19.44 -17.93 -9.09
CA LEU A 241 -20.56 -18.86 -9.13
C LEU A 241 -20.12 -20.31 -8.96
N VAL A 242 -18.98 -20.54 -8.32
CA VAL A 242 -18.49 -21.88 -8.06
C VAL A 242 -17.83 -21.90 -6.70
N GLU A 243 -18.14 -22.89 -5.88
CA GLU A 243 -17.50 -23.10 -4.59
C GLU A 243 -16.93 -24.51 -4.52
N PHE A 244 -15.76 -24.63 -3.91
CA PHE A 244 -15.04 -25.90 -3.82
C PHE A 244 -15.19 -26.45 -2.41
N GLY A 245 -15.63 -27.71 -2.31
CA GLY A 245 -15.81 -28.35 -1.04
C GLY A 245 -14.47 -28.71 -0.40
N ALA A 246 -14.56 -29.22 0.82
CA ALA A 246 -13.35 -29.61 1.53
C ALA A 246 -12.66 -30.76 0.79
N PRO A 247 -11.33 -30.83 0.82
CA PRO A 247 -10.62 -31.88 0.08
C PRO A 247 -10.58 -33.18 0.85
N HIS A 248 -10.96 -34.27 0.19
CA HIS A 248 -10.76 -35.60 0.70
C HIS A 248 -9.40 -36.12 0.21
N ALA A 249 -9.15 -37.41 0.40
CA ALA A 249 -7.83 -37.95 0.05
C ALA A 249 -7.51 -37.69 -1.43
N VAL A 250 -8.43 -38.00 -2.32
CA VAL A 250 -8.17 -37.91 -3.75
C VAL A 250 -9.29 -37.21 -4.49
N LYS A 251 -10.43 -36.99 -3.82
CA LYS A 251 -11.62 -36.43 -4.44
C LYS A 251 -11.90 -35.06 -3.84
N MET A 252 -12.14 -34.06 -4.69
CA MET A 252 -12.48 -32.71 -4.27
C MET A 252 -13.70 -32.27 -5.06
N ASP A 253 -14.87 -32.36 -4.43
CA ASP A 253 -16.11 -32.01 -5.13
C ASP A 253 -16.15 -30.54 -5.48
N VAL A 254 -16.89 -30.23 -6.55
CA VAL A 254 -17.01 -28.86 -7.05
C VAL A 254 -18.51 -28.58 -7.18
N TYR A 255 -19.09 -27.92 -6.18
CA TYR A 255 -20.50 -27.60 -6.20
C TYR A 255 -20.79 -26.45 -7.15
N ASN A 256 -22.08 -26.21 -7.38
CA ASN A 256 -22.55 -25.13 -8.22
C ASN A 256 -23.55 -24.28 -7.43
N LEU A 257 -23.35 -22.96 -7.44
CA LEU A 257 -24.22 -22.08 -6.66
C LEU A 257 -25.62 -21.97 -7.24
N GLY A 258 -25.85 -22.50 -8.44
CA GLY A 258 -27.20 -22.58 -8.97
C GLY A 258 -27.73 -21.25 -9.49
N ASP A 259 -29.00 -21.29 -9.86
CA ASP A 259 -29.64 -20.12 -10.46
C ASP A 259 -29.64 -18.95 -9.50
N GLN A 260 -29.53 -17.74 -10.06
CA GLN A 260 -29.51 -16.53 -9.24
C GLN A 260 -30.35 -15.41 -9.86
N THR A 261 -31.27 -15.73 -10.77
CA THR A 261 -32.16 -14.71 -11.29
C THR A 261 -33.14 -14.25 -10.21
N GLY A 262 -33.51 -15.16 -9.31
CA GLY A 262 -34.47 -14.81 -8.27
C GLY A 262 -33.98 -13.69 -7.38
N VAL A 263 -32.73 -13.76 -6.92
CA VAL A 263 -32.21 -12.72 -6.05
C VAL A 263 -32.14 -11.39 -6.80
N LEU A 264 -31.77 -11.43 -8.08
CA LEU A 264 -31.72 -10.19 -8.85
C LEU A 264 -33.11 -9.56 -8.97
N LEU A 265 -34.13 -10.38 -9.20
CA LEU A 265 -35.49 -9.85 -9.21
C LEU A 265 -35.86 -9.26 -7.85
N LYS A 266 -35.52 -9.97 -6.78
CA LYS A 266 -35.86 -9.49 -5.44
C LYS A 266 -35.13 -8.19 -5.12
N ALA A 267 -34.00 -7.94 -5.77
CA ALA A 267 -33.22 -6.74 -5.51
C ALA A 267 -33.61 -5.57 -6.41
N LEU A 268 -34.53 -5.76 -7.35
CA LEU A 268 -34.97 -4.70 -8.25
C LEU A 268 -36.44 -4.33 -8.05
N ALA A 269 -37.02 -4.68 -6.91
CA ALA A 269 -38.39 -4.30 -6.64
C ALA A 269 -38.49 -2.79 -6.45
N GLY A 270 -39.52 -2.20 -7.06
CA GLY A 270 -39.75 -0.77 -6.96
C GLY A 270 -38.99 0.08 -7.94
N VAL A 271 -38.12 -0.51 -8.75
CA VAL A 271 -37.36 0.23 -9.77
C VAL A 271 -38.28 0.44 -10.98
N PRO A 272 -38.23 1.58 -11.66
CA PRO A 272 -39.10 1.77 -12.83
C PRO A 272 -38.82 0.72 -13.88
N VAL A 273 -39.89 0.24 -14.51
CA VAL A 273 -39.77 -0.75 -15.58
C VAL A 273 -39.52 -0.02 -16.89
N ALA A 274 -38.36 -0.26 -17.49
CA ALA A 274 -38.06 0.35 -18.78
C ALA A 274 -39.11 -0.08 -19.80
N HIS A 275 -39.64 0.89 -20.54
CA HIS A 275 -40.72 0.65 -21.48
C HIS A 275 -40.11 0.52 -22.87
N ILE A 276 -40.12 -0.70 -23.41
CA ILE A 276 -39.59 -0.98 -24.74
C ILE A 276 -40.57 -1.88 -25.48
N GLU A 277 -40.47 -1.83 -26.81
CA GLU A 277 -41.26 -2.70 -27.67
C GLU A 277 -40.55 -2.84 -29.01
N GLY A 278 -40.63 -4.02 -29.59
CA GLY A 278 -39.90 -4.27 -30.82
C GLY A 278 -38.42 -4.07 -30.59
N THR A 279 -37.78 -3.33 -31.49
CA THR A 279 -36.36 -3.02 -31.39
C THR A 279 -36.11 -1.55 -31.07
N LYS A 280 -37.07 -0.92 -30.40
CA LYS A 280 -36.97 0.48 -30.01
C LYS A 280 -36.98 0.59 -28.49
N TYR A 281 -36.09 1.42 -27.95
CA TYR A 281 -35.97 1.64 -26.52
C TYR A 281 -36.39 3.07 -26.21
N HIS A 282 -37.53 3.24 -25.58
CA HIS A 282 -38.09 4.56 -25.33
C HIS A 282 -37.35 5.25 -24.18
N LEU A 283 -37.54 6.56 -24.09
CA LEU A 283 -36.99 7.40 -23.03
C LEU A 283 -38.13 8.13 -22.33
N LYS A 284 -37.79 8.90 -21.30
CA LYS A 284 -38.78 9.66 -20.54
C LYS A 284 -38.35 11.07 -20.21
N SER A 285 -37.17 11.51 -20.64
CA SER A 285 -36.66 12.85 -20.31
C SER A 285 -36.03 13.45 -21.56
N GLY A 286 -36.73 14.41 -22.17
CA GLY A 286 -36.20 15.07 -23.35
C GLY A 286 -37.15 16.17 -23.79
N HIS A 287 -36.69 16.93 -24.78
CA HIS A 287 -37.47 18.01 -25.35
C HIS A 287 -36.77 18.51 -26.60
N VAL A 288 -37.54 18.85 -27.62
CA VAL A 288 -37.02 19.38 -28.88
C VAL A 288 -37.59 20.77 -29.08
N THR A 289 -36.72 21.75 -29.28
CA THR A 289 -37.09 23.15 -29.48
C THR A 289 -37.04 23.44 -30.98
N CYS A 290 -38.20 23.55 -31.62
CA CYS A 290 -38.29 23.64 -33.06
C CYS A 290 -38.80 25.01 -33.46
N GLU A 291 -38.72 25.29 -34.77
CA GLU A 291 -39.11 26.56 -35.36
C GLU A 291 -40.01 26.25 -36.56
N VAL A 292 -41.32 26.19 -36.31
CA VAL A 292 -42.26 25.80 -37.36
C VAL A 292 -42.40 26.93 -38.36
N GLY A 293 -42.50 26.56 -39.65
CA GLY A 293 -42.77 27.53 -40.70
C GLY A 293 -44.17 27.38 -41.23
N LEU A 294 -44.92 28.48 -41.31
CA LEU A 294 -46.32 28.47 -41.68
C LEU A 294 -46.58 29.32 -42.93
N GLU A 295 -45.74 29.12 -43.96
CA GLU A 295 -45.81 29.97 -45.15
C GLU A 295 -46.45 29.28 -46.34
N LYS A 296 -46.29 27.96 -46.47
CA LYS A 296 -46.80 27.23 -47.63
C LYS A 296 -48.21 26.70 -47.42
N LEU A 297 -48.76 26.81 -46.22
CA LEU A 297 -50.11 26.32 -45.97
C LEU A 297 -51.14 27.22 -46.61
N LYS A 298 -52.24 26.62 -47.06
CA LYS A 298 -53.34 27.34 -47.71
C LYS A 298 -54.65 26.92 -47.06
N MET A 299 -55.43 27.90 -46.63
CA MET A 299 -56.72 27.61 -46.02
C MET A 299 -57.63 26.93 -47.03
N LYS A 300 -58.37 25.92 -46.57
CA LYS A 300 -59.18 25.08 -47.43
C LYS A 300 -60.60 25.61 -47.50
N GLY A 301 -61.23 25.44 -48.66
CA GLY A 301 -62.65 25.74 -48.81
C GLY A 301 -63.00 27.20 -48.60
N LEU A 302 -62.20 28.12 -49.13
CA LEU A 302 -62.54 29.53 -49.00
C LEU A 302 -63.66 29.94 -49.94
N THR A 303 -63.97 29.12 -50.94
CA THR A 303 -65.02 29.43 -51.89
C THR A 303 -66.39 28.92 -51.48
N TYR A 304 -66.48 28.17 -50.38
CA TYR A 304 -67.76 27.61 -49.98
C TYR A 304 -68.75 28.73 -49.65
N THR A 305 -70.00 28.50 -50.00
CA THR A 305 -71.06 29.48 -49.73
C THR A 305 -71.61 29.28 -48.33
N MET A 306 -72.52 30.18 -47.94
CA MET A 306 -73.12 30.11 -46.62
C MET A 306 -74.01 28.87 -46.49
N CYS A 307 -74.12 28.37 -45.27
CA CYS A 307 -74.96 27.22 -44.99
C CYS A 307 -76.40 27.69 -44.77
N ASP A 308 -77.29 26.75 -44.44
CA ASP A 308 -78.67 27.09 -44.16
C ASP A 308 -78.78 27.83 -42.83
N LYS A 309 -79.75 28.74 -42.76
CA LYS A 309 -79.93 29.56 -41.56
C LYS A 309 -80.60 28.77 -40.45
N THR A 310 -81.57 27.91 -40.78
CA THR A 310 -82.40 27.25 -39.78
C THR A 310 -82.10 25.77 -39.60
N LYS A 311 -81.21 25.19 -40.41
CA LYS A 311 -80.92 23.77 -40.34
C LYS A 311 -79.71 23.46 -39.47
N PHE A 312 -79.47 24.27 -38.44
CA PHE A 312 -78.33 24.10 -37.55
C PHE A 312 -78.82 23.67 -36.17
N THR A 313 -78.21 22.63 -35.62
CA THR A 313 -78.57 22.10 -34.32
C THR A 313 -77.31 21.71 -33.56
N TRP A 314 -77.45 21.59 -32.25
CA TRP A 314 -76.33 21.29 -31.36
C TRP A 314 -76.24 19.79 -31.15
N LYS A 315 -75.21 19.16 -31.75
CA LYS A 315 -74.89 17.79 -31.42
C LYS A 315 -74.45 17.66 -29.97
N ARG A 316 -73.63 18.61 -29.51
CA ARG A 316 -73.13 18.64 -28.14
C ARG A 316 -73.08 20.08 -27.68
N ALA A 317 -73.76 20.37 -26.57
CA ALA A 317 -73.87 21.75 -26.12
C ALA A 317 -72.50 22.30 -25.75
N PRO A 318 -72.30 23.61 -25.85
CA PRO A 318 -71.00 24.19 -25.48
C PRO A 318 -70.64 23.89 -24.04
N THR A 319 -69.37 23.58 -23.82
CA THR A 319 -68.86 23.32 -22.47
C THR A 319 -67.42 23.78 -22.41
N ASP A 320 -66.97 24.07 -21.19
CA ASP A 320 -65.57 24.45 -20.99
C ASP A 320 -64.66 23.25 -21.18
N SER A 321 -63.42 23.52 -21.58
CA SER A 321 -62.42 22.48 -21.78
C SER A 321 -61.22 22.65 -20.87
N GLY A 322 -61.31 23.47 -19.83
CA GLY A 322 -60.20 23.65 -18.93
C GLY A 322 -58.97 24.24 -19.55
N HIS A 323 -59.11 24.95 -20.68
CA HIS A 323 -57.98 25.58 -21.35
C HIS A 323 -58.32 26.98 -21.83
N ASP A 324 -59.20 27.67 -21.11
CA ASP A 324 -59.62 29.02 -21.47
C ASP A 324 -60.20 29.04 -22.89
N THR A 325 -61.00 28.03 -23.21
CA THR A 325 -61.66 27.95 -24.50
C THR A 325 -62.90 27.08 -24.36
N VAL A 326 -63.79 27.18 -25.36
CA VAL A 326 -65.09 26.51 -25.34
C VAL A 326 -65.19 25.62 -26.57
N VAL A 327 -65.61 24.38 -26.36
CA VAL A 327 -65.87 23.46 -27.45
C VAL A 327 -67.32 23.61 -27.88
N MET A 328 -67.63 23.13 -29.09
CA MET A 328 -69.00 23.24 -29.59
C MET A 328 -69.15 22.33 -30.80
N GLU A 329 -70.21 21.52 -30.81
CA GLU A 329 -70.48 20.58 -31.89
C GLU A 329 -71.86 20.86 -32.47
N VAL A 330 -71.98 20.75 -33.79
CA VAL A 330 -73.24 20.96 -34.48
C VAL A 330 -73.43 19.89 -35.55
N THR A 331 -74.68 19.70 -35.94
CA THR A 331 -75.05 18.87 -37.07
C THR A 331 -75.66 19.74 -38.15
N PHE A 332 -75.96 19.12 -39.29
CA PHE A 332 -76.55 19.83 -40.41
C PHE A 332 -77.50 18.91 -41.15
N SER A 333 -78.48 19.52 -41.83
CA SER A 333 -79.44 18.78 -42.64
C SER A 333 -79.67 19.36 -44.02
N GLY A 334 -79.09 20.51 -44.33
CA GLY A 334 -79.25 21.13 -45.63
C GLY A 334 -78.21 20.66 -46.63
N THR A 335 -78.10 21.42 -47.72
CA THR A 335 -77.13 21.09 -48.75
C THR A 335 -75.71 21.30 -48.23
N LYS A 336 -74.84 20.36 -48.54
CA LYS A 336 -73.44 20.39 -48.14
C LYS A 336 -72.55 20.08 -49.33
N PRO A 337 -71.28 20.51 -49.30
CA PRO A 337 -70.60 21.28 -48.25
C PRO A 337 -70.93 22.77 -48.26
N CYS A 338 -70.60 23.47 -47.18
CA CYS A 338 -70.82 24.91 -47.07
C CYS A 338 -70.14 25.40 -45.80
N ARG A 339 -69.68 26.65 -45.83
CA ARG A 339 -68.99 27.21 -44.68
C ARG A 339 -69.96 27.44 -43.53
N ILE A 340 -69.51 27.16 -42.32
CA ILE A 340 -70.34 27.30 -41.12
C ILE A 340 -70.40 28.77 -40.73
N PRO A 341 -71.58 29.39 -40.67
CA PRO A 341 -71.65 30.76 -40.16
C PRO A 341 -71.61 30.77 -38.64
N VAL A 342 -70.64 31.49 -38.09
CA VAL A 342 -70.45 31.56 -36.65
C VAL A 342 -70.04 32.98 -36.28
N ARG A 343 -70.58 33.47 -35.16
CA ARG A 343 -70.26 34.79 -34.67
C ARG A 343 -70.61 34.88 -33.20
N ALA A 344 -70.02 35.86 -32.52
CA ALA A 344 -70.28 36.08 -31.10
C ALA A 344 -70.38 37.57 -30.83
N VAL A 345 -71.35 37.94 -29.98
CA VAL A 345 -71.58 39.32 -29.61
C VAL A 345 -71.72 39.40 -28.10
N ALA A 346 -71.78 40.63 -27.59
CA ALA A 346 -71.92 40.90 -26.17
C ALA A 346 -73.29 41.48 -25.87
N HIS A 347 -73.93 40.96 -24.82
CA HIS A 347 -75.24 41.46 -24.44
C HIS A 347 -75.16 42.93 -24.08
N GLY A 348 -76.09 43.72 -24.62
CA GLY A 348 -76.04 45.16 -24.49
C GLY A 348 -75.21 45.84 -25.56
N SER A 349 -74.39 45.09 -26.28
CA SER A 349 -73.62 45.59 -27.43
C SER A 349 -73.80 44.59 -28.57
N PRO A 350 -75.01 44.49 -29.13
CA PRO A 350 -75.33 43.40 -30.06
C PRO A 350 -74.83 43.61 -31.48
N ASP A 351 -73.92 44.55 -31.72
CA ASP A 351 -73.38 44.79 -33.05
C ASP A 351 -71.86 44.75 -33.07
N VAL A 352 -71.25 44.00 -32.15
CA VAL A 352 -69.80 43.90 -32.03
C VAL A 352 -69.42 42.42 -32.01
N ASN A 353 -68.43 42.06 -32.80
CA ASN A 353 -67.97 40.68 -32.91
C ASN A 353 -66.83 40.44 -31.92
N VAL A 354 -66.94 39.37 -31.14
CA VAL A 354 -65.92 39.01 -30.16
C VAL A 354 -65.52 37.56 -30.34
N ALA A 355 -65.73 37.02 -31.53
CA ALA A 355 -65.43 35.63 -31.83
C ALA A 355 -64.07 35.54 -32.49
N MET A 356 -63.09 34.98 -31.79
CA MET A 356 -61.75 34.73 -32.33
C MET A 356 -61.60 33.22 -32.41
N LEU A 357 -62.04 32.64 -33.52
CA LEU A 357 -62.06 31.19 -33.66
C LEU A 357 -60.66 30.62 -33.62
N ILE A 358 -60.47 29.59 -32.79
CA ILE A 358 -59.23 28.83 -32.83
C ILE A 358 -59.15 28.02 -34.13
N THR A 359 -60.23 27.34 -34.47
CA THR A 359 -60.29 26.65 -35.75
C THR A 359 -60.52 27.65 -36.88
N PRO A 360 -59.78 27.55 -37.98
CA PRO A 360 -59.91 28.56 -39.04
C PRO A 360 -60.97 28.24 -40.07
N ASN A 361 -61.86 29.19 -40.33
CA ASN A 361 -62.88 29.04 -41.36
C ASN A 361 -63.60 27.72 -41.22
N PRO A 362 -64.43 27.54 -40.20
CA PRO A 362 -65.14 26.27 -40.03
C PRO A 362 -66.00 25.97 -41.24
N THR A 363 -66.07 24.68 -41.61
CA THR A 363 -66.76 24.25 -42.80
C THR A 363 -67.44 22.90 -42.53
N ILE A 364 -68.41 22.58 -43.37
CA ILE A 364 -69.12 21.30 -43.32
C ILE A 364 -68.68 20.49 -44.52
N GLU A 365 -68.14 19.30 -44.27
CA GLU A 365 -67.75 18.37 -45.31
C GLU A 365 -68.79 17.28 -45.45
N ASN A 366 -68.80 16.63 -46.62
CA ASN A 366 -69.73 15.53 -46.85
C ASN A 366 -69.57 14.46 -45.78
N ASN A 367 -68.34 14.19 -45.36
CA ASN A 367 -68.04 13.23 -44.29
C ASN A 367 -67.25 13.96 -43.21
N GLY A 368 -67.94 14.37 -42.16
CA GLY A 368 -67.32 15.11 -41.08
C GLY A 368 -67.56 16.61 -41.19
N GLY A 369 -67.37 17.30 -40.07
CA GLY A 369 -67.55 18.74 -40.02
C GLY A 369 -68.43 19.19 -38.87
N GLY A 370 -68.37 20.47 -38.54
CA GLY A 370 -69.19 21.06 -37.50
C GLY A 370 -68.47 21.34 -36.20
N PHE A 371 -67.28 20.79 -35.99
CA PHE A 371 -66.55 21.04 -34.76
C PHE A 371 -66.08 22.49 -34.72
N ILE A 372 -66.20 23.10 -33.54
CA ILE A 372 -65.84 24.50 -33.34
C ILE A 372 -65.09 24.63 -32.03
N GLU A 373 -63.99 25.37 -32.03
CA GLU A 373 -63.27 25.73 -30.82
C GLU A 373 -62.95 27.22 -30.89
N MET A 374 -63.16 27.92 -29.78
CA MET A 374 -62.99 29.36 -29.75
C MET A 374 -62.80 29.81 -28.31
N GLN A 375 -62.36 31.06 -28.16
CA GLN A 375 -62.20 31.68 -26.85
C GLN A 375 -62.94 33.00 -26.84
N LEU A 376 -63.67 33.27 -25.75
CA LEU A 376 -64.49 34.46 -25.62
C LEU A 376 -63.94 35.37 -24.52
N PRO A 377 -64.12 36.68 -24.65
CA PRO A 377 -63.72 37.58 -23.57
C PRO A 377 -64.58 37.33 -22.33
N PRO A 378 -64.01 37.47 -21.13
CA PRO A 378 -64.83 37.26 -19.92
C PRO A 378 -65.98 38.25 -19.85
N GLY A 379 -67.10 37.78 -19.29
CA GLY A 379 -68.29 38.60 -19.15
C GLY A 379 -69.42 38.12 -20.03
N ASP A 380 -70.10 39.04 -20.70
CA ASP A 380 -71.17 38.66 -21.61
C ASP A 380 -70.64 37.74 -22.70
N ASN A 381 -71.35 36.64 -22.92
CA ASN A 381 -70.94 35.65 -23.92
C ASN A 381 -72.20 35.10 -24.58
N ILE A 382 -72.34 35.40 -25.87
CA ILE A 382 -73.48 34.93 -26.67
C ILE A 382 -72.95 34.28 -27.93
N ILE A 383 -73.61 33.22 -28.38
CA ILE A 383 -73.22 32.47 -29.56
C ILE A 383 -74.34 32.55 -30.58
N TYR A 384 -74.00 32.94 -31.81
CA TYR A 384 -74.95 33.05 -32.92
C TYR A 384 -74.45 32.22 -34.08
N VAL A 385 -74.81 30.95 -34.10
CA VAL A 385 -74.61 30.06 -35.24
C VAL A 385 -75.99 29.81 -35.84
N GLY A 386 -76.20 30.28 -37.06
CA GLY A 386 -77.54 30.25 -37.62
C GLY A 386 -78.48 31.08 -36.78
N GLU A 387 -79.36 30.43 -36.03
CA GLU A 387 -80.22 31.11 -35.06
C GLU A 387 -80.11 30.54 -33.66
N LEU A 388 -79.24 29.55 -33.43
CA LEU A 388 -79.09 28.99 -32.10
C LEU A 388 -78.44 30.01 -31.17
N SER A 389 -78.89 30.03 -29.92
CA SER A 389 -78.39 30.97 -28.92
C SER A 389 -78.07 30.22 -27.64
N HIS A 390 -76.87 30.43 -27.11
CA HIS A 390 -76.41 29.80 -25.89
C HIS A 390 -75.91 30.86 -24.92
N GLN A 391 -76.16 30.65 -23.64
CA GLN A 391 -75.74 31.59 -22.61
C GLN A 391 -74.50 31.05 -21.90
N TRP A 392 -73.44 31.86 -21.88
CA TRP A 392 -72.19 31.48 -21.27
C TRP A 392 -71.66 32.65 -20.45
N PHE A 393 -70.85 32.34 -19.45
CA PHE A 393 -70.26 33.35 -18.57
C PHE A 393 -68.88 32.84 -18.14
N GLN A 394 -67.84 33.32 -18.82
CA GLN A 394 -66.50 32.83 -18.57
C GLN A 394 -65.85 33.63 -17.44
N LYS A 395 -65.19 32.92 -16.52
CA LYS A 395 -64.54 33.55 -15.39
C LYS A 395 -63.20 34.16 -15.80
N GLY A 396 -62.56 34.82 -14.84
CA GLY A 396 -61.27 35.44 -15.07
C GLY A 396 -61.39 36.85 -15.61
N SER A 397 -60.22 37.46 -15.80
CA SER A 397 -60.14 38.84 -16.30
C SER A 397 -59.04 38.92 -17.34
N SER A 398 -59.19 39.90 -18.24
CA SER A 398 -58.20 40.11 -19.29
C SER A 398 -56.82 40.35 -18.68
N ILE A 399 -56.77 41.04 -17.55
CA ILE A 399 -55.51 41.26 -16.83
C ILE A 399 -54.97 39.89 -16.42
N GLY A 400 -55.85 39.02 -15.94
CA GLY A 400 -55.43 37.68 -15.58
C GLY A 400 -54.86 36.92 -16.77
N ARG A 401 -55.51 37.06 -17.94
CA ARG A 401 -55.00 36.40 -19.13
C ARG A 401 -53.61 36.92 -19.51
N VAL A 402 -53.42 38.24 -19.43
CA VAL A 402 -52.12 38.82 -19.76
C VAL A 402 -51.05 38.31 -18.80
N PHE A 403 -51.37 38.30 -17.50
CA PHE A 403 -50.41 37.82 -16.52
C PHE A 403 -50.06 36.36 -16.75
N GLN A 404 -51.08 35.52 -17.00
CA GLN A 404 -50.82 34.10 -17.24
C GLN A 404 -49.98 33.89 -18.49
N LYS A 405 -50.28 34.64 -19.56
CA LYS A 405 -49.50 34.50 -20.78
C LYS A 405 -48.05 34.90 -20.55
N THR A 406 -47.83 36.00 -19.81
CA THR A 406 -46.46 36.43 -19.54
C THR A 406 -45.72 35.38 -18.71
N LYS A 407 -46.37 34.83 -17.69
CA LYS A 407 -45.73 33.81 -16.86
C LYS A 407 -45.40 32.58 -17.68
N LYS A 408 -46.33 32.13 -18.52
CA LYS A 408 -46.08 30.96 -19.35
C LYS A 408 -44.93 31.20 -20.32
N GLY A 409 -44.89 32.39 -20.93
CA GLY A 409 -43.80 32.70 -21.83
C GLY A 409 -42.45 32.72 -21.13
N ILE A 410 -42.40 33.31 -19.93
CA ILE A 410 -41.15 33.33 -19.17
C ILE A 410 -40.72 31.92 -18.83
N GLU A 411 -41.67 31.08 -18.38
CA GLU A 411 -41.33 29.70 -18.05
C GLU A 411 -40.82 28.95 -19.26
N ARG A 412 -41.46 29.14 -20.42
CA ARG A 412 -41.02 28.46 -21.63
C ARG A 412 -39.61 28.91 -22.02
N LEU A 413 -39.35 30.22 -21.94
CA LEU A 413 -38.00 30.71 -22.22
C LEU A 413 -36.99 30.14 -21.23
N THR A 414 -37.42 29.85 -20.00
CA THR A 414 -36.50 29.25 -19.03
C THR A 414 -36.13 27.83 -19.41
N VAL A 415 -37.07 27.07 -19.98
CA VAL A 415 -36.80 25.66 -20.27
C VAL A 415 -35.77 25.53 -21.39
N ILE A 416 -35.85 26.38 -22.40
CA ILE A 416 -34.99 26.28 -23.58
C ILE A 416 -33.84 27.29 -23.52
N GLY A 417 -33.46 27.74 -22.32
CA GLY A 417 -32.43 28.76 -22.21
C GLY A 417 -31.10 28.33 -22.79
N GLU A 418 -30.83 27.02 -22.81
CA GLU A 418 -29.54 26.54 -23.28
C GLU A 418 -29.29 26.95 -24.73
N HIS A 419 -30.30 26.78 -25.59
CA HIS A 419 -30.18 27.13 -27.00
C HIS A 419 -30.87 28.44 -27.35
N ALA A 420 -31.52 29.08 -26.38
CA ALA A 420 -32.20 30.36 -26.61
C ALA A 420 -31.27 31.56 -26.49
N TRP A 421 -30.00 31.34 -26.11
CA TRP A 421 -29.02 32.40 -26.00
C TRP A 421 -27.73 31.96 -26.67
N ASP A 422 -27.14 32.85 -27.47
CA ASP A 422 -25.89 32.59 -28.16
C ASP A 422 -24.91 33.69 -27.80
N PHE A 423 -23.73 33.30 -27.30
CA PHE A 423 -22.71 34.26 -26.89
C PHE A 423 -21.41 34.09 -27.69
N GLY A 424 -21.49 33.48 -28.88
CA GLY A 424 -20.31 33.31 -29.69
C GLY A 424 -19.72 34.64 -30.18
N SER A 425 -20.58 35.61 -30.47
CA SER A 425 -20.14 36.91 -30.96
C SER A 425 -21.12 37.97 -30.48
N ALA A 426 -21.02 39.16 -31.05
CA ALA A 426 -21.90 40.27 -30.69
C ALA A 426 -23.20 40.25 -31.48
N GLY A 427 -23.14 40.03 -32.80
CA GLY A 427 -24.37 39.93 -33.58
C GLY A 427 -25.23 38.77 -33.13
N GLY A 428 -24.62 37.62 -32.86
CA GLY A 428 -25.38 36.49 -32.34
C GLY A 428 -26.01 36.79 -30.98
N PHE A 429 -25.27 37.49 -30.12
CA PHE A 429 -25.83 37.87 -28.82
C PHE A 429 -27.02 38.80 -29.00
N LEU A 430 -26.92 39.77 -29.91
CA LEU A 430 -28.04 40.68 -30.16
C LEU A 430 -29.23 39.91 -30.71
N SER A 431 -29.00 38.97 -31.62
CA SER A 431 -30.09 38.18 -32.16
C SER A 431 -30.76 37.35 -31.07
N SER A 432 -29.96 36.74 -30.20
CA SER A 432 -30.53 35.95 -29.10
C SER A 432 -31.34 36.82 -28.15
N ILE A 433 -30.83 38.01 -27.83
CA ILE A 433 -31.57 38.91 -26.95
C ILE A 433 -32.88 39.32 -27.61
N GLY A 434 -32.85 39.65 -28.89
CA GLY A 434 -34.08 40.01 -29.58
C GLY A 434 -35.08 38.88 -29.61
N LYS A 435 -34.62 37.66 -29.88
CA LYS A 435 -35.52 36.51 -29.88
C LYS A 435 -36.14 36.29 -28.50
N ALA A 436 -35.33 36.41 -27.44
CA ALA A 436 -35.86 36.24 -26.10
C ALA A 436 -36.88 37.32 -25.77
N VAL A 437 -36.61 38.56 -26.15
CA VAL A 437 -37.56 39.64 -25.90
C VAL A 437 -38.86 39.40 -26.66
N HIS A 438 -38.75 38.96 -27.91
CA HIS A 438 -39.95 38.64 -28.69
C HIS A 438 -40.75 37.53 -28.03
N THR A 439 -40.07 36.48 -27.58
CA THR A 439 -40.78 35.39 -26.92
C THR A 439 -41.48 35.86 -25.66
N VAL A 440 -40.81 36.72 -24.87
CA VAL A 440 -41.41 37.20 -23.63
C VAL A 440 -42.62 38.08 -23.91
N LEU A 441 -42.51 38.99 -24.87
CA LEU A 441 -43.50 40.03 -25.08
C LEU A 441 -44.51 39.69 -26.18
N GLY A 442 -44.46 38.50 -26.76
CA GLY A 442 -45.41 38.16 -27.81
C GLY A 442 -46.84 38.19 -27.32
N GLY A 443 -47.09 37.57 -26.17
CA GLY A 443 -48.45 37.57 -25.63
C GLY A 443 -48.94 38.96 -25.32
N ALA A 444 -48.10 39.78 -24.68
CA ALA A 444 -48.49 41.13 -24.34
C ALA A 444 -48.80 41.94 -25.58
N PHE A 445 -47.93 41.86 -26.59
CA PHE A 445 -48.17 42.62 -27.82
C PHE A 445 -49.43 42.15 -28.53
N ASN A 446 -49.64 40.83 -28.61
CA ASN A 446 -50.82 40.32 -29.29
C ASN A 446 -52.10 40.73 -28.58
N SER A 447 -52.13 40.61 -27.25
CA SER A 447 -53.34 40.94 -26.50
C SER A 447 -53.61 42.44 -26.51
N ILE A 448 -52.59 43.25 -26.22
CA ILE A 448 -52.78 44.69 -26.15
C ILE A 448 -53.10 45.26 -27.53
N PHE A 449 -52.34 44.83 -28.55
CA PHE A 449 -52.47 45.37 -29.89
C PHE A 449 -53.39 44.45 -30.69
N GLY A 450 -54.60 44.93 -30.98
CA GLY A 450 -55.52 44.23 -31.85
C GLY A 450 -56.14 45.17 -32.87
N GLY A 451 -55.87 44.93 -34.15
CA GLY A 451 -56.33 45.84 -35.16
C GLY A 451 -55.73 47.23 -35.07
N VAL A 452 -54.65 47.39 -34.31
CA VAL A 452 -54.05 48.71 -34.12
C VAL A 452 -53.50 49.23 -35.44
N GLY A 453 -52.80 48.38 -36.18
CA GLY A 453 -52.18 48.78 -37.43
C GLY A 453 -50.81 49.41 -37.22
N PHE A 454 -50.14 49.66 -38.34
CA PHE A 454 -48.79 50.24 -38.27
C PHE A 454 -48.83 51.65 -37.72
N LEU A 455 -49.73 52.50 -38.24
CA LEU A 455 -49.79 53.88 -37.80
C LEU A 455 -50.13 54.01 -36.32
N PRO A 456 -51.17 53.36 -35.81
CA PRO A 456 -51.46 53.51 -34.36
C PRO A 456 -50.33 53.01 -33.48
N LYS A 457 -49.73 51.87 -33.82
CA LYS A 457 -48.62 51.35 -33.01
C LYS A 457 -47.43 52.29 -33.07
N LEU A 458 -47.13 52.83 -34.25
CA LEU A 458 -46.02 53.77 -34.37
C LEU A 458 -46.27 55.03 -33.55
N LEU A 459 -47.50 55.54 -33.58
CA LEU A 459 -47.82 56.72 -32.80
C LEU A 459 -47.71 56.44 -31.30
N LEU A 460 -48.19 55.27 -30.87
CA LEU A 460 -48.06 54.91 -29.46
C LEU A 460 -46.60 54.79 -29.05
N GLY A 461 -45.78 54.19 -29.90
CA GLY A 461 -44.35 54.09 -29.59
C GLY A 461 -43.68 55.46 -29.53
N VAL A 462 -44.07 56.36 -30.44
CA VAL A 462 -43.52 57.71 -30.42
C VAL A 462 -43.91 58.41 -29.12
N ALA A 463 -45.18 58.27 -28.71
CA ALA A 463 -45.61 58.89 -27.47
C ALA A 463 -44.85 58.32 -26.28
N LEU A 464 -44.65 57.00 -26.26
CA LEU A 464 -43.90 56.38 -25.18
C LEU A 464 -42.46 56.88 -25.15
N ALA A 465 -41.83 57.00 -26.32
CA ALA A 465 -40.47 57.52 -26.38
C ALA A 465 -40.40 58.96 -25.87
N TRP A 466 -41.36 59.79 -26.25
CA TRP A 466 -41.39 61.16 -25.76
C TRP A 466 -41.58 61.18 -24.25
N LEU A 467 -42.42 60.29 -23.72
CA LEU A 467 -42.58 60.21 -22.28
C LEU A 467 -41.26 59.81 -21.60
N GLY A 468 -40.52 58.88 -22.21
CA GLY A 468 -39.22 58.55 -21.68
C GLY A 468 -38.26 59.72 -21.67
N LEU A 469 -38.35 60.58 -22.69
CA LEU A 469 -37.52 61.77 -22.77
C LEU A 469 -38.09 62.95 -21.97
N ASN A 470 -39.28 62.81 -21.40
CA ASN A 470 -39.86 63.88 -20.62
C ASN A 470 -39.11 64.07 -19.30
N MET A 471 -39.19 65.28 -18.77
CA MET A 471 -38.50 65.60 -17.52
C MET A 471 -39.10 64.79 -16.38
N ARG A 472 -38.24 64.16 -15.59
CA ARG A 472 -38.67 63.34 -14.47
C ARG A 472 -37.41 62.86 -13.74
N ASN A 473 -37.64 62.12 -12.65
CA ASN A 473 -36.53 61.57 -11.87
C ASN A 473 -35.85 60.45 -12.63
N PRO A 474 -34.62 60.09 -12.24
CA PRO A 474 -33.90 59.03 -12.95
C PRO A 474 -34.62 57.69 -12.93
N THR A 475 -35.54 57.48 -11.98
CA THR A 475 -36.29 56.23 -11.95
C THR A 475 -37.24 56.09 -13.13
N MET A 476 -37.47 57.16 -13.90
CA MET A 476 -38.35 57.09 -15.05
C MET A 476 -37.78 56.28 -16.20
N SER A 477 -36.52 55.86 -16.11
CA SER A 477 -35.90 55.10 -17.20
C SER A 477 -36.66 53.81 -17.49
N MET A 478 -37.43 53.30 -16.53
CA MET A 478 -38.24 52.11 -16.80
C MET A 478 -39.28 52.40 -17.88
N SER A 479 -39.88 53.58 -17.85
CA SER A 479 -40.85 53.94 -18.88
C SER A 479 -40.19 54.01 -20.25
N PHE A 480 -38.99 54.58 -20.32
CA PHE A 480 -38.29 54.65 -21.60
C PHE A 480 -37.93 53.25 -22.09
N LEU A 481 -37.49 52.37 -21.19
CA LEU A 481 -37.18 51.00 -21.59
C LEU A 481 -38.43 50.28 -22.10
N LEU A 482 -39.56 50.49 -21.44
CA LEU A 482 -40.82 49.89 -21.89
C LEU A 482 -41.19 50.43 -23.28
N ALA A 483 -41.01 51.74 -23.49
CA ALA A 483 -41.29 52.32 -24.79
C ALA A 483 -40.42 51.68 -25.86
N GLY A 484 -39.12 51.52 -25.58
CA GLY A 484 -38.24 50.89 -26.54
C GLY A 484 -38.62 49.45 -26.83
N GLY A 485 -38.97 48.70 -25.78
CA GLY A 485 -39.39 47.32 -25.98
C GLY A 485 -40.65 47.22 -26.82
N LEU A 486 -41.63 48.09 -26.56
CA LEU A 486 -42.85 48.09 -27.35
C LEU A 486 -42.56 48.45 -28.80
N VAL A 487 -41.68 49.43 -29.02
CA VAL A 487 -41.33 49.82 -30.39
C VAL A 487 -40.66 48.66 -31.10
N LEU A 488 -39.73 47.97 -30.43
CA LEU A 488 -39.06 46.84 -31.04
C LEU A 488 -40.04 45.72 -31.37
N ALA A 489 -40.96 45.43 -30.44
CA ALA A 489 -41.95 44.39 -30.70
C ALA A 489 -42.83 44.75 -31.89
N MET A 490 -43.24 46.01 -31.98
CA MET A 490 -44.03 46.45 -33.12
C MET A 490 -43.24 46.33 -34.42
N THR A 491 -41.94 46.64 -34.40
CA THR A 491 -41.13 46.56 -35.60
C THR A 491 -41.06 45.13 -36.12
N LEU A 492 -40.89 44.16 -35.23
CA LEU A 492 -40.81 42.75 -35.62
C LEU A 492 -42.19 42.10 -35.61
N SER B 1 26.23 -7.55 58.73
CA SER B 1 25.00 -6.78 58.36
C SER B 1 24.60 -7.08 56.92
N ARG B 2 23.34 -7.45 56.73
CA ARG B 2 22.85 -7.80 55.39
C ARG B 2 22.72 -6.58 54.50
N CYS B 3 22.84 -5.37 55.05
CA CYS B 3 22.75 -4.16 54.24
C CYS B 3 24.08 -3.74 53.64
N THR B 4 25.18 -4.43 53.94
CA THR B 4 26.46 -4.09 53.35
C THR B 4 26.61 -4.65 51.94
N HIS B 5 25.51 -5.06 51.30
CA HIS B 5 25.55 -5.65 49.97
C HIS B 5 24.62 -4.96 48.99
N LEU B 6 23.42 -4.56 49.42
CA LEU B 6 22.46 -3.98 48.51
C LEU B 6 22.98 -2.67 47.91
N GLU B 7 22.65 -2.45 46.64
CA GLU B 7 23.13 -1.27 45.94
C GLU B 7 22.60 0.01 46.56
N ASN B 8 21.32 0.02 46.93
CA ASN B 8 20.67 1.20 47.52
C ASN B 8 20.46 0.94 49.01
N ARG B 9 21.01 1.82 49.83
CA ARG B 9 20.95 1.69 51.29
C ARG B 9 20.76 3.06 51.89
N ASP B 10 19.58 3.31 52.44
CA ASP B 10 19.27 4.58 53.06
C ASP B 10 19.75 4.60 54.51
N PHE B 11 20.36 5.71 54.91
CA PHE B 11 20.84 5.90 56.27
C PHE B 11 19.86 6.76 57.04
N VAL B 12 19.49 6.31 58.23
CA VAL B 12 18.62 7.06 59.13
C VAL B 12 19.29 7.12 60.49
N THR B 13 19.41 8.33 61.04
CA THR B 13 20.14 8.56 62.28
C THR B 13 19.17 8.80 63.42
N GLY B 14 19.45 8.19 64.57
CA GLY B 14 18.66 8.42 65.77
C GLY B 14 19.16 9.64 66.52
N THR B 15 18.38 10.72 66.48
CA THR B 15 18.79 11.97 67.10
C THR B 15 18.89 11.80 68.62
N GLN B 16 19.78 12.60 69.20
CA GLN B 16 20.00 12.51 70.64
C GLN B 16 18.70 12.74 71.39
N GLY B 17 18.46 11.90 72.40
CA GLY B 17 17.21 11.99 73.15
C GLY B 17 15.98 11.60 72.37
N THR B 18 16.13 10.77 71.34
CA THR B 18 15.03 10.35 70.49
C THR B 18 14.75 8.87 70.71
N THR B 19 13.46 8.53 70.72
CA THR B 19 13.03 7.14 70.88
C THR B 19 12.12 6.66 69.76
N ARG B 20 11.81 7.51 68.78
CA ARG B 20 10.98 7.12 67.65
C ARG B 20 11.64 7.60 66.37
N VAL B 21 11.45 6.81 65.30
CA VAL B 21 12.07 7.08 64.01
C VAL B 21 11.17 6.54 62.91
N THR B 22 10.82 7.39 61.96
CA THR B 22 10.00 6.96 60.82
C THR B 22 10.87 6.26 59.78
N LEU B 23 10.21 5.62 58.82
CA LEU B 23 10.90 4.84 57.81
C LEU B 23 10.09 4.81 56.53
N VAL B 24 10.78 4.50 55.43
CA VAL B 24 10.16 4.15 54.16
C VAL B 24 10.88 2.93 53.63
N LEU B 25 10.13 1.87 53.34
CA LEU B 25 10.69 0.59 52.95
C LEU B 25 10.10 0.17 51.61
N GLU B 26 10.96 -0.27 50.70
CA GLU B 26 10.55 -0.71 49.37
C GLU B 26 11.31 -1.97 49.01
N LEU B 27 10.79 -2.70 48.02
CA LEU B 27 11.42 -3.93 47.59
C LEU B 27 12.86 -3.67 47.16
N GLY B 28 13.75 -4.59 47.52
CA GLY B 28 15.15 -4.43 47.20
C GLY B 28 15.76 -3.20 47.82
N GLY B 29 15.44 -2.93 49.09
CA GLY B 29 15.98 -1.79 49.79
C GLY B 29 15.87 -1.94 51.29
N CYS B 30 16.91 -1.50 52.00
CA CYS B 30 16.97 -1.59 53.45
C CYS B 30 17.46 -0.28 54.03
N VAL B 31 17.11 -0.02 55.28
CA VAL B 31 17.51 1.19 55.98
C VAL B 31 18.19 0.79 57.28
N THR B 32 19.42 1.28 57.48
CA THR B 32 20.22 0.92 58.65
C THR B 32 19.93 1.90 59.78
N ILE B 33 19.05 1.51 60.69
CA ILE B 33 18.75 2.34 61.84
C ILE B 33 19.98 2.45 62.73
N THR B 34 20.32 3.67 63.13
CA THR B 34 21.39 3.90 64.07
C THR B 34 20.98 5.01 65.03
N ALA B 35 21.14 4.77 66.33
CA ALA B 35 20.80 5.73 67.35
C ALA B 35 21.91 5.80 68.37
N GLU B 36 22.04 6.96 69.00
CA GLU B 36 23.11 7.17 69.97
C GLU B 36 22.82 6.39 71.25
N GLY B 37 23.79 5.59 71.68
CA GLY B 37 23.63 4.80 72.88
C GLY B 37 22.80 3.55 72.72
N LYS B 38 22.40 3.19 71.50
CA LYS B 38 21.58 2.02 71.26
C LYS B 38 22.14 1.21 70.11
N PRO B 39 21.88 -0.10 70.07
CA PRO B 39 22.34 -0.91 68.95
C PRO B 39 21.68 -0.50 67.65
N SER B 40 22.40 -0.71 66.55
CA SER B 40 21.93 -0.35 65.22
C SER B 40 21.28 -1.56 64.56
N MET B 41 20.06 -1.37 64.07
CA MET B 41 19.28 -2.44 63.46
C MET B 41 19.35 -2.35 61.93
N ASP B 42 18.77 -3.35 61.29
CA ASP B 42 18.52 -3.35 59.85
C ASP B 42 17.05 -3.65 59.61
N VAL B 43 16.40 -2.85 58.78
CA VAL B 43 14.98 -2.99 58.49
C VAL B 43 14.79 -2.97 56.99
N TRP B 44 14.06 -3.94 56.47
CA TRP B 44 13.78 -4.01 55.04
C TRP B 44 12.56 -4.89 54.83
N LEU B 45 12.00 -4.80 53.63
CA LEU B 45 10.83 -5.58 53.23
C LEU B 45 11.30 -6.80 52.47
N ASP B 46 11.20 -7.98 53.10
CA ASP B 46 11.69 -9.19 52.47
C ASP B 46 10.93 -9.50 51.18
N ALA B 47 9.60 -9.52 51.26
CA ALA B 47 8.78 -9.80 50.09
C ALA B 47 7.31 -9.60 50.44
N ILE B 48 6.52 -9.25 49.44
CA ILE B 48 5.08 -9.07 49.57
C ILE B 48 4.41 -10.24 48.88
N TYR B 49 3.42 -10.85 49.56
CA TYR B 49 2.73 -11.99 48.99
C TYR B 49 1.30 -12.04 49.51
N GLN B 50 0.46 -12.77 48.79
CA GLN B 50 -0.86 -13.17 49.24
C GLN B 50 -0.94 -14.68 49.21
N GLU B 51 -1.78 -15.25 50.05
CA GLU B 51 -1.88 -16.70 50.19
C GLU B 51 -3.27 -17.18 49.79
N ASN B 52 -3.31 -18.17 48.90
CA ASN B 52 -4.54 -18.77 48.39
C ASN B 52 -5.50 -17.69 47.88
N PRO B 53 -5.11 -16.94 46.86
CA PRO B 53 -6.00 -15.91 46.32
C PRO B 53 -7.26 -16.51 45.72
N ALA B 54 -8.34 -15.74 45.76
CA ALA B 54 -9.62 -16.21 45.25
C ALA B 54 -9.53 -16.46 43.75
N LYS B 55 -10.29 -17.47 43.29
CA LYS B 55 -10.34 -17.83 41.88
C LYS B 55 -11.61 -17.24 41.27
N THR B 56 -11.45 -16.51 40.18
CA THR B 56 -12.56 -15.75 39.58
C THR B 56 -13.14 -16.42 38.34
N ARG B 57 -12.30 -16.97 37.47
CA ARG B 57 -12.78 -17.53 36.22
C ARG B 57 -11.68 -18.35 35.57
N GLU B 58 -11.98 -19.59 35.16
CA GLU B 58 -10.97 -20.49 34.61
C GLU B 58 -11.37 -20.89 33.20
N TYR B 59 -10.70 -20.31 32.20
CA TYR B 59 -10.82 -20.78 30.83
C TYR B 59 -10.07 -22.09 30.66
N CYS B 60 -10.50 -22.87 29.67
CA CYS B 60 -9.83 -24.12 29.34
C CYS B 60 -9.71 -24.24 27.83
N LEU B 61 -8.59 -24.82 27.39
CA LEU B 61 -8.14 -24.71 26.01
C LEU B 61 -8.49 -25.93 25.16
N HIS B 62 -8.11 -27.13 25.59
CA HIS B 62 -8.30 -28.34 24.79
C HIS B 62 -9.65 -28.95 25.13
N ALA B 63 -10.65 -28.69 24.29
CA ALA B 63 -11.96 -29.29 24.48
C ALA B 63 -11.90 -30.78 24.19
N LYS B 64 -12.69 -31.55 24.93
CA LYS B 64 -12.74 -33.00 24.81
C LYS B 64 -14.18 -33.41 24.57
N LEU B 65 -14.53 -33.72 23.32
CA LEU B 65 -15.85 -34.16 22.96
C LEU B 65 -16.06 -35.60 23.41
N SER B 66 -17.32 -36.03 23.45
CA SER B 66 -17.62 -37.41 23.78
C SER B 66 -19.10 -37.68 23.60
N ASP B 67 -19.42 -38.91 23.18
CA ASP B 67 -20.79 -39.38 23.10
C ASP B 67 -21.66 -38.50 22.21
N THR B 68 -21.16 -38.16 21.03
CA THR B 68 -21.96 -37.38 20.09
C THR B 68 -23.08 -38.25 19.52
N LYS B 69 -24.03 -37.59 18.87
CA LYS B 69 -25.22 -38.27 18.36
C LYS B 69 -25.88 -37.38 17.32
N VAL B 70 -26.74 -37.99 16.51
CA VAL B 70 -27.56 -37.27 15.54
C VAL B 70 -28.96 -37.87 15.56
N ALA B 71 -29.86 -37.25 14.78
CA ALA B 71 -31.21 -37.76 14.63
C ALA B 71 -31.91 -36.94 13.56
N ALA B 72 -32.74 -37.60 12.75
CA ALA B 72 -33.45 -36.93 11.68
C ALA B 72 -34.74 -37.68 11.39
N ARG B 73 -35.67 -36.97 10.76
CA ARG B 73 -36.99 -37.52 10.43
C ARG B 73 -37.37 -37.10 9.02
N CYS B 74 -38.28 -37.86 8.42
CA CYS B 74 -38.66 -37.60 7.04
C CYS B 74 -39.32 -36.23 6.93
N PRO B 75 -39.31 -35.63 5.75
CA PRO B 75 -39.82 -34.26 5.62
C PRO B 75 -41.30 -34.18 5.96
N THR B 76 -41.69 -33.05 6.53
CA THR B 76 -43.08 -32.81 6.91
C THR B 76 -43.60 -33.91 7.82
N MET B 77 -42.77 -34.31 8.79
CA MET B 77 -43.17 -35.31 9.76
C MET B 77 -42.78 -34.91 11.18
N GLY B 78 -42.58 -33.62 11.43
CA GLY B 78 -42.29 -33.14 12.77
C GLY B 78 -40.80 -33.00 13.02
N PRO B 79 -40.42 -32.02 13.84
CA PRO B 79 -39.00 -31.82 14.13
C PRO B 79 -38.44 -32.95 14.97
N ALA B 80 -37.13 -33.18 14.84
CA ALA B 80 -36.45 -34.21 15.59
C ALA B 80 -35.90 -33.64 16.89
N THR B 81 -35.86 -34.50 17.91
CA THR B 81 -35.36 -34.12 19.23
C THR B 81 -34.33 -35.13 19.68
N LEU B 82 -33.71 -34.85 20.83
CA LEU B 82 -32.69 -35.73 21.40
C LEU B 82 -32.74 -35.65 22.92
N ALA B 83 -32.48 -36.79 23.56
CA ALA B 83 -32.48 -36.82 25.02
C ALA B 83 -31.39 -35.92 25.59
N GLU B 84 -30.29 -35.74 24.87
CA GLU B 84 -29.19 -34.92 25.33
C GLU B 84 -29.33 -33.46 24.90
N GLU B 85 -30.42 -33.11 24.21
CA GLU B 85 -30.55 -31.75 23.70
C GLU B 85 -30.74 -30.74 24.82
N HIS B 86 -31.54 -31.08 25.83
CA HIS B 86 -31.92 -30.13 26.87
C HIS B 86 -31.10 -30.29 28.15
N GLN B 87 -30.14 -31.20 28.19
CA GLN B 87 -29.34 -31.40 29.38
C GLN B 87 -28.20 -30.37 29.42
N GLY B 88 -27.44 -30.40 30.52
CA GLY B 88 -26.32 -29.49 30.68
C GLY B 88 -25.03 -30.06 30.10
N GLY B 89 -24.04 -29.19 29.98
CA GLY B 89 -22.77 -29.61 29.43
C GLY B 89 -22.87 -30.13 28.02
N THR B 90 -23.62 -29.42 27.16
CA THR B 90 -23.86 -29.88 25.80
C THR B 90 -23.83 -28.67 24.87
N VAL B 91 -23.59 -28.96 23.58
CA VAL B 91 -23.54 -27.94 22.54
C VAL B 91 -24.31 -28.49 21.34
N CYS B 92 -25.56 -28.06 21.18
CA CYS B 92 -26.43 -28.61 20.16
C CYS B 92 -26.78 -27.57 19.11
N LYS B 93 -26.82 -28.02 17.86
CA LYS B 93 -27.16 -27.20 16.70
C LYS B 93 -28.21 -27.93 15.88
N ARG B 94 -29.17 -27.17 15.34
CA ARG B 94 -30.21 -27.70 14.48
C ARG B 94 -29.94 -27.30 13.04
N ASP B 95 -30.55 -28.04 12.11
CA ASP B 95 -30.36 -27.78 10.68
C ASP B 95 -31.31 -28.67 9.91
N GLN B 96 -31.39 -28.40 8.60
CA GLN B 96 -32.20 -29.18 7.68
C GLN B 96 -31.29 -29.84 6.65
N SER B 97 -31.72 -31.01 6.18
CA SER B 97 -30.93 -31.80 5.23
C SER B 97 -31.81 -32.30 4.10
N ASP B 98 -31.20 -32.48 2.93
CA ASP B 98 -31.93 -32.97 1.78
C ASP B 98 -32.42 -34.40 2.03
N ARG B 99 -33.34 -34.85 1.16
CA ARG B 99 -33.87 -36.19 1.26
C ARG B 99 -34.46 -36.59 -0.09
N GLY B 100 -34.64 -37.89 -0.28
CA GLY B 100 -35.15 -38.39 -1.53
C GLY B 100 -35.41 -39.89 -1.53
N TRP B 101 -35.19 -40.55 -2.66
CA TRP B 101 -35.44 -41.98 -2.76
C TRP B 101 -34.54 -42.78 -1.83
N GLY B 102 -33.27 -42.42 -1.75
CA GLY B 102 -32.33 -43.18 -0.95
C GLY B 102 -32.43 -42.95 0.54
N ASN B 103 -33.29 -42.04 0.98
CA ASN B 103 -33.51 -41.79 2.39
C ASN B 103 -34.79 -42.43 2.91
N HIS B 104 -35.48 -43.22 2.10
CA HIS B 104 -36.70 -43.90 2.50
C HIS B 104 -37.74 -42.91 3.02
N CYS B 105 -37.88 -41.80 2.31
CA CYS B 105 -38.96 -40.84 2.55
C CYS B 105 -39.67 -40.59 1.23
N GLY B 106 -41.01 -40.57 1.27
CA GLY B 106 -41.76 -40.57 0.03
C GLY B 106 -41.47 -39.35 -0.85
N LEU B 107 -41.75 -38.16 -0.34
CA LEU B 107 -41.67 -36.94 -1.13
C LEU B 107 -40.26 -36.36 -1.09
N PHE B 108 -39.90 -35.67 -2.16
CA PHE B 108 -38.56 -35.10 -2.30
C PHE B 108 -38.47 -33.76 -1.59
N GLY B 109 -38.74 -33.75 -0.29
CA GLY B 109 -38.68 -32.54 0.50
C GLY B 109 -37.34 -32.36 1.18
N LYS B 110 -37.37 -31.80 2.39
CA LYS B 110 -36.17 -31.67 3.20
C LYS B 110 -36.59 -31.60 4.66
N GLY B 111 -36.32 -32.66 5.41
CA GLY B 111 -36.74 -32.78 6.78
C GLY B 111 -35.77 -32.11 7.74
N SER B 112 -35.93 -32.44 9.01
CA SER B 112 -35.14 -31.85 10.09
C SER B 112 -34.10 -32.84 10.57
N ILE B 113 -32.93 -32.33 10.96
CA ILE B 113 -31.84 -33.13 11.50
C ILE B 113 -31.25 -32.40 12.69
N VAL B 114 -30.95 -33.14 13.76
CA VAL B 114 -30.37 -32.59 14.97
C VAL B 114 -29.16 -33.42 15.35
N ALA B 115 -28.09 -32.76 15.79
CA ALA B 115 -26.85 -33.43 16.11
C ALA B 115 -26.14 -32.67 17.21
N CYS B 116 -25.79 -33.35 18.30
CA CYS B 116 -25.02 -32.68 19.32
C CYS B 116 -24.40 -33.68 20.29
N VAL B 117 -23.53 -33.14 21.14
CA VAL B 117 -22.51 -33.93 21.81
C VAL B 117 -22.14 -33.28 23.14
N LYS B 118 -21.75 -34.11 24.11
CA LYS B 118 -21.25 -33.59 25.38
C LYS B 118 -19.95 -32.83 25.16
N ALA B 119 -19.70 -31.85 26.03
CA ALA B 119 -18.51 -30.99 25.92
C ALA B 119 -17.97 -30.73 27.32
N ALA B 120 -17.02 -31.55 27.76
CA ALA B 120 -16.26 -31.30 28.97
C ALA B 120 -14.78 -31.34 28.60
N CYS B 121 -14.08 -30.24 28.79
CA CYS B 121 -12.77 -30.08 28.18
C CYS B 121 -11.71 -30.85 28.96
N GLU B 122 -10.59 -31.08 28.28
CA GLU B 122 -9.57 -32.02 28.74
C GLU B 122 -8.96 -31.57 30.06
N ALA B 123 -8.61 -32.55 30.90
CA ALA B 123 -7.97 -32.26 32.17
C ALA B 123 -6.52 -31.84 31.96
N LYS B 124 -6.00 -31.08 32.93
CA LYS B 124 -4.64 -30.57 32.87
C LYS B 124 -4.43 -29.64 31.67
N LYS B 125 -5.49 -28.97 31.24
CA LYS B 125 -5.40 -28.01 30.16
C LYS B 125 -6.24 -26.77 30.44
N LYS B 126 -6.39 -26.41 31.71
CA LYS B 126 -7.19 -25.28 32.12
C LYS B 126 -6.30 -24.07 32.39
N ALA B 127 -6.81 -22.88 32.10
CA ALA B 127 -6.12 -21.63 32.35
C ALA B 127 -6.90 -20.88 33.43
N THR B 128 -6.57 -21.18 34.69
CA THR B 128 -7.25 -20.54 35.82
C THR B 128 -6.82 -19.08 35.93
N GLY B 129 -7.60 -18.33 36.70
CA GLY B 129 -7.28 -16.94 36.95
C GLY B 129 -7.64 -16.50 38.36
N HIS B 130 -6.72 -15.82 39.04
CA HIS B 130 -6.95 -15.33 40.38
C HIS B 130 -6.79 -13.81 40.43
N VAL B 131 -7.46 -13.19 41.39
CA VAL B 131 -7.39 -11.75 41.60
C VAL B 131 -7.02 -11.50 43.05
N TYR B 132 -6.08 -10.57 43.26
CA TYR B 132 -5.62 -10.27 44.60
C TYR B 132 -6.73 -9.65 45.44
N ASP B 133 -6.67 -9.89 46.74
CA ASP B 133 -7.60 -9.31 47.71
C ASP B 133 -6.82 -8.26 48.49
N ALA B 134 -7.21 -6.99 48.33
CA ALA B 134 -6.39 -5.90 48.85
C ALA B 134 -6.20 -6.00 50.36
N ASN B 135 -7.28 -6.25 51.09
CA ASN B 135 -7.22 -6.24 52.55
C ASN B 135 -6.51 -7.47 53.13
N LYS B 136 -6.33 -8.53 52.34
CA LYS B 136 -5.69 -9.74 52.83
C LYS B 136 -4.22 -9.85 52.44
N ILE B 137 -3.68 -8.87 51.72
CA ILE B 137 -2.27 -8.92 51.33
C ILE B 137 -1.41 -8.86 52.59
N VAL B 138 -0.38 -9.69 52.62
CA VAL B 138 0.51 -9.80 53.77
C VAL B 138 1.87 -9.22 53.39
N TYR B 139 2.34 -8.27 54.19
CA TYR B 139 3.66 -7.66 54.02
C TYR B 139 4.60 -8.22 55.07
N THR B 140 5.78 -8.64 54.64
CA THR B 140 6.79 -9.20 55.54
C THR B 140 7.91 -8.19 55.72
N VAL B 141 8.19 -7.84 56.98
CA VAL B 141 9.32 -6.99 57.33
C VAL B 141 10.17 -7.76 58.33
N LYS B 142 11.46 -7.87 58.04
CA LYS B 142 12.40 -8.62 58.86
C LYS B 142 13.48 -7.67 59.38
N VAL B 143 13.72 -7.71 60.68
CA VAL B 143 14.66 -6.81 61.34
C VAL B 143 15.83 -7.63 61.85
N GLU B 144 17.05 -7.19 61.55
CA GLU B 144 18.26 -7.85 61.97
C GLU B 144 19.11 -6.91 62.81
N PRO B 145 19.69 -7.39 63.92
CA PRO B 145 20.57 -6.53 64.71
C PRO B 145 22.00 -6.57 64.21
N HIS B 146 22.78 -5.59 64.67
CA HIS B 146 24.19 -5.50 64.33
C HIS B 146 25.01 -6.31 65.32
N THR B 147 25.81 -7.24 64.81
CA THR B 147 26.73 -8.02 65.61
C THR B 147 28.08 -8.06 64.90
N GLY B 148 29.14 -8.22 65.67
CA GLY B 148 30.48 -8.20 65.13
C GLY B 148 30.76 -9.32 64.14
N ASP B 149 29.81 -10.22 63.96
CA ASP B 149 29.97 -11.35 63.06
C ASP B 149 29.74 -10.92 61.62
N TYR B 150 30.73 -11.14 60.77
CA TYR B 150 30.59 -10.87 59.35
C TYR B 150 29.58 -11.83 58.74
N VAL B 151 28.77 -11.33 57.81
CA VAL B 151 27.72 -12.12 57.17
C VAL B 151 27.91 -12.05 55.66
N ALA B 152 27.90 -13.21 55.02
CA ALA B 152 28.04 -13.27 53.58
C ALA B 152 26.76 -12.77 52.91
N ALA B 153 26.87 -12.46 51.61
CA ALA B 153 25.73 -11.93 50.87
C ALA B 153 24.58 -12.91 50.79
N ASN B 154 24.84 -14.21 50.95
CA ASN B 154 23.83 -15.25 50.84
C ASN B 154 23.88 -16.18 52.05
N GLU B 155 23.95 -15.59 53.24
CA GLU B 155 23.91 -16.34 54.49
C GLU B 155 22.92 -15.67 55.43
N THR B 156 22.24 -16.48 56.25
CA THR B 156 21.21 -15.99 57.15
C THR B 156 21.78 -15.82 58.55
N HIS B 157 21.74 -14.60 59.07
CA HIS B 157 22.15 -14.36 60.44
C HIS B 157 21.18 -15.06 61.38
N SER B 158 21.73 -15.71 62.42
CA SER B 158 20.89 -16.49 63.31
C SER B 158 19.86 -15.64 64.04
N GLY B 159 20.16 -14.36 64.26
CA GLY B 159 19.29 -13.47 64.99
C GLY B 159 18.21 -12.80 64.17
N ARG B 160 18.10 -13.10 62.89
CA ARG B 160 17.07 -12.49 62.06
C ARG B 160 15.69 -12.81 62.64
N LYS B 161 14.83 -11.79 62.67
CA LYS B 161 13.46 -11.93 63.16
C LYS B 161 12.50 -11.41 62.11
N THR B 162 11.31 -12.01 62.06
CA THR B 162 10.31 -11.72 61.04
C THR B 162 9.09 -11.08 61.69
N ALA B 163 8.28 -10.44 60.84
CA ALA B 163 7.04 -9.81 61.29
C ALA B 163 6.11 -9.67 60.10
N SER B 164 4.83 -9.96 60.33
CA SER B 164 3.80 -9.82 59.31
C SER B 164 3.03 -8.52 59.52
N PHE B 165 2.54 -7.96 58.42
CA PHE B 165 1.83 -6.68 58.46
C PHE B 165 0.74 -6.68 57.41
N THR B 166 -0.48 -6.38 57.84
CA THR B 166 -1.64 -6.25 56.96
C THR B 166 -2.30 -4.89 57.20
N ILE B 167 -3.36 -4.63 56.45
CA ILE B 167 -4.07 -3.36 56.61
C ILE B 167 -4.66 -3.25 58.01
N SER B 168 -5.26 -4.34 58.51
CA SER B 168 -5.92 -4.31 59.80
C SER B 168 -4.91 -4.31 60.94
N SER B 169 -4.08 -5.34 61.02
CA SER B 169 -3.07 -5.40 62.07
C SER B 169 -2.12 -4.23 61.93
N GLU B 170 -1.91 -3.50 63.04
CA GLU B 170 -1.13 -2.28 63.02
C GLU B 170 0.14 -2.37 63.85
N LYS B 171 0.04 -2.69 65.14
CA LYS B 171 1.15 -2.58 66.07
C LYS B 171 1.62 -3.97 66.50
N THR B 172 2.92 -4.21 66.39
CA THR B 172 3.52 -5.46 66.81
C THR B 172 4.92 -5.18 67.32
N ILE B 173 5.31 -5.89 68.39
CA ILE B 173 6.62 -5.70 69.01
C ILE B 173 7.37 -7.03 68.95
N LEU B 174 8.65 -6.93 68.60
CA LEU B 174 9.51 -8.08 68.43
C LEU B 174 10.48 -8.19 69.61
N THR B 175 11.11 -9.36 69.73
CA THR B 175 12.15 -9.61 70.71
C THR B 175 13.37 -10.16 69.99
N MET B 176 14.55 -9.73 70.44
CA MET B 176 15.80 -10.04 69.76
C MET B 176 16.84 -10.58 70.74
N GLY B 177 16.42 -11.48 71.63
CA GLY B 177 17.35 -12.09 72.57
C GLY B 177 17.72 -11.18 73.70
N GLU B 178 18.95 -10.66 73.68
CA GLU B 178 19.44 -9.78 74.73
C GLU B 178 19.32 -8.30 74.37
N TYR B 179 19.30 -7.96 73.09
CA TYR B 179 19.32 -6.56 72.69
C TYR B 179 18.09 -5.83 73.22
N GLY B 180 16.92 -6.44 73.08
CA GLY B 180 15.70 -5.83 73.57
C GLY B 180 14.51 -6.04 72.65
N ASP B 181 13.68 -5.01 72.51
CA ASP B 181 12.47 -5.09 71.72
C ASP B 181 12.36 -3.87 70.81
N VAL B 182 11.88 -4.10 69.59
CA VAL B 182 11.66 -3.03 68.62
C VAL B 182 10.16 -2.97 68.36
N SER B 183 9.56 -1.81 68.60
CA SER B 183 8.13 -1.62 68.43
C SER B 183 7.86 -1.18 66.99
N LEU B 184 7.35 -2.10 66.18
CA LEU B 184 7.01 -1.82 64.79
C LEU B 184 5.53 -1.49 64.68
N LEU B 185 5.23 -0.36 64.03
CA LEU B 185 3.86 0.07 63.79
C LEU B 185 3.83 0.67 62.39
N CYS B 186 3.33 -0.08 61.42
CA CYS B 186 3.48 0.26 60.02
C CYS B 186 2.12 0.47 59.37
N ARG B 187 2.10 1.30 58.32
CA ARG B 187 0.96 1.47 57.44
C ARG B 187 1.40 1.06 56.04
N VAL B 188 0.58 0.26 55.37
CA VAL B 188 0.95 -0.38 54.11
C VAL B 188 0.20 0.27 52.96
N ALA B 189 0.57 -0.11 51.74
CA ALA B 189 -0.07 0.39 50.53
C ALA B 189 0.30 -0.55 49.39
N SER B 190 -0.17 -0.21 48.19
CA SER B 190 0.14 -1.02 47.00
C SER B 190 -0.06 -0.14 45.78
N GLY B 191 1.04 0.18 45.09
CA GLY B 191 0.95 1.04 43.93
C GLY B 191 0.20 0.40 42.78
N VAL B 192 0.48 -0.87 42.48
CA VAL B 192 -0.16 -1.54 41.37
C VAL B 192 -1.66 -1.60 41.61
N ASP B 193 -2.44 -1.23 40.59
CA ASP B 193 -3.89 -1.23 40.69
C ASP B 193 -4.38 -2.66 40.77
N LEU B 194 -4.69 -3.12 41.98
CA LEU B 194 -5.09 -4.52 42.16
C LEU B 194 -6.35 -4.84 41.37
N ALA B 195 -7.23 -3.86 41.16
CA ALA B 195 -8.44 -4.09 40.39
C ALA B 195 -8.14 -4.28 38.90
N GLN B 196 -6.97 -3.88 38.43
CA GLN B 196 -6.59 -3.95 37.03
C GLN B 196 -5.40 -4.88 36.84
N THR B 197 -5.39 -6.02 37.54
CA THR B 197 -4.33 -7.00 37.38
C THR B 197 -4.84 -8.34 37.86
N VAL B 198 -5.00 -9.28 36.93
CA VAL B 198 -5.48 -10.63 37.23
C VAL B 198 -4.39 -11.61 36.83
N ILE B 199 -3.97 -12.44 37.77
CA ILE B 199 -2.87 -13.38 37.54
C ILE B 199 -3.41 -14.61 36.84
N LEU B 200 -2.82 -14.96 35.71
CA LEU B 200 -3.24 -16.07 34.87
C LEU B 200 -2.20 -17.18 34.97
N GLU B 201 -2.63 -18.36 35.37
CA GLU B 201 -1.74 -19.51 35.47
C GLU B 201 -2.44 -20.74 34.92
N LEU B 202 -1.81 -21.39 33.94
CA LEU B 202 -2.30 -22.64 33.40
C LEU B 202 -1.78 -23.80 34.22
N ASP B 203 -2.54 -24.90 34.21
CA ASP B 203 -2.28 -26.01 35.12
C ASP B 203 -0.82 -26.45 35.06
N LYS B 204 -0.36 -27.02 36.16
CA LYS B 204 1.05 -27.32 36.34
C LYS B 204 1.56 -28.22 35.22
N THR B 205 2.74 -27.90 34.70
CA THR B 205 3.36 -28.69 33.65
C THR B 205 4.87 -28.50 33.73
N VAL B 206 5.61 -29.55 33.35
CA VAL B 206 7.07 -29.50 33.44
C VAL B 206 7.66 -28.82 32.21
N GLU B 207 7.22 -29.23 31.01
CA GLU B 207 7.77 -28.66 29.79
C GLU B 207 7.44 -27.18 29.68
N HIS B 208 6.20 -26.80 30.00
CA HIS B 208 5.75 -25.42 29.80
C HIS B 208 6.34 -24.53 30.88
N LEU B 209 7.30 -23.69 30.50
CA LEU B 209 7.88 -22.70 31.40
C LEU B 209 7.99 -21.40 30.60
N PRO B 210 7.49 -20.28 31.13
CA PRO B 210 6.86 -20.08 32.44
C PRO B 210 5.41 -20.55 32.46
N THR B 211 4.80 -20.62 33.65
CA THR B 211 3.41 -21.04 33.80
C THR B 211 2.62 -20.03 34.63
N ALA B 212 2.89 -18.74 34.44
CA ALA B 212 2.17 -17.71 35.15
C ALA B 212 2.46 -16.37 34.48
N TRP B 213 1.53 -15.43 34.63
CA TRP B 213 1.67 -14.11 34.02
C TRP B 213 0.80 -13.13 34.80
N GLN B 214 1.00 -11.85 34.53
CA GLN B 214 0.13 -10.78 35.02
C GLN B 214 -0.43 -10.06 33.81
N VAL B 215 -1.75 -10.05 33.67
CA VAL B 215 -2.40 -9.52 32.48
C VAL B 215 -3.52 -8.56 32.89
N HIS B 216 -3.82 -7.61 32.01
CA HIS B 216 -4.86 -6.63 32.28
C HIS B 216 -6.21 -7.31 32.35
N ARG B 217 -7.05 -6.85 33.28
CA ARG B 217 -8.37 -7.47 33.44
C ARG B 217 -9.21 -7.30 32.18
N ASP B 218 -9.15 -6.12 31.56
CA ASP B 218 -9.95 -5.86 30.36
C ASP B 218 -9.52 -6.73 29.18
N TRP B 219 -8.42 -7.47 29.31
CA TRP B 219 -8.01 -8.44 28.31
C TRP B 219 -8.34 -9.86 28.71
N PHE B 220 -8.08 -10.25 29.96
CA PHE B 220 -8.40 -11.59 30.41
C PHE B 220 -9.90 -11.83 30.52
N ASN B 221 -10.69 -10.77 30.58
CA ASN B 221 -12.14 -10.92 30.70
C ASN B 221 -12.83 -11.09 29.36
N ASP B 222 -12.11 -11.01 28.25
CA ASP B 222 -12.69 -11.13 26.91
C ASP B 222 -11.85 -12.07 26.06
N LEU B 223 -11.51 -13.23 26.60
CA LEU B 223 -10.84 -14.26 25.81
C LEU B 223 -11.89 -15.12 25.13
N ALA B 224 -11.71 -15.37 23.83
CA ALA B 224 -12.67 -16.11 23.03
C ALA B 224 -12.50 -17.62 23.25
N LEU B 225 -12.84 -18.05 24.46
CA LEU B 225 -12.73 -19.45 24.85
C LEU B 225 -13.88 -19.81 25.79
N PRO B 226 -14.13 -21.09 26.03
CA PRO B 226 -15.12 -21.46 27.04
C PRO B 226 -14.70 -21.01 28.42
N TRP B 227 -15.68 -20.71 29.27
CA TRP B 227 -15.41 -20.21 30.60
C TRP B 227 -16.48 -20.66 31.56
N LYS B 228 -16.07 -20.97 32.79
CA LYS B 228 -16.97 -21.32 33.88
C LYS B 228 -16.46 -20.69 35.15
N HIS B 229 -17.12 -21.01 36.27
CA HIS B 229 -16.69 -20.58 37.60
C HIS B 229 -16.35 -21.82 38.43
N GLU B 230 -15.40 -21.65 39.34
CA GLU B 230 -14.96 -22.78 40.14
C GLU B 230 -16.14 -23.41 40.87
N GLY B 231 -16.21 -24.74 40.83
CA GLY B 231 -17.29 -25.47 41.46
C GLY B 231 -18.46 -25.79 40.55
N ALA B 232 -18.32 -25.62 39.24
CA ALA B 232 -19.38 -25.90 38.28
C ALA B 232 -18.93 -27.03 37.37
N GLN B 233 -19.85 -27.95 37.07
CA GLN B 233 -19.51 -29.11 36.24
C GLN B 233 -19.61 -28.77 34.76
N ASN B 234 -20.65 -28.06 34.36
CA ASN B 234 -20.86 -27.73 32.96
C ASN B 234 -20.08 -26.48 32.58
N TRP B 235 -19.88 -26.29 31.28
CA TRP B 235 -19.10 -25.18 30.75
C TRP B 235 -19.99 -24.29 29.91
N ASN B 236 -19.94 -22.99 30.16
CA ASN B 236 -20.74 -22.03 29.40
C ASN B 236 -20.06 -21.70 28.08
N ASN B 237 -20.87 -21.52 27.05
CA ASN B 237 -20.38 -21.17 25.71
C ASN B 237 -19.27 -22.11 25.28
N ALA B 238 -19.51 -23.41 25.42
CA ALA B 238 -18.59 -24.41 24.89
C ALA B 238 -18.61 -24.48 23.38
N GLU B 239 -19.55 -23.80 22.72
CA GLU B 239 -19.66 -23.83 21.27
C GLU B 239 -18.48 -23.16 20.57
N ARG B 240 -17.65 -22.42 21.30
CA ARG B 240 -16.50 -21.77 20.69
C ARG B 240 -15.39 -22.75 20.32
N LEU B 241 -15.49 -24.01 20.74
CA LEU B 241 -14.47 -25.01 20.47
C LEU B 241 -15.07 -26.25 19.80
N VAL B 242 -16.05 -26.05 18.92
CA VAL B 242 -16.61 -27.14 18.12
C VAL B 242 -17.12 -26.55 16.82
N GLU B 243 -16.79 -27.21 15.70
CA GLU B 243 -17.21 -26.79 14.38
C GLU B 243 -18.09 -27.89 13.79
N PHE B 244 -19.30 -27.52 13.36
CA PHE B 244 -20.27 -28.47 12.83
C PHE B 244 -20.17 -28.49 11.31
N GLY B 245 -20.05 -29.69 10.75
CA GLY B 245 -19.94 -29.84 9.32
C GLY B 245 -21.30 -29.81 8.63
N ALA B 246 -21.25 -29.88 7.30
CA ALA B 246 -22.47 -29.85 6.52
C ALA B 246 -23.23 -31.17 6.69
N PRO B 247 -24.56 -31.15 6.63
CA PRO B 247 -25.33 -32.38 6.81
C PRO B 247 -25.38 -33.24 5.56
N HIS B 248 -25.12 -34.54 5.70
CA HIS B 248 -25.34 -35.52 4.64
C HIS B 248 -26.52 -36.38 5.06
N ALA B 249 -27.73 -35.97 4.68
CA ALA B 249 -28.91 -36.75 4.98
C ALA B 249 -29.06 -36.96 6.48
N VAL B 250 -28.56 -38.08 7.00
CA VAL B 250 -28.78 -38.43 8.41
C VAL B 250 -27.61 -38.06 9.30
N LYS B 251 -26.38 -38.06 8.78
CA LYS B 251 -25.19 -37.83 9.60
C LYS B 251 -24.61 -36.46 9.30
N MET B 252 -24.28 -35.73 10.36
CA MET B 252 -23.46 -34.53 10.27
C MET B 252 -22.37 -34.63 11.31
N ASP B 253 -21.12 -34.47 10.88
CA ASP B 253 -19.99 -34.64 11.76
C ASP B 253 -19.83 -33.42 12.66
N VAL B 254 -19.26 -33.65 13.84
CA VAL B 254 -18.95 -32.59 14.79
C VAL B 254 -17.44 -32.62 14.99
N TYR B 255 -16.76 -31.61 14.48
CA TYR B 255 -15.31 -31.57 14.53
C TYR B 255 -14.83 -31.02 15.87
N ASN B 256 -13.51 -31.01 16.06
CA ASN B 256 -12.88 -30.49 17.25
C ASN B 256 -11.71 -29.63 16.84
N LEU B 257 -11.53 -28.49 17.51
CA LEU B 257 -10.52 -27.52 17.12
C LEU B 257 -9.17 -27.75 17.79
N GLY B 258 -9.04 -28.76 18.64
CA GLY B 258 -7.77 -29.05 19.28
C GLY B 258 -7.43 -28.04 20.35
N ASP B 259 -6.26 -28.24 20.96
CA ASP B 259 -5.83 -27.37 22.04
C ASP B 259 -5.42 -26.00 21.50
N GLN B 260 -5.32 -25.04 22.41
CA GLN B 260 -4.95 -23.67 22.07
C GLN B 260 -3.74 -23.19 22.86
N THR B 261 -3.07 -24.09 23.59
CA THR B 261 -1.93 -23.69 24.38
C THR B 261 -0.90 -22.93 23.54
N GLY B 262 -0.67 -23.39 22.31
CA GLY B 262 0.30 -22.73 21.47
C GLY B 262 -0.08 -21.28 21.18
N VAL B 263 -1.33 -21.06 20.81
CA VAL B 263 -1.77 -19.71 20.49
C VAL B 263 -1.72 -18.81 21.72
N LEU B 264 -2.17 -19.33 22.87
CA LEU B 264 -2.13 -18.53 24.09
C LEU B 264 -0.70 -18.15 24.44
N LEU B 265 0.22 -19.11 24.44
CA LEU B 265 1.61 -18.81 24.77
C LEU B 265 2.20 -17.82 23.78
N LYS B 266 1.87 -17.96 22.50
CA LYS B 266 2.37 -17.02 21.50
C LYS B 266 1.84 -15.62 21.78
N ALA B 267 0.59 -15.51 22.22
CA ALA B 267 -0.01 -14.20 22.48
C ALA B 267 0.51 -13.54 23.75
N LEU B 268 1.20 -14.29 24.61
CA LEU B 268 1.73 -13.74 25.86
C LEU B 268 3.23 -13.53 25.82
N ALA B 269 3.84 -13.60 24.64
CA ALA B 269 5.27 -13.40 24.54
C ALA B 269 5.66 -12.01 25.03
N GLY B 270 6.78 -11.93 25.74
CA GLY B 270 7.23 -10.66 26.28
C GLY B 270 6.32 -10.07 27.34
N VAL B 271 5.87 -10.90 28.29
CA VAL B 271 5.01 -10.44 29.38
C VAL B 271 5.64 -10.89 30.68
N PRO B 272 5.54 -10.11 31.76
CA PRO B 272 6.19 -10.52 33.02
C PRO B 272 5.62 -11.82 33.53
N VAL B 273 6.48 -12.61 34.19
CA VAL B 273 6.09 -13.86 34.83
C VAL B 273 6.03 -13.62 36.33
N ALA B 274 4.84 -13.78 36.90
CA ALA B 274 4.66 -13.50 38.32
C ALA B 274 5.33 -14.57 39.16
N HIS B 275 6.12 -14.14 40.14
CA HIS B 275 6.79 -15.08 41.03
C HIS B 275 5.76 -15.88 41.81
N ILE B 276 5.95 -17.20 41.85
CA ILE B 276 5.08 -18.10 42.59
C ILE B 276 5.95 -19.06 43.38
N GLU B 277 5.56 -19.33 44.63
CA GLU B 277 6.24 -20.31 45.48
C GLU B 277 5.17 -21.07 46.25
N GLY B 278 4.89 -22.29 45.81
CA GLY B 278 3.86 -23.09 46.44
C GLY B 278 2.50 -22.40 46.41
N THR B 279 2.03 -21.95 47.57
CA THR B 279 0.74 -21.30 47.68
C THR B 279 0.86 -19.80 47.90
N LYS B 280 2.06 -19.23 47.76
CA LYS B 280 2.30 -17.81 48.00
C LYS B 280 2.40 -17.09 46.65
N TYR B 281 1.51 -16.14 46.44
CA TYR B 281 1.49 -15.33 45.21
C TYR B 281 2.18 -14.00 45.51
N HIS B 282 3.41 -13.85 45.02
CA HIS B 282 4.19 -12.66 45.31
C HIS B 282 3.72 -11.49 44.46
N LEU B 283 4.14 -10.29 44.86
CA LEU B 283 3.92 -9.06 44.13
C LEU B 283 5.28 -8.44 43.77
N LYS B 284 5.24 -7.27 43.14
CA LYS B 284 6.46 -6.59 42.76
C LYS B 284 6.44 -5.09 43.00
N SER B 285 5.41 -4.55 43.67
CA SER B 285 5.32 -3.13 43.96
C SER B 285 4.86 -2.95 45.40
N GLY B 286 4.57 -1.70 45.77
CA GLY B 286 4.13 -1.38 47.10
C GLY B 286 5.28 -1.00 48.01
N HIS B 287 4.95 -0.29 49.09
CA HIS B 287 5.93 0.13 50.06
C HIS B 287 5.26 0.24 51.42
N VAL B 288 6.09 0.19 52.47
CA VAL B 288 5.63 0.21 53.84
C VAL B 288 6.19 1.44 54.51
N THR B 289 5.31 2.28 55.05
CA THR B 289 5.70 3.43 55.86
C THR B 289 5.52 3.05 57.33
N CYS B 290 6.59 3.15 58.11
CA CYS B 290 6.59 2.61 59.45
C CYS B 290 7.42 3.50 60.37
N GLU B 291 7.14 3.36 61.68
CA GLU B 291 7.91 4.03 62.71
C GLU B 291 8.32 2.99 63.75
N VAL B 292 9.52 3.19 64.31
CA VAL B 292 10.16 2.22 65.18
C VAL B 292 10.43 2.86 66.53
N GLY B 293 10.09 2.16 67.60
CA GLY B 293 10.35 2.65 68.95
C GLY B 293 11.58 2.01 69.56
N LEU B 294 12.68 2.77 69.62
CA LEU B 294 13.95 2.27 70.14
C LEU B 294 13.99 2.28 71.67
N GLU B 295 12.88 2.62 72.33
CA GLU B 295 12.91 2.83 73.77
C GLU B 295 13.34 1.58 74.52
N LYS B 296 13.01 0.41 73.98
CA LYS B 296 13.16 -0.86 74.70
C LYS B 296 14.36 -1.68 74.23
N LEU B 297 15.48 -1.03 73.90
CA LEU B 297 16.69 -1.72 73.51
C LEU B 297 17.78 -1.51 74.56
N LYS B 298 18.67 -2.50 74.67
CA LYS B 298 19.77 -2.45 75.62
C LYS B 298 21.05 -2.85 74.88
N MET B 299 22.09 -2.03 75.01
CA MET B 299 23.34 -2.31 74.35
C MET B 299 23.96 -3.58 74.94
N LYS B 300 24.52 -4.41 74.06
CA LYS B 300 24.98 -5.74 74.42
C LYS B 300 26.46 -5.74 74.77
N GLY B 301 26.84 -6.60 75.71
CA GLY B 301 28.24 -6.79 76.06
C GLY B 301 28.93 -5.56 76.59
N LEU B 302 28.26 -4.78 77.45
CA LEU B 302 28.86 -3.59 78.02
C LEU B 302 29.68 -3.88 79.26
N THR B 303 29.52 -5.05 79.89
CA THR B 303 30.28 -5.38 81.08
C THR B 303 31.71 -5.81 80.77
N TYR B 304 32.00 -6.15 79.52
CA TYR B 304 33.33 -6.65 79.19
C TYR B 304 34.39 -5.57 79.37
N THR B 305 35.61 -6.01 79.64
CA THR B 305 36.76 -5.12 79.74
C THR B 305 37.34 -4.89 78.34
N MET B 306 38.52 -4.28 78.28
CA MET B 306 39.22 -4.03 77.04
C MET B 306 40.46 -4.91 76.97
N CYS B 307 40.64 -5.59 75.83
CA CYS B 307 41.82 -6.43 75.64
C CYS B 307 43.06 -5.58 75.47
N ASP B 308 44.21 -6.24 75.50
CA ASP B 308 45.48 -5.57 75.28
C ASP B 308 45.56 -5.04 73.85
N LYS B 309 46.42 -4.05 73.66
CA LYS B 309 46.49 -3.30 72.41
C LYS B 309 47.55 -3.83 71.45
N THR B 310 47.94 -5.11 71.58
CA THR B 310 49.01 -5.65 70.77
C THR B 310 48.72 -7.08 70.31
N LYS B 311 47.45 -7.43 70.12
CA LYS B 311 47.06 -8.78 69.73
C LYS B 311 46.01 -8.75 68.64
N PHE B 312 46.24 -7.94 67.59
CA PHE B 312 45.28 -7.78 66.51
C PHE B 312 45.96 -7.97 65.16
N THR B 313 45.21 -8.54 64.21
CA THR B 313 45.69 -8.74 62.85
C THR B 313 44.51 -8.62 61.90
N TRP B 314 44.76 -8.04 60.73
CA TRP B 314 43.72 -7.85 59.73
C TRP B 314 43.48 -9.16 58.97
N LYS B 315 42.22 -9.54 58.84
CA LYS B 315 41.83 -10.61 57.94
C LYS B 315 41.16 -10.10 56.67
N ARG B 316 40.48 -8.96 56.75
CA ARG B 316 39.91 -8.28 55.60
C ARG B 316 40.28 -6.82 55.71
N ALA B 317 41.12 -6.33 54.80
CA ALA B 317 41.61 -4.97 54.90
C ALA B 317 40.48 -3.98 54.62
N PRO B 318 40.61 -2.73 55.09
CA PRO B 318 39.57 -1.73 54.83
C PRO B 318 39.31 -1.57 53.35
N THR B 319 38.04 -1.40 53.00
CA THR B 319 37.62 -1.26 51.61
C THR B 319 36.38 -0.40 51.54
N ASP B 320 36.13 0.17 50.37
CA ASP B 320 34.94 0.98 50.17
C ASP B 320 33.70 0.09 50.15
N SER B 321 32.70 0.46 50.94
CA SER B 321 31.46 -0.30 51.04
C SER B 321 30.41 0.18 50.05
N GLY B 322 30.72 1.18 49.22
CA GLY B 322 29.79 1.68 48.24
C GLY B 322 28.82 2.72 48.75
N HIS B 323 28.88 3.06 50.03
CA HIS B 323 27.97 4.03 50.63
C HIS B 323 28.74 5.01 51.50
N ASP B 324 29.95 5.37 51.08
CA ASP B 324 30.80 6.31 51.82
C ASP B 324 31.04 5.82 53.25
N THR B 325 31.29 4.53 53.42
CA THR B 325 31.65 3.96 54.72
C THR B 325 32.68 2.87 54.51
N VAL B 326 33.41 2.57 55.59
CA VAL B 326 34.49 1.59 55.55
C VAL B 326 34.04 0.34 56.29
N VAL B 327 34.61 -0.80 55.90
CA VAL B 327 34.34 -2.08 56.53
C VAL B 327 35.66 -2.81 56.69
N MET B 328 35.84 -3.46 57.85
CA MET B 328 37.09 -4.14 58.13
C MET B 328 36.83 -5.29 59.09
N GLU B 329 37.45 -6.44 58.82
CA GLU B 329 37.34 -7.64 59.65
C GLU B 329 38.68 -7.87 60.33
N VAL B 330 38.68 -7.90 61.66
CA VAL B 330 39.89 -8.05 62.44
C VAL B 330 39.74 -9.27 63.34
N THR B 331 40.76 -10.13 63.34
CA THR B 331 40.75 -11.36 64.12
C THR B 331 41.65 -11.20 65.34
N PHE B 332 41.13 -11.58 66.50
CA PHE B 332 41.86 -11.46 67.75
C PHE B 332 42.52 -12.79 68.12
N SER B 333 43.45 -12.73 69.06
CA SER B 333 44.19 -13.90 69.50
C SER B 333 44.28 -14.05 71.01
N GLY B 334 44.11 -12.98 71.78
CA GLY B 334 44.23 -13.02 73.22
C GLY B 334 42.96 -13.51 73.90
N THR B 335 42.89 -13.24 75.20
CA THR B 335 41.76 -13.71 75.99
C THR B 335 40.45 -13.11 75.47
N LYS B 336 39.39 -13.90 75.55
CA LYS B 336 38.06 -13.51 75.10
C LYS B 336 37.04 -13.89 76.16
N PRO B 337 35.88 -13.22 76.18
CA PRO B 337 35.43 -12.11 75.32
C PRO B 337 35.93 -10.76 75.82
N CYS B 338 35.86 -9.71 74.99
CA CYS B 338 36.25 -8.38 75.41
C CYS B 338 35.82 -7.39 74.34
N ARG B 339 36.04 -6.11 74.63
CA ARG B 339 35.72 -5.04 73.70
C ARG B 339 36.84 -4.86 72.69
N ILE B 340 36.55 -4.07 71.66
CA ILE B 340 37.52 -3.79 70.60
C ILE B 340 37.86 -2.30 70.64
N PRO B 341 38.96 -1.90 71.26
CA PRO B 341 39.32 -0.46 71.23
C PRO B 341 39.72 -0.01 69.84
N VAL B 342 38.85 0.77 69.20
CA VAL B 342 39.05 1.24 67.83
C VAL B 342 38.84 2.74 67.82
N ARG B 343 39.73 3.45 67.14
CA ARG B 343 39.63 4.90 67.02
C ARG B 343 40.30 5.34 65.73
N ALA B 344 39.92 6.53 65.26
CA ALA B 344 40.47 7.12 64.06
C ALA B 344 40.81 8.57 64.32
N VAL B 345 41.92 9.02 63.76
CA VAL B 345 42.41 10.38 63.95
C VAL B 345 42.75 10.98 62.60
N ALA B 346 42.42 12.26 62.44
CA ALA B 346 42.73 13.00 61.23
C ALA B 346 44.22 13.30 61.17
N HIS B 347 44.76 13.23 59.95
CA HIS B 347 46.19 13.47 59.74
C HIS B 347 46.56 14.88 60.20
N GLY B 348 47.45 14.96 61.20
CA GLY B 348 47.81 16.22 61.81
C GLY B 348 47.19 16.44 63.17
N SER B 349 46.20 15.65 63.55
CA SER B 349 45.57 15.71 64.88
C SER B 349 45.51 14.30 65.45
N PRO B 350 46.66 13.77 65.87
CA PRO B 350 46.72 12.35 66.24
C PRO B 350 46.25 12.05 67.65
N ASP B 351 45.54 12.99 68.28
CA ASP B 351 45.05 12.81 69.65
C ASP B 351 43.61 13.29 69.78
N VAL B 352 42.79 12.99 68.77
CA VAL B 352 41.38 13.34 68.79
C VAL B 352 40.59 12.17 68.21
N ASN B 353 39.51 11.79 68.89
CA ASN B 353 38.64 10.73 68.40
C ASN B 353 37.75 11.29 67.30
N VAL B 354 37.76 10.65 66.13
CA VAL B 354 37.03 11.15 64.98
C VAL B 354 36.11 10.10 64.36
N ALA B 355 36.34 8.81 64.59
CA ALA B 355 35.53 7.79 63.95
C ALA B 355 34.07 7.89 64.38
N MET B 356 33.18 7.63 63.44
CA MET B 356 31.74 7.58 63.69
C MET B 356 31.32 6.11 63.55
N LEU B 357 31.40 5.38 64.66
CA LEU B 357 31.14 3.95 64.63
C LEU B 357 29.70 3.66 64.21
N ILE B 358 29.53 2.66 63.36
CA ILE B 358 28.21 2.15 62.99
C ILE B 358 27.84 0.94 63.82
N THR B 359 28.74 -0.03 63.92
CA THR B 359 28.52 -1.15 64.81
C THR B 359 28.50 -0.64 66.25
N PRO B 360 27.58 -1.11 67.10
CA PRO B 360 27.48 -0.54 68.45
C PRO B 360 28.47 -1.19 69.40
N ASN B 361 29.46 -0.41 69.83
CA ASN B 361 30.45 -0.90 70.77
C ASN B 361 31.06 -2.21 70.24
N PRO B 362 31.88 -2.16 69.20
CA PRO B 362 32.40 -3.40 68.62
C PRO B 362 33.10 -4.24 69.67
N THR B 363 32.82 -5.54 69.65
CA THR B 363 33.26 -6.45 70.70
C THR B 363 33.63 -7.80 70.08
N ILE B 364 34.39 -8.58 70.85
CA ILE B 364 34.72 -9.96 70.51
C ILE B 364 34.12 -10.84 71.59
N GLU B 365 33.24 -11.75 71.19
CA GLU B 365 32.54 -12.61 72.13
C GLU B 365 33.33 -13.90 72.33
N ASN B 366 32.72 -14.88 73.01
CA ASN B 366 33.41 -16.15 73.24
C ASN B 366 33.81 -16.79 71.91
N ASN B 367 32.93 -16.73 70.92
CA ASN B 367 33.25 -17.18 69.56
C ASN B 367 32.39 -16.36 68.61
N GLY B 368 32.96 -15.28 68.08
CA GLY B 368 32.23 -14.40 67.19
C GLY B 368 32.55 -12.94 67.41
N GLY B 369 32.61 -12.17 66.34
CA GLY B 369 32.93 -10.76 66.40
C GLY B 369 34.05 -10.39 65.45
N GLY B 370 34.40 -9.11 65.48
CA GLY B 370 35.51 -8.59 64.71
C GLY B 370 35.14 -7.87 63.43
N PHE B 371 33.85 -7.69 63.14
CA PHE B 371 33.41 -6.95 61.97
C PHE B 371 33.06 -5.53 62.40
N ILE B 372 33.72 -4.54 61.82
CA ILE B 372 33.58 -3.15 62.21
C ILE B 372 33.30 -2.31 60.97
N GLU B 373 32.26 -1.49 61.03
CA GLU B 373 31.92 -0.55 59.98
C GLU B 373 31.94 0.86 60.55
N MET B 374 32.58 1.79 59.83
CA MET B 374 32.78 3.14 60.32
C MET B 374 32.55 4.14 59.20
N GLN B 375 32.30 5.39 59.60
CA GLN B 375 32.24 6.52 58.69
C GLN B 375 33.26 7.55 59.14
N LEU B 376 34.00 8.10 58.19
CA LEU B 376 35.09 9.02 58.51
C LEU B 376 34.95 10.31 57.71
N PRO B 377 35.46 11.42 58.21
CA PRO B 377 35.31 12.69 57.50
C PRO B 377 36.15 12.70 56.23
N PRO B 378 35.85 13.59 55.29
CA PRO B 378 36.66 13.66 54.07
C PRO B 378 38.11 13.96 54.38
N GLY B 379 39.01 13.36 53.60
CA GLY B 379 40.44 13.56 53.74
C GLY B 379 41.13 12.35 54.35
N ASP B 380 42.45 12.46 54.40
CA ASP B 380 43.27 11.38 54.92
C ASP B 380 43.10 11.25 56.44
N ASN B 381 43.46 10.07 56.94
CA ASN B 381 43.38 9.78 58.37
C ASN B 381 43.96 8.38 58.60
N ILE B 382 44.08 8.02 59.87
CA ILE B 382 44.66 6.75 60.28
C ILE B 382 43.66 6.03 61.18
N ILE B 383 43.46 4.75 60.92
CA ILE B 383 42.55 3.91 61.69
C ILE B 383 43.36 3.11 62.70
N TYR B 384 43.04 3.27 63.98
CA TYR B 384 43.78 2.62 65.06
C TYR B 384 42.98 1.45 65.61
N VAL B 385 43.59 0.27 65.63
CA VAL B 385 43.06 -0.89 66.35
C VAL B 385 44.22 -1.40 67.22
N GLY B 386 44.30 -0.91 68.44
CA GLY B 386 45.41 -1.28 69.30
C GLY B 386 46.74 -0.95 68.65
N GLU B 387 47.63 -1.94 68.58
CA GLU B 387 48.93 -1.73 67.95
C GLU B 387 48.79 -1.39 66.48
N LEU B 388 47.81 -1.99 65.80
CA LEU B 388 47.67 -1.85 64.36
C LEU B 388 47.37 -0.40 63.98
N SER B 389 47.64 -0.09 62.71
CA SER B 389 47.33 1.22 62.15
C SER B 389 47.31 1.09 60.64
N HIS B 390 46.31 1.70 60.00
CA HIS B 390 46.14 1.63 58.56
C HIS B 390 45.87 3.02 58.00
N GLN B 391 46.26 3.24 56.76
CA GLN B 391 46.07 4.53 56.10
C GLN B 391 44.84 4.49 55.20
N TRP B 392 44.13 5.62 55.15
CA TRP B 392 42.92 5.70 54.36
C TRP B 392 42.50 7.15 54.15
N PHE B 393 41.86 7.44 53.01
CA PHE B 393 41.32 8.76 52.73
C PHE B 393 39.90 8.61 52.20
N GLN B 394 39.03 9.53 52.62
CA GLN B 394 37.60 9.43 52.33
C GLN B 394 37.27 10.30 51.11
N LYS B 395 36.43 9.77 50.23
CA LYS B 395 36.16 10.44 48.96
C LYS B 395 34.95 11.37 49.05
N GLY B 396 34.14 11.22 50.10
CA GLY B 396 32.87 11.92 50.21
C GLY B 396 32.90 13.40 49.86
N SER B 397 33.83 14.14 50.46
CA SER B 397 33.91 15.60 50.27
C SER B 397 32.76 16.32 50.97
N SER B 398 32.40 15.86 52.17
CA SER B 398 31.48 16.55 53.07
C SER B 398 30.27 17.18 52.37
N ILE B 399 30.52 18.22 51.56
CA ILE B 399 29.43 18.95 50.93
C ILE B 399 28.57 18.01 50.10
N GLY B 400 29.20 17.08 49.39
CA GLY B 400 28.44 16.08 48.66
C GLY B 400 27.56 15.26 49.58
N ARG B 401 28.08 14.91 50.76
CA ARG B 401 27.28 14.16 51.72
C ARG B 401 26.07 14.95 52.18
N VAL B 402 26.26 16.24 52.46
CA VAL B 402 25.14 17.07 52.91
C VAL B 402 24.09 17.18 51.80
N PHE B 403 24.53 17.40 50.56
CA PHE B 403 23.59 17.52 49.46
C PHE B 403 22.84 16.21 49.23
N GLN B 404 23.55 15.08 49.33
CA GLN B 404 22.89 13.78 49.16
C GLN B 404 21.88 13.54 50.27
N LYS B 405 22.21 13.93 51.51
CA LYS B 405 21.26 13.80 52.60
C LYS B 405 20.01 14.64 52.34
N THR B 406 20.20 15.86 51.87
CA THR B 406 19.04 16.71 51.56
C THR B 406 18.19 16.09 50.46
N LYS B 407 18.83 15.57 49.41
CA LYS B 407 18.08 14.95 48.32
C LYS B 407 17.32 13.73 48.79
N LYS B 408 17.96 12.91 49.64
CA LYS B 408 17.29 11.72 50.16
C LYS B 408 16.11 12.12 51.04
N GLY B 409 16.27 13.17 51.85
CA GLY B 409 15.16 13.63 52.66
C GLY B 409 13.99 14.12 51.81
N ILE B 410 14.30 14.86 50.73
CA ILE B 410 13.25 15.31 49.83
C ILE B 410 12.55 14.12 49.19
N GLU B 411 13.31 13.11 48.76
CA GLU B 411 12.72 11.93 48.15
C GLU B 411 11.82 11.19 49.14
N ARG B 412 12.28 11.05 50.39
CA ARG B 412 11.46 10.39 51.40
C ARG B 412 10.19 11.16 51.69
N LEU B 413 10.28 12.49 51.75
CA LEU B 413 9.08 13.30 51.96
C LEU B 413 8.10 13.12 50.80
N THR B 414 8.62 13.09 49.56
CA THR B 414 7.76 12.88 48.41
C THR B 414 7.08 11.50 48.47
N VAL B 415 7.84 10.47 48.83
CA VAL B 415 7.32 9.11 48.81
C VAL B 415 6.27 8.92 49.90
N ILE B 416 6.57 9.38 51.11
CA ILE B 416 5.71 9.12 52.26
C ILE B 416 4.66 10.20 52.50
N GLY B 417 4.86 11.41 51.98
CA GLY B 417 3.95 12.51 52.25
C GLY B 417 2.54 12.30 51.75
N GLU B 418 2.33 11.37 50.80
CA GLU B 418 1.00 11.17 50.24
C GLU B 418 0.00 10.81 51.32
N HIS B 419 0.44 10.11 52.36
CA HIS B 419 -0.44 9.67 53.43
C HIS B 419 -0.26 10.44 54.73
N ALA B 420 0.92 11.01 54.97
CA ALA B 420 1.20 11.73 56.21
C ALA B 420 0.91 13.23 56.04
N TRP B 421 -0.39 13.52 55.87
CA TRP B 421 -0.87 14.89 55.70
C TRP B 421 -2.03 15.09 56.69
N ASP B 422 -1.77 15.82 57.77
CA ASP B 422 -2.76 16.08 58.81
C ASP B 422 -3.12 17.56 58.79
N PHE B 423 -4.41 17.85 58.59
CA PHE B 423 -4.90 19.22 58.61
C PHE B 423 -6.27 19.31 59.28
N GLY B 424 -6.54 18.44 60.24
CA GLY B 424 -7.86 18.41 60.86
C GLY B 424 -8.19 19.72 61.56
N SER B 425 -7.25 20.27 62.32
CA SER B 425 -7.47 21.51 63.06
C SER B 425 -6.13 22.23 63.20
N ALA B 426 -6.08 23.19 64.12
CA ALA B 426 -4.83 23.89 64.37
C ALA B 426 -3.75 22.94 64.85
N GLY B 427 -4.12 22.02 65.76
CA GLY B 427 -3.17 21.00 66.17
C GLY B 427 -2.74 20.12 65.01
N GLY B 428 -3.69 19.76 64.14
CA GLY B 428 -3.33 18.97 62.97
C GLY B 428 -2.39 19.71 62.04
N PHE B 429 -2.65 21.00 61.81
CA PHE B 429 -1.76 21.79 60.96
C PHE B 429 -0.36 21.88 61.58
N LEU B 430 -0.29 22.10 62.89
CA LEU B 430 1.02 22.16 63.55
C LEU B 430 1.74 20.84 63.43
N SER B 431 1.03 19.73 63.62
CA SER B 431 1.65 18.41 63.51
C SER B 431 2.16 18.17 62.09
N SER B 432 1.37 18.54 61.09
CA SER B 432 1.80 18.36 59.70
C SER B 432 3.04 19.19 59.40
N ILE B 433 3.06 20.44 59.86
CA ILE B 433 4.21 21.31 59.62
C ILE B 433 5.45 20.74 60.29
N GLY B 434 5.31 20.30 61.54
CA GLY B 434 6.44 19.72 62.24
C GLY B 434 6.96 18.46 61.57
N LYS B 435 6.05 17.59 61.15
CA LYS B 435 6.45 16.36 60.48
C LYS B 435 7.17 16.67 59.16
N ALA B 436 6.65 17.62 58.39
CA ALA B 436 7.31 18.00 57.15
C ALA B 436 8.71 18.54 57.42
N VAL B 437 8.83 19.44 58.39
CA VAL B 437 10.13 20.04 58.69
C VAL B 437 11.11 18.96 59.13
N HIS B 438 10.67 18.05 60.00
CA HIS B 438 11.56 16.99 60.47
C HIS B 438 12.00 16.11 59.32
N THR B 439 11.04 15.57 58.56
CA THR B 439 11.37 14.67 57.47
C THR B 439 12.21 15.36 56.40
N VAL B 440 12.18 16.69 56.33
CA VAL B 440 12.95 17.41 55.34
C VAL B 440 14.37 17.68 55.81
N LEU B 441 14.55 18.13 57.06
CA LEU B 441 15.84 18.67 57.48
C LEU B 441 16.36 18.06 58.78
N GLY B 442 15.93 16.85 59.14
CA GLY B 442 16.48 16.22 60.33
C GLY B 442 17.97 15.97 60.21
N GLY B 443 18.38 15.39 59.08
CA GLY B 443 19.80 15.14 58.87
C GLY B 443 20.61 16.42 58.81
N ALA B 444 20.07 17.45 58.15
CA ALA B 444 20.77 18.73 58.09
C ALA B 444 20.95 19.33 59.47
N PHE B 445 19.89 19.32 60.28
CA PHE B 445 20.00 19.87 61.64
C PHE B 445 20.98 19.06 62.48
N ASN B 446 20.92 17.73 62.39
CA ASN B 446 21.83 16.90 63.18
C ASN B 446 23.28 17.16 62.78
N SER B 447 23.56 17.17 61.48
CA SER B 447 24.92 17.45 61.02
C SER B 447 25.33 18.89 61.34
N ILE B 448 24.41 19.84 61.14
CA ILE B 448 24.73 21.25 61.40
C ILE B 448 25.09 21.45 62.86
N PHE B 449 24.31 20.86 63.77
CA PHE B 449 24.54 20.95 65.20
C PHE B 449 24.95 19.56 65.68
N GLY B 450 26.24 19.27 65.60
CA GLY B 450 26.77 17.98 66.01
C GLY B 450 27.48 18.06 67.35
N GLY B 451 26.83 17.55 68.40
CA GLY B 451 27.40 17.59 69.72
C GLY B 451 27.28 18.92 70.43
N VAL B 452 26.63 19.91 69.82
CA VAL B 452 26.48 21.21 70.46
C VAL B 452 25.65 21.07 71.74
N GLY B 453 24.56 20.33 71.66
CA GLY B 453 23.70 20.09 72.80
C GLY B 453 22.43 20.92 72.71
N PHE B 454 21.57 20.72 73.71
CA PHE B 454 20.30 21.44 73.80
C PHE B 454 20.51 22.89 74.23
N LEU B 455 21.22 23.12 75.33
CA LEU B 455 21.51 24.48 75.75
C LEU B 455 22.35 25.23 74.72
N PRO B 456 23.43 24.67 74.17
CA PRO B 456 24.16 25.39 73.12
C PRO B 456 23.32 25.67 71.88
N LYS B 457 22.46 24.73 71.49
CA LYS B 457 21.59 24.97 70.34
C LYS B 457 20.61 26.10 70.63
N LEU B 458 20.04 26.12 71.84
CA LEU B 458 19.14 27.20 72.21
C LEU B 458 19.87 28.54 72.22
N LEU B 459 21.10 28.57 72.73
CA LEU B 459 21.88 29.80 72.73
C LEU B 459 22.16 30.27 71.31
N LEU B 460 22.52 29.35 70.41
CA LEU B 460 22.75 29.72 69.02
C LEU B 460 21.49 30.26 68.37
N GLY B 461 20.35 29.61 68.63
CA GLY B 461 19.10 30.11 68.09
C GLY B 461 18.75 31.49 68.62
N VAL B 462 18.99 31.72 69.90
CA VAL B 462 18.71 33.03 70.49
C VAL B 462 19.60 34.09 69.85
N ALA B 463 20.88 33.78 69.66
CA ALA B 463 21.78 34.73 69.03
C ALA B 463 21.34 35.04 67.61
N LEU B 464 20.96 34.00 66.86
CA LEU B 464 20.50 34.21 65.49
C LEU B 464 19.24 35.06 65.44
N ALA B 465 18.30 34.81 66.36
CA ALA B 465 17.08 35.60 66.41
C ALA B 465 17.39 37.05 66.76
N TRP B 466 18.29 37.27 67.71
CA TRP B 466 18.68 38.64 68.06
C TRP B 466 19.30 39.35 66.87
N LEU B 467 20.17 38.67 66.13
CA LEU B 467 20.75 39.27 64.94
C LEU B 467 19.68 39.59 63.91
N GLY B 468 18.73 38.67 63.71
CA GLY B 468 17.66 38.92 62.76
C GLY B 468 16.78 40.08 63.14
N LEU B 469 16.55 40.29 64.44
CA LEU B 469 15.72 41.40 64.88
C LEU B 469 16.29 42.75 64.48
N ASN B 470 17.59 42.82 64.21
CA ASN B 470 18.20 44.08 63.79
C ASN B 470 17.61 44.55 62.47
N MET B 471 17.32 45.84 62.40
CA MET B 471 16.71 46.40 61.19
C MET B 471 17.68 46.32 60.02
N ARG B 472 17.18 45.88 58.87
CA ARG B 472 17.99 45.77 57.66
C ARG B 472 17.04 45.63 56.47
N ASN B 473 17.59 45.27 55.32
CA ASN B 473 16.79 45.11 54.12
C ASN B 473 15.87 43.91 54.27
N PRO B 474 14.80 43.84 53.46
CA PRO B 474 13.86 42.70 53.58
C PRO B 474 14.53 41.36 53.43
N THR B 475 15.54 41.23 52.56
CA THR B 475 16.27 39.98 52.45
C THR B 475 17.02 39.65 53.74
N MET B 476 17.43 40.68 54.49
CA MET B 476 18.12 40.47 55.75
C MET B 476 17.23 39.89 56.83
N SER B 477 15.90 39.88 56.63
CA SER B 477 14.99 39.32 57.61
C SER B 477 15.11 37.81 57.73
N MET B 478 15.82 37.15 56.81
CA MET B 478 15.95 35.69 56.86
C MET B 478 16.74 35.21 58.07
N SER B 479 17.43 36.10 58.78
CA SER B 479 18.13 35.69 60.00
C SER B 479 17.13 35.19 61.04
N PHE B 480 16.01 35.89 61.21
CA PHE B 480 14.99 35.44 62.14
C PHE B 480 14.42 34.09 61.72
N LEU B 481 14.19 33.90 60.42
CA LEU B 481 13.68 32.62 59.94
C LEU B 481 14.65 31.50 60.22
N LEU B 482 15.94 31.73 59.98
CA LEU B 482 16.96 30.72 60.26
C LEU B 482 17.02 30.41 61.75
N ALA B 483 16.94 31.44 62.60
CA ALA B 483 16.95 31.22 64.03
C ALA B 483 15.77 30.37 64.47
N GLY B 484 14.58 30.68 63.94
CA GLY B 484 13.41 29.89 64.29
C GLY B 484 13.52 28.46 63.82
N GLY B 485 14.00 28.26 62.60
CA GLY B 485 14.18 26.91 62.10
C GLY B 485 15.15 26.11 62.95
N LEU B 486 16.28 26.72 63.31
CA LEU B 486 17.24 26.03 64.16
C LEU B 486 16.65 25.71 65.52
N VAL B 487 15.91 26.66 66.11
CA VAL B 487 15.34 26.44 67.43
C VAL B 487 14.33 25.30 67.39
N LEU B 488 13.46 25.30 66.38
CA LEU B 488 12.45 24.25 66.29
C LEU B 488 13.09 22.88 66.12
N ALA B 489 14.11 22.78 65.26
CA ALA B 489 14.82 21.52 65.10
C ALA B 489 15.66 21.17 66.31
N MET B 490 16.10 22.16 67.08
CA MET B 490 16.87 21.94 68.29
C MET B 490 16.01 21.85 69.53
N THR B 491 14.69 21.97 69.40
CA THR B 491 13.78 21.88 70.53
C THR B 491 12.62 20.92 70.31
N LEU B 492 12.40 20.44 69.09
CA LEU B 492 11.30 19.52 68.82
C LEU B 492 11.81 18.10 68.63
N SER C 1 39.63 14.91 -43.93
CA SER C 1 38.95 14.31 -45.11
C SER C 1 38.05 13.16 -44.69
N ARG C 2 38.66 12.13 -44.10
CA ARG C 2 37.89 10.95 -43.68
C ARG C 2 36.75 11.35 -42.77
N CYS C 3 37.04 12.09 -41.70
CA CYS C 3 36.01 12.41 -40.72
C CYS C 3 35.09 13.54 -41.18
N THR C 4 35.23 13.99 -42.43
CA THR C 4 34.25 14.93 -42.98
C THR C 4 32.85 14.34 -42.92
N HIS C 5 32.74 13.01 -42.93
CA HIS C 5 31.45 12.34 -42.84
C HIS C 5 30.94 12.21 -41.41
N LEU C 6 31.78 12.48 -40.42
CA LEU C 6 31.35 12.39 -39.02
C LEU C 6 30.55 13.64 -38.64
N GLU C 7 29.89 13.55 -37.49
CA GLU C 7 29.05 14.65 -37.00
C GLU C 7 29.83 15.56 -36.06
N ASN C 8 30.34 15.01 -34.97
CA ASN C 8 31.04 15.80 -33.95
C ASN C 8 32.46 16.08 -34.44
N ARG C 9 32.62 17.18 -35.16
CA ARG C 9 33.90 17.58 -35.72
C ARG C 9 34.34 18.90 -35.12
N ASP C 10 35.65 19.06 -34.96
CA ASP C 10 36.25 20.28 -34.46
C ASP C 10 37.41 20.71 -35.36
N PHE C 11 37.64 22.01 -35.42
CA PHE C 11 38.77 22.56 -36.16
C PHE C 11 39.74 23.22 -35.18
N VAL C 12 41.00 22.80 -35.22
CA VAL C 12 42.06 23.35 -34.39
C VAL C 12 43.15 23.88 -35.32
N THR C 13 43.39 25.18 -35.27
CA THR C 13 44.36 25.84 -36.13
C THR C 13 45.58 26.23 -35.32
N GLY C 14 46.76 25.86 -35.80
CA GLY C 14 48.00 26.23 -35.16
C GLY C 14 48.51 27.55 -35.69
N THR C 15 48.89 28.44 -34.78
CA THR C 15 49.38 29.75 -35.19
C THR C 15 50.70 29.62 -35.93
N GLN C 16 50.93 30.54 -36.87
CA GLN C 16 52.17 30.54 -37.62
C GLN C 16 53.36 30.68 -36.69
N GLY C 17 54.42 29.95 -36.98
CA GLY C 17 55.61 29.95 -36.16
C GLY C 17 55.54 29.07 -34.93
N THR C 18 54.45 28.33 -34.75
CA THR C 18 54.27 27.46 -33.59
C THR C 18 54.52 26.02 -34.01
N THR C 19 55.18 25.26 -33.12
CA THR C 19 55.60 23.90 -33.41
C THR C 19 54.86 22.85 -32.58
N ARG C 20 53.73 23.21 -31.97
CA ARG C 20 52.97 22.24 -31.20
C ARG C 20 51.53 22.71 -31.11
N VAL C 21 50.65 21.80 -30.71
CA VAL C 21 49.23 22.06 -30.58
C VAL C 21 48.66 21.18 -29.47
N THR C 22 47.84 21.77 -28.60
CA THR C 22 47.12 21.00 -27.60
C THR C 22 45.81 20.52 -28.18
N LEU C 23 45.33 19.37 -27.69
CA LEU C 23 44.13 18.78 -28.26
C LEU C 23 43.44 17.88 -27.24
N VAL C 24 42.15 17.66 -27.47
CA VAL C 24 41.33 16.77 -26.64
C VAL C 24 40.57 15.83 -27.55
N LEU C 25 40.57 14.55 -27.23
CA LEU C 25 39.92 13.52 -28.03
C LEU C 25 38.85 12.81 -27.19
N GLU C 26 37.76 12.43 -27.85
CA GLU C 26 36.71 11.67 -27.19
C GLU C 26 36.00 10.82 -28.24
N LEU C 27 35.25 9.83 -27.75
CA LEU C 27 34.62 8.87 -28.66
C LEU C 27 33.67 9.59 -29.61
N GLY C 28 33.60 9.10 -30.84
CA GLY C 28 32.69 9.68 -31.81
C GLY C 28 33.00 11.13 -32.10
N GLY C 29 34.27 11.48 -32.20
CA GLY C 29 34.66 12.84 -32.52
C GLY C 29 35.96 12.85 -33.29
N CYS C 30 36.13 13.87 -34.12
CA CYS C 30 37.31 14.01 -34.95
C CYS C 30 38.00 15.34 -34.68
N VAL C 31 39.13 15.53 -35.36
CA VAL C 31 39.91 16.76 -35.29
C VAL C 31 40.63 16.92 -36.62
N THR C 32 40.88 18.17 -37.01
CA THR C 32 41.58 18.48 -38.24
C THR C 32 42.72 19.44 -37.92
N ILE C 33 43.87 18.88 -37.55
CA ILE C 33 45.04 19.71 -37.30
C ILE C 33 45.38 20.47 -38.57
N THR C 34 45.47 21.79 -38.46
CA THR C 34 45.78 22.66 -39.60
C THR C 34 46.83 23.66 -39.17
N ALA C 35 47.87 23.80 -40.00
CA ALA C 35 48.92 24.78 -39.74
C ALA C 35 49.43 25.30 -41.07
N GLU C 36 49.95 26.52 -41.05
CA GLU C 36 50.42 27.16 -42.27
C GLU C 36 51.54 26.34 -42.88
N GLY C 37 51.46 26.14 -44.20
CA GLY C 37 52.55 25.51 -44.93
C GLY C 37 52.86 24.09 -44.49
N LYS C 38 51.94 23.43 -43.81
CA LYS C 38 52.15 22.07 -43.35
C LYS C 38 50.92 21.23 -43.68
N PRO C 39 51.11 19.92 -43.91
CA PRO C 39 49.96 19.07 -44.23
C PRO C 39 48.95 19.08 -43.10
N SER C 40 47.68 19.01 -43.48
CA SER C 40 46.58 19.01 -42.51
C SER C 40 46.28 17.58 -42.12
N MET C 41 46.63 17.20 -40.90
CA MET C 41 46.37 15.86 -40.42
C MET C 41 44.92 15.73 -39.95
N ASP C 42 44.51 14.50 -39.68
CA ASP C 42 43.25 14.19 -39.05
C ASP C 42 43.51 13.25 -37.88
N VAL C 43 42.92 13.55 -36.73
CA VAL C 43 43.10 12.75 -35.53
C VAL C 43 41.72 12.48 -34.95
N TRP C 44 41.47 11.23 -34.55
CA TRP C 44 40.16 10.85 -34.05
C TRP C 44 40.29 9.53 -33.30
N LEU C 45 39.84 9.52 -32.05
CA LEU C 45 39.94 8.32 -31.24
C LEU C 45 39.12 7.19 -31.86
N ASP C 46 39.69 6.00 -31.91
CA ASP C 46 39.07 4.87 -32.60
C ASP C 46 38.28 4.00 -31.64
N ALA C 47 38.92 3.49 -30.59
CA ALA C 47 38.24 2.66 -29.62
C ALA C 47 39.16 2.45 -28.42
N ILE C 48 38.55 2.26 -27.26
CA ILE C 48 39.27 2.08 -26.00
C ILE C 48 38.91 0.71 -25.44
N TYR C 49 39.93 -0.07 -25.09
CA TYR C 49 39.71 -1.46 -24.72
C TYR C 49 40.78 -1.90 -23.73
N GLN C 50 40.52 -3.04 -23.10
CA GLN C 50 41.45 -3.71 -22.22
C GLN C 50 41.61 -5.15 -22.66
N GLU C 51 42.76 -5.75 -22.29
CA GLU C 51 43.09 -7.12 -22.68
C GLU C 51 42.89 -8.04 -21.49
N ASN C 52 41.89 -8.92 -21.59
CA ASN C 52 41.66 -9.94 -20.57
C ASN C 52 41.57 -9.33 -19.18
N PRO C 53 40.48 -8.62 -18.87
CA PRO C 53 40.36 -8.05 -17.52
C PRO C 53 40.34 -9.12 -16.46
N ALA C 54 40.87 -8.78 -15.28
CA ALA C 54 40.98 -9.72 -14.18
C ALA C 54 39.61 -10.11 -13.66
N LYS C 55 39.20 -11.36 -13.88
CA LYS C 55 37.91 -11.82 -13.41
C LYS C 55 37.89 -11.88 -11.89
N THR C 56 36.79 -11.39 -11.30
CA THR C 56 36.71 -11.23 -9.86
C THR C 56 36.04 -12.42 -9.17
N ARG C 57 34.80 -12.74 -9.54
CA ARG C 57 34.05 -13.81 -8.91
C ARG C 57 33.02 -14.37 -9.88
N GLU C 58 32.57 -15.59 -9.61
CA GLU C 58 31.71 -16.33 -10.52
C GLU C 58 30.44 -16.77 -9.80
N TYR C 59 29.30 -16.46 -10.40
CA TYR C 59 28.02 -17.05 -10.03
C TYR C 59 27.68 -18.11 -11.05
N CYS C 60 27.31 -19.30 -10.59
CA CYS C 60 26.85 -20.36 -11.48
C CYS C 60 25.39 -20.64 -11.20
N LEU C 61 24.62 -20.79 -12.27
CA LEU C 61 23.17 -20.67 -12.22
C LEU C 61 22.44 -22.00 -12.16
N HIS C 62 23.15 -23.12 -12.02
CA HIS C 62 22.51 -24.43 -12.01
C HIS C 62 23.38 -25.37 -11.16
N ALA C 63 22.95 -25.58 -9.92
CA ALA C 63 23.70 -26.44 -9.01
C ALA C 63 23.40 -27.90 -9.31
N LYS C 64 24.43 -28.65 -9.68
CA LYS C 64 24.29 -30.07 -10.00
C LYS C 64 24.46 -30.86 -8.71
N LEU C 65 23.35 -31.17 -8.04
CA LEU C 65 23.39 -31.95 -6.82
C LEU C 65 23.93 -33.34 -7.11
N SER C 66 24.48 -33.98 -6.07
CA SER C 66 24.99 -35.33 -6.20
C SER C 66 25.39 -35.85 -4.83
N ASP C 67 25.24 -37.16 -4.65
CA ASP C 67 25.74 -37.85 -3.46
C ASP C 67 25.14 -37.27 -2.18
N THR C 68 23.82 -37.41 -2.06
CA THR C 68 23.09 -36.95 -0.89
C THR C 68 22.88 -38.12 0.08
N LYS C 69 23.02 -37.84 1.37
CA LYS C 69 22.93 -38.86 2.41
C LYS C 69 22.06 -38.34 3.54
N VAL C 70 21.45 -39.26 4.29
CA VAL C 70 20.55 -38.91 5.38
C VAL C 70 20.76 -39.90 6.52
N ALA C 71 20.48 -39.44 7.74
CA ALA C 71 20.58 -40.28 8.92
C ALA C 71 19.88 -39.57 10.07
N ALA C 72 19.31 -40.37 10.99
CA ALA C 72 18.53 -39.80 12.08
C ALA C 72 18.59 -40.73 13.28
N ARG C 73 18.30 -40.16 14.45
CA ARG C 73 18.26 -40.90 15.70
C ARG C 73 17.11 -40.38 16.54
N CYS C 74 16.31 -41.30 17.10
CA CYS C 74 15.12 -40.94 17.84
C CYS C 74 15.48 -40.52 19.26
N PRO C 75 14.55 -39.88 19.98
CA PRO C 75 14.88 -39.30 21.29
C PRO C 75 15.57 -40.26 22.24
N THR C 76 16.19 -39.71 23.28
CA THR C 76 16.96 -40.50 24.25
C THR C 76 18.13 -41.21 23.57
N MET C 77 18.65 -40.58 22.52
CA MET C 77 19.84 -41.09 21.85
C MET C 77 20.82 -40.00 21.46
N GLY C 78 20.54 -38.74 21.81
CA GLY C 78 21.44 -37.65 21.50
C GLY C 78 21.21 -37.10 20.11
N PRO C 79 21.71 -35.90 19.84
CA PRO C 79 21.55 -35.30 18.51
C PRO C 79 22.23 -36.14 17.45
N ALA C 80 21.61 -36.19 16.26
CA ALA C 80 22.16 -36.95 15.16
C ALA C 80 23.39 -36.24 14.58
N THR C 81 24.26 -37.03 13.97
CA THR C 81 25.49 -36.51 13.38
C THR C 81 25.79 -37.26 12.11
N LEU C 82 26.55 -36.62 11.22
CA LEU C 82 26.94 -37.20 9.96
C LEU C 82 28.36 -36.77 9.63
N ALA C 83 29.07 -37.64 8.88
CA ALA C 83 30.46 -37.36 8.56
C ALA C 83 30.62 -36.10 7.73
N GLU C 84 29.73 -35.91 6.74
CA GLU C 84 29.83 -34.79 5.82
C GLU C 84 29.34 -33.48 6.42
N GLU C 85 28.95 -33.46 7.69
CA GLU C 85 28.46 -32.23 8.30
C GLU C 85 29.55 -31.16 8.33
N HIS C 86 30.77 -31.53 8.70
CA HIS C 86 31.87 -30.58 8.83
C HIS C 86 32.84 -30.65 7.65
N GLN C 87 32.54 -31.44 6.63
CA GLN C 87 33.36 -31.47 5.42
C GLN C 87 33.03 -30.25 4.55
N GLY C 88 34.03 -29.80 3.81
CA GLY C 88 33.87 -28.68 2.90
C GLY C 88 33.14 -29.07 1.64
N GLY C 89 32.48 -28.08 1.03
CA GLY C 89 31.75 -28.31 -0.20
C GLY C 89 30.39 -28.95 -0.05
N THR C 90 29.90 -29.09 1.17
CA THR C 90 28.62 -29.73 1.44
C THR C 90 27.76 -28.81 2.30
N VAL C 91 26.45 -28.88 2.09
CA VAL C 91 25.49 -28.00 2.75
C VAL C 91 24.34 -28.84 3.27
N CYS C 92 23.84 -28.51 4.46
CA CYS C 92 22.70 -29.23 5.00
C CYS C 92 22.18 -28.58 6.27
N LYS C 93 20.91 -28.88 6.56
CA LYS C 93 20.17 -28.35 7.68
C LYS C 93 19.68 -29.49 8.56
N ARG C 94 19.75 -29.29 9.88
CA ARG C 94 19.29 -30.26 10.84
C ARG C 94 17.93 -29.83 11.38
N ASP C 95 17.01 -30.80 11.47
CA ASP C 95 15.62 -30.51 11.83
C ASP C 95 15.08 -31.66 12.67
N GLN C 96 13.98 -31.37 13.37
CA GLN C 96 13.29 -32.37 14.15
C GLN C 96 12.50 -33.31 13.24
N SER C 97 12.12 -34.46 13.80
CA SER C 97 11.32 -35.43 13.07
C SER C 97 10.50 -36.25 14.05
N ASP C 98 9.38 -36.77 13.57
CA ASP C 98 8.47 -37.54 14.40
C ASP C 98 8.92 -38.99 14.49
N ARG C 99 8.50 -39.65 15.56
CA ARG C 99 8.84 -41.05 15.80
C ARG C 99 7.66 -41.70 16.53
N GLY C 100 7.79 -42.98 16.84
CA GLY C 100 6.74 -43.69 17.54
C GLY C 100 7.00 -45.18 17.53
N TRP C 101 5.99 -45.92 17.99
CA TRP C 101 6.09 -47.38 18.06
C TRP C 101 6.21 -48.02 16.69
N GLY C 102 5.86 -47.30 15.62
CA GLY C 102 5.81 -47.92 14.31
C GLY C 102 7.18 -48.10 13.68
N ASN C 103 8.20 -47.40 14.20
CA ASN C 103 9.56 -47.47 13.66
C ASN C 103 10.57 -47.78 14.75
N HIS C 104 10.23 -48.72 15.62
CA HIS C 104 11.18 -49.38 16.51
C HIS C 104 11.65 -48.51 17.67
N CYS C 105 11.28 -47.23 17.69
CA CYS C 105 11.68 -46.33 18.76
C CYS C 105 10.53 -46.21 19.74
N GLY C 106 10.70 -46.83 20.92
CA GLY C 106 9.58 -46.98 21.83
C GLY C 106 9.05 -45.64 22.34
N LEU C 107 9.97 -44.76 22.77
CA LEU C 107 9.55 -43.49 23.35
C LEU C 107 9.10 -42.53 22.25
N PHE C 108 7.97 -41.86 22.51
CA PHE C 108 7.44 -40.89 21.57
C PHE C 108 8.13 -39.54 21.74
N GLY C 109 7.98 -38.70 20.73
CA GLY C 109 8.52 -37.36 20.75
C GLY C 109 9.22 -37.06 19.45
N LYS C 110 9.92 -35.92 19.42
CA LYS C 110 10.63 -35.46 18.24
C LYS C 110 12.10 -35.85 18.34
N GLY C 111 12.61 -36.50 17.30
CA GLY C 111 14.00 -36.90 17.23
C GLY C 111 14.86 -35.88 16.52
N SER C 112 15.97 -36.35 15.96
CA SER C 112 16.88 -35.53 15.19
C SER C 112 17.19 -36.20 13.87
N ILE C 113 17.42 -35.40 12.84
CA ILE C 113 17.69 -35.91 11.49
C ILE C 113 18.55 -34.89 10.76
N VAL C 114 19.47 -35.41 9.94
CA VAL C 114 20.37 -34.59 9.14
C VAL C 114 20.42 -35.18 7.73
N ALA C 115 20.61 -34.33 6.74
CA ALA C 115 20.62 -34.75 5.33
C ALA C 115 21.54 -33.80 4.56
N CYS C 116 22.72 -34.27 4.20
CA CYS C 116 23.73 -33.45 3.53
C CYS C 116 24.07 -33.99 2.16
N VAL C 117 24.22 -33.08 1.21
CA VAL C 117 24.47 -33.41 -0.20
C VAL C 117 25.58 -32.50 -0.73
N LYS C 118 26.44 -33.08 -1.55
CA LYS C 118 27.48 -32.30 -2.20
C LYS C 118 26.87 -31.35 -3.22
N ALA C 119 27.43 -30.15 -3.31
CA ALA C 119 26.92 -29.11 -4.21
C ALA C 119 28.01 -28.77 -5.23
N ALA C 120 27.65 -28.84 -6.51
CA ALA C 120 28.54 -28.43 -7.58
C ALA C 120 27.70 -28.15 -8.81
N CYS C 121 28.20 -27.26 -9.66
CA CYS C 121 27.48 -26.82 -10.85
C CYS C 121 28.32 -27.07 -12.09
N GLU C 122 27.70 -27.68 -13.10
CA GLU C 122 28.40 -28.10 -14.30
C GLU C 122 28.81 -26.88 -15.14
N ALA C 123 29.66 -27.14 -16.12
CA ALA C 123 30.17 -26.09 -16.97
C ALA C 123 29.06 -25.53 -17.87
N LYS C 124 29.40 -24.48 -18.62
CA LYS C 124 28.48 -23.81 -19.52
C LYS C 124 27.36 -23.08 -18.78
N LYS C 125 27.46 -22.95 -17.46
CA LYS C 125 26.43 -22.26 -16.68
C LYS C 125 27.05 -21.38 -15.60
N LYS C 126 28.23 -20.84 -15.86
CA LYS C 126 28.91 -19.95 -14.92
C LYS C 126 28.80 -18.52 -15.43
N ALA C 127 28.20 -17.65 -14.62
CA ALA C 127 28.04 -16.25 -14.96
C ALA C 127 29.20 -15.44 -14.37
N THR C 128 30.39 -15.75 -14.86
CA THR C 128 31.59 -15.11 -14.34
C THR C 128 31.59 -13.62 -14.64
N GLY C 129 32.06 -12.82 -13.68
CA GLY C 129 32.16 -11.39 -13.83
C GLY C 129 33.54 -10.96 -14.31
N HIS C 130 33.71 -9.65 -14.41
CA HIS C 130 34.99 -9.06 -14.79
C HIS C 130 35.03 -7.63 -14.28
N VAL C 131 36.23 -7.16 -13.95
CA VAL C 131 36.45 -5.82 -13.44
C VAL C 131 37.65 -5.20 -14.14
N TYR C 132 37.54 -3.92 -14.47
CA TYR C 132 38.59 -3.21 -15.18
C TYR C 132 39.71 -2.80 -14.24
N ASP C 133 40.89 -2.59 -14.82
CA ASP C 133 42.05 -2.09 -14.09
C ASP C 133 42.43 -0.74 -14.67
N ALA C 134 42.64 0.25 -13.79
CA ALA C 134 42.83 1.61 -14.25
C ALA C 134 44.07 1.74 -15.13
N ASN C 135 45.17 1.10 -14.72
CA ASN C 135 46.42 1.27 -15.46
C ASN C 135 46.44 0.45 -16.74
N LYS C 136 45.85 -0.74 -16.72
CA LYS C 136 45.99 -1.67 -17.84
C LYS C 136 45.24 -1.23 -19.09
N ILE C 137 44.39 -0.21 -19.02
CA ILE C 137 43.61 0.20 -20.18
C ILE C 137 44.55 0.67 -21.28
N VAL C 138 44.13 0.44 -22.53
CA VAL C 138 44.90 0.84 -23.71
C VAL C 138 44.02 1.75 -24.55
N TYR C 139 44.54 2.93 -24.88
CA TYR C 139 43.86 3.90 -25.73
C TYR C 139 44.60 3.99 -27.06
N THR C 140 43.87 3.90 -28.16
CA THR C 140 44.45 3.94 -29.49
C THR C 140 43.86 5.11 -30.28
N VAL C 141 44.74 5.93 -30.84
CA VAL C 141 44.36 7.10 -31.62
C VAL C 141 45.00 6.98 -32.99
N LYS C 142 44.20 7.18 -34.04
CA LYS C 142 44.63 7.02 -35.42
C LYS C 142 44.81 8.39 -36.06
N VAL C 143 45.91 8.56 -36.78
CA VAL C 143 46.24 9.81 -37.46
C VAL C 143 46.47 9.51 -38.93
N GLU C 144 45.78 10.22 -39.81
CA GLU C 144 45.89 10.00 -41.24
C GLU C 144 46.14 11.33 -41.94
N PRO C 145 46.83 11.31 -43.09
CA PRO C 145 47.09 12.55 -43.82
C PRO C 145 45.96 12.93 -44.75
N HIS C 146 46.11 14.04 -45.47
CA HIS C 146 45.13 14.49 -46.45
C HIS C 146 45.66 14.19 -47.85
N THR C 147 44.98 13.28 -48.55
CA THR C 147 45.24 13.01 -49.94
C THR C 147 44.02 13.44 -50.76
N GLY C 148 44.27 13.91 -51.97
CA GLY C 148 43.23 14.53 -52.78
C GLY C 148 42.21 13.56 -53.36
N ASP C 149 42.10 12.37 -52.79
CA ASP C 149 41.13 11.38 -53.25
C ASP C 149 39.96 11.32 -52.28
N TYR C 150 38.75 11.39 -52.83
CA TYR C 150 37.56 11.27 -52.01
C TYR C 150 37.46 9.85 -51.45
N VAL C 151 37.10 9.75 -50.17
CA VAL C 151 37.02 8.48 -49.46
C VAL C 151 35.59 8.28 -48.99
N ALA C 152 35.07 7.07 -49.19
CA ALA C 152 33.69 6.77 -48.85
C ALA C 152 33.47 6.89 -47.35
N ALA C 153 32.20 6.74 -46.95
CA ALA C 153 31.84 6.82 -45.53
C ALA C 153 32.30 5.62 -44.74
N ASN C 154 32.76 4.55 -45.39
CA ASN C 154 33.22 3.36 -44.71
C ASN C 154 34.55 2.82 -45.22
N GLU C 155 35.03 3.27 -46.38
CA GLU C 155 36.27 2.76 -46.92
C GLU C 155 37.46 3.25 -46.09
N THR C 156 38.50 2.43 -46.04
CA THR C 156 39.69 2.75 -45.28
C THR C 156 40.57 3.73 -46.06
N HIS C 157 41.79 3.94 -45.56
CA HIS C 157 42.78 4.78 -46.22
C HIS C 157 44.14 4.10 -46.07
N SER C 158 44.81 3.89 -47.19
CA SER C 158 46.09 3.18 -47.16
C SER C 158 47.12 3.92 -46.30
N GLY C 159 47.16 5.24 -46.41
CA GLY C 159 48.17 6.02 -45.73
C GLY C 159 47.97 6.19 -44.25
N ARG C 160 46.78 5.90 -43.71
CA ARG C 160 46.54 6.12 -42.29
C ARG C 160 47.42 5.21 -41.45
N LYS C 161 47.76 5.68 -40.26
CA LYS C 161 48.55 4.93 -39.29
C LYS C 161 47.78 4.85 -37.98
N THR C 162 48.42 4.28 -36.96
CA THR C 162 47.78 4.09 -35.67
C THR C 162 48.83 4.10 -34.58
N ALA C 163 48.38 4.35 -33.36
CA ALA C 163 49.26 4.34 -32.20
C ALA C 163 48.43 4.02 -30.97
N SER C 164 49.09 3.50 -29.95
CA SER C 164 48.46 3.12 -28.69
C SER C 164 48.99 4.00 -27.57
N PHE C 165 48.11 4.28 -26.60
CA PHE C 165 48.45 5.17 -25.50
C PHE C 165 47.87 4.64 -24.21
N THR C 166 48.65 4.73 -23.14
CA THR C 166 48.22 4.33 -21.81
C THR C 166 48.86 5.27 -20.80
N ILE C 167 48.40 5.20 -19.55
CA ILE C 167 48.89 6.12 -18.52
C ILE C 167 50.40 5.97 -18.36
N SER C 168 50.90 4.73 -18.42
CA SER C 168 52.32 4.49 -18.20
C SER C 168 53.16 5.15 -19.28
N SER C 169 53.00 4.72 -20.54
CA SER C 169 53.79 5.26 -21.64
C SER C 169 53.10 6.49 -22.21
N GLU C 170 53.89 7.55 -22.44
CA GLU C 170 53.35 8.84 -22.87
C GLU C 170 53.76 9.21 -24.29
N LYS C 171 55.07 9.27 -24.57
CA LYS C 171 55.55 9.78 -25.85
C LYS C 171 55.58 8.68 -26.90
N THR C 172 55.57 9.11 -28.16
CA THR C 172 55.70 8.21 -29.30
C THR C 172 55.82 9.05 -30.56
N ILE C 173 56.30 8.41 -31.63
CA ILE C 173 56.50 9.08 -32.91
C ILE C 173 55.94 8.21 -34.02
N LEU C 174 55.37 8.85 -35.03
CA LEU C 174 54.79 8.18 -36.18
C LEU C 174 55.51 8.61 -37.46
N THR C 175 55.25 7.89 -38.53
CA THR C 175 55.77 8.23 -39.84
C THR C 175 54.70 7.95 -40.88
N MET C 176 54.29 8.97 -41.62
CA MET C 176 53.20 8.88 -42.57
C MET C 176 53.66 8.52 -43.97
N GLY C 177 54.95 8.28 -44.18
CA GLY C 177 55.47 7.99 -45.50
C GLY C 177 56.34 9.12 -46.02
N GLU C 178 55.85 9.83 -47.04
CA GLU C 178 56.58 10.98 -47.57
C GLU C 178 56.21 12.28 -46.89
N TYR C 179 55.18 12.29 -46.05
CA TYR C 179 54.72 13.54 -45.45
C TYR C 179 55.61 13.99 -44.31
N GLY C 180 56.11 13.07 -43.50
CA GLY C 180 56.98 13.44 -42.39
C GLY C 180 56.75 12.62 -41.15
N ASP C 181 57.01 13.20 -39.97
CA ASP C 181 56.87 12.53 -38.70
C ASP C 181 55.94 13.34 -37.80
N VAL C 182 54.96 12.66 -37.20
CA VAL C 182 54.03 13.26 -36.26
C VAL C 182 54.27 12.64 -34.90
N SER C 183 54.54 13.47 -33.90
CA SER C 183 54.84 13.03 -32.54
C SER C 183 53.68 13.38 -31.62
N LEU C 184 53.15 12.38 -30.93
CA LEU C 184 52.05 12.54 -30.00
C LEU C 184 52.52 12.17 -28.60
N LEU C 185 52.35 13.10 -27.65
CA LEU C 185 52.62 12.85 -26.24
C LEU C 185 51.30 13.08 -25.52
N CYS C 186 50.52 12.01 -25.37
CA CYS C 186 49.18 12.08 -24.83
C CYS C 186 49.17 11.54 -23.41
N ARG C 187 48.64 12.32 -22.48
CA ARG C 187 48.34 11.84 -21.13
C ARG C 187 46.84 11.61 -21.03
N VAL C 188 46.46 10.41 -20.65
CA VAL C 188 45.08 9.95 -20.74
C VAL C 188 44.42 10.00 -19.37
N ALA C 189 43.10 10.19 -19.38
CA ALA C 189 42.30 10.19 -18.17
C ALA C 189 41.09 9.28 -18.39
N SER C 190 40.86 8.37 -17.46
CA SER C 190 39.69 7.49 -17.53
C SER C 190 38.45 8.28 -17.09
N GLY C 191 37.54 8.50 -18.03
CA GLY C 191 36.41 9.39 -17.83
C GLY C 191 35.20 8.77 -17.16
N VAL C 192 35.29 7.53 -16.70
CA VAL C 192 34.16 6.85 -16.08
C VAL C 192 34.55 6.42 -14.68
N ASP C 193 33.54 6.21 -13.85
CA ASP C 193 33.74 5.64 -12.53
C ASP C 193 34.01 4.14 -12.68
N LEU C 194 35.20 3.80 -13.20
CA LEU C 194 35.49 2.41 -13.53
C LEU C 194 35.35 1.51 -12.31
N ALA C 195 35.53 2.05 -11.11
CA ALA C 195 35.40 1.24 -9.91
C ALA C 195 33.98 0.73 -9.70
N GLN C 196 33.00 1.26 -10.43
CA GLN C 196 31.60 0.89 -10.27
C GLN C 196 31.04 0.36 -11.59
N THR C 197 31.79 -0.51 -12.25
CA THR C 197 31.31 -1.17 -13.45
C THR C 197 31.95 -2.56 -13.54
N VAL C 198 31.17 -3.53 -13.99
CA VAL C 198 31.63 -4.91 -14.14
C VAL C 198 30.88 -5.56 -15.29
N ILE C 199 31.53 -6.54 -15.91
CA ILE C 199 30.99 -7.24 -17.07
C ILE C 199 30.47 -8.60 -16.60
N LEU C 200 29.16 -8.80 -16.69
CA LEU C 200 28.53 -10.05 -16.30
C LEU C 200 28.42 -10.92 -17.55
N GLU C 201 29.42 -11.77 -17.76
CA GLU C 201 29.55 -12.56 -18.98
C GLU C 201 29.02 -13.96 -18.75
N LEU C 202 27.88 -14.28 -19.35
CA LEU C 202 27.43 -15.67 -19.41
C LEU C 202 28.40 -16.48 -20.26
N ASP C 203 28.54 -17.76 -19.91
CA ASP C 203 29.48 -18.59 -20.63
C ASP C 203 29.03 -18.81 -22.07
N LYS C 204 29.95 -19.31 -22.89
CA LYS C 204 29.74 -19.33 -24.33
C LYS C 204 28.49 -20.11 -24.72
N THR C 205 27.70 -19.53 -25.61
CA THR C 205 26.58 -20.21 -26.25
C THR C 205 26.53 -19.76 -27.71
N VAL C 206 26.61 -20.72 -28.63
CA VAL C 206 26.79 -20.39 -30.03
C VAL C 206 25.58 -19.63 -30.57
N GLU C 207 24.36 -20.09 -30.26
CA GLU C 207 23.15 -19.53 -30.85
C GLU C 207 22.47 -18.49 -29.97
N HIS C 208 22.32 -18.76 -28.68
CA HIS C 208 21.61 -17.84 -27.80
C HIS C 208 22.37 -16.54 -27.65
N LEU C 209 21.66 -15.42 -27.77
CA LEU C 209 22.23 -14.09 -27.60
C LEU C 209 21.36 -13.29 -26.63
N PRO C 210 21.96 -12.32 -25.92
CA PRO C 210 23.36 -11.91 -25.90
C PRO C 210 24.13 -12.59 -24.77
N THR C 211 25.40 -12.25 -24.57
CA THR C 211 26.21 -12.86 -23.52
C THR C 211 26.86 -11.85 -22.58
N ALA C 212 27.28 -10.69 -23.08
CA ALA C 212 27.97 -9.70 -22.28
C ALA C 212 26.99 -8.64 -21.79
N TRP C 213 27.39 -7.96 -20.71
CA TRP C 213 26.57 -6.91 -20.12
C TRP C 213 27.49 -5.99 -19.32
N GLN C 214 26.95 -4.83 -18.93
CA GLN C 214 27.58 -3.96 -17.96
C GLN C 214 26.55 -3.62 -16.89
N VAL C 215 26.92 -3.82 -15.63
CA VAL C 215 26.00 -3.67 -14.52
C VAL C 215 26.71 -2.95 -13.38
N HIS C 216 25.98 -2.08 -12.68
CA HIS C 216 26.55 -1.34 -11.57
C HIS C 216 27.13 -2.33 -10.56
N ARG C 217 28.32 -2.03 -10.07
CA ARG C 217 29.04 -2.99 -9.23
C ARG C 217 28.19 -3.47 -8.07
N ASP C 218 27.40 -2.56 -7.48
CA ASP C 218 26.57 -2.94 -6.34
C ASP C 218 25.59 -4.05 -6.71
N TRP C 219 24.95 -3.94 -7.87
CA TRP C 219 24.01 -4.97 -8.27
C TRP C 219 24.70 -6.31 -8.46
N PHE C 220 25.78 -6.33 -9.24
CA PHE C 220 26.47 -7.58 -9.51
C PHE C 220 27.06 -8.19 -8.24
N ASN C 221 27.32 -7.37 -7.23
CA ASN C 221 27.87 -7.85 -5.96
C ASN C 221 26.78 -8.27 -4.98
N ASP C 222 25.52 -8.25 -5.39
CA ASP C 222 24.41 -8.57 -4.52
C ASP C 222 23.53 -9.71 -5.03
N LEU C 223 23.83 -10.29 -6.18
CA LEU C 223 23.02 -11.37 -6.71
C LEU C 223 22.90 -12.49 -5.69
N ALA C 224 21.66 -12.97 -5.48
CA ALA C 224 21.38 -14.02 -4.50
C ALA C 224 21.59 -15.37 -5.19
N LEU C 225 22.85 -15.81 -5.24
CA LEU C 225 23.22 -17.05 -5.88
C LEU C 225 24.54 -17.51 -5.27
N PRO C 226 24.89 -18.79 -5.43
CA PRO C 226 26.20 -19.25 -4.96
C PRO C 226 27.32 -18.53 -5.71
N TRP C 227 28.43 -18.30 -5.00
CA TRP C 227 29.55 -17.57 -5.57
C TRP C 227 30.86 -18.13 -5.06
N LYS C 228 31.91 -17.96 -5.85
CA LYS C 228 33.25 -18.37 -5.48
C LYS C 228 34.25 -17.61 -6.33
N HIS C 229 35.46 -17.47 -5.80
CA HIS C 229 36.57 -16.92 -6.58
C HIS C 229 37.25 -18.03 -7.36
N GLU C 230 37.75 -17.67 -8.55
CA GLU C 230 38.41 -18.67 -9.39
C GLU C 230 39.57 -19.30 -8.63
N GLY C 231 39.68 -20.62 -8.74
CA GLY C 231 40.69 -21.35 -8.01
C GLY C 231 40.24 -21.90 -6.68
N ALA C 232 38.95 -21.82 -6.37
CA ALA C 232 38.40 -22.38 -5.13
C ALA C 232 37.55 -23.58 -5.50
N GLN C 233 37.87 -24.74 -4.92
CA GLN C 233 37.18 -25.96 -5.27
C GLN C 233 35.72 -25.94 -4.78
N ASN C 234 35.49 -25.41 -3.59
CA ASN C 234 34.16 -25.42 -3.01
C ASN C 234 33.27 -24.38 -3.70
N TRP C 235 32.05 -24.26 -3.18
CA TRP C 235 31.10 -23.24 -3.61
C TRP C 235 30.55 -22.56 -2.35
N ASN C 236 31.16 -21.45 -1.96
CA ASN C 236 30.75 -20.74 -0.77
C ASN C 236 29.27 -20.36 -0.87
N ASN C 237 28.54 -20.58 0.22
CA ASN C 237 27.14 -20.20 0.30
C ASN C 237 26.32 -20.86 -0.82
N ALA C 238 26.25 -22.19 -0.75
CA ALA C 238 25.57 -22.99 -1.76
C ALA C 238 24.16 -23.39 -1.37
N GLU C 239 23.61 -22.82 -0.29
CA GLU C 239 22.26 -23.12 0.14
C GLU C 239 21.21 -22.30 -0.60
N ARG C 240 21.61 -21.43 -1.52
CA ARG C 240 20.67 -20.60 -2.23
C ARG C 240 19.97 -21.32 -3.39
N LEU C 241 20.46 -22.49 -3.77
CA LEU C 241 19.87 -23.26 -4.86
C LEU C 241 19.47 -24.65 -4.42
N VAL C 242 19.04 -24.79 -3.16
CA VAL C 242 18.64 -26.07 -2.61
C VAL C 242 17.56 -25.83 -1.56
N GLU C 243 16.42 -26.49 -1.72
CA GLU C 243 15.34 -26.43 -0.74
C GLU C 243 15.04 -27.83 -0.24
N PHE C 244 14.93 -27.96 1.08
CA PHE C 244 14.76 -29.26 1.72
C PHE C 244 13.29 -29.55 1.96
N GLY C 245 12.89 -30.78 1.69
CA GLY C 245 11.53 -31.19 1.90
C GLY C 245 11.23 -31.37 3.39
N ALA C 246 9.98 -31.73 3.66
CA ALA C 246 9.55 -31.88 5.04
C ALA C 246 10.24 -33.08 5.67
N PRO C 247 10.37 -33.11 7.00
CA PRO C 247 10.95 -34.28 7.68
C PRO C 247 9.93 -35.41 7.80
N HIS C 248 10.21 -36.51 7.11
CA HIS C 248 9.36 -37.70 7.15
C HIS C 248 10.14 -38.82 7.82
N ALA C 249 10.05 -38.90 9.14
CA ALA C 249 10.72 -39.97 9.88
C ALA C 249 12.21 -39.96 9.58
N VAL C 250 12.65 -40.77 8.62
CA VAL C 250 14.07 -40.85 8.29
C VAL C 250 14.37 -40.17 6.96
N LYS C 251 13.43 -40.23 6.01
CA LYS C 251 13.65 -39.61 4.72
C LYS C 251 13.56 -38.09 4.82
N MET C 252 14.39 -37.41 4.02
CA MET C 252 14.28 -35.96 3.86
C MET C 252 14.86 -35.63 2.49
N ASP C 253 13.98 -35.47 1.50
CA ASP C 253 14.44 -35.22 0.14
C ASP C 253 15.07 -33.84 0.05
N VAL C 254 15.92 -33.66 -0.96
CA VAL C 254 16.64 -32.41 -1.19
C VAL C 254 16.36 -32.01 -2.64
N TYR C 255 15.33 -31.19 -2.84
CA TYR C 255 14.95 -30.77 -4.18
C TYR C 255 15.99 -29.82 -4.75
N ASN C 256 15.88 -29.59 -6.06
CA ASN C 256 16.79 -28.71 -6.79
C ASN C 256 15.97 -27.62 -7.47
N LEU C 257 16.37 -26.36 -7.28
CA LEU C 257 15.63 -25.25 -7.84
C LEU C 257 15.77 -25.14 -9.35
N GLY C 258 16.67 -25.90 -9.95
CA GLY C 258 16.79 -25.92 -11.40
C GLY C 258 17.56 -24.74 -11.96
N ASP C 259 17.50 -24.64 -13.29
CA ASP C 259 18.23 -23.59 -13.98
C ASP C 259 17.71 -22.21 -13.58
N GLN C 260 18.61 -21.23 -13.55
CA GLN C 260 18.26 -19.86 -13.23
C GLN C 260 18.66 -18.88 -14.33
N THR C 261 19.27 -19.33 -15.42
CA THR C 261 19.67 -18.42 -16.48
C THR C 261 18.47 -17.67 -17.05
N GLY C 262 17.31 -18.31 -17.10
CA GLY C 262 16.13 -17.62 -17.59
C GLY C 262 15.78 -16.40 -16.76
N VAL C 263 15.78 -16.55 -15.44
CA VAL C 263 15.46 -15.42 -14.57
C VAL C 263 16.49 -14.31 -14.73
N LEU C 264 17.78 -14.68 -14.78
CA LEU C 264 18.82 -13.68 -14.92
C LEU C 264 18.67 -12.90 -16.22
N LEU C 265 18.38 -13.60 -17.32
CA LEU C 265 18.13 -12.90 -18.58
C LEU C 265 16.91 -12.00 -18.48
N LYS C 266 15.85 -12.49 -17.83
CA LYS C 266 14.65 -11.67 -17.65
C LYS C 266 14.94 -10.43 -16.83
N ALA C 267 15.97 -10.48 -15.98
CA ALA C 267 16.30 -9.36 -15.11
C ALA C 267 17.30 -8.39 -15.74
N LEU C 268 17.68 -8.59 -17.00
CA LEU C 268 18.62 -7.71 -17.69
C LEU C 268 18.01 -7.13 -18.95
N ALA C 269 16.70 -6.97 -18.99
CA ALA C 269 16.06 -6.33 -20.13
C ALA C 269 16.45 -4.87 -20.20
N GLY C 270 16.76 -4.41 -21.41
CA GLY C 270 17.14 -3.02 -21.61
C GLY C 270 18.44 -2.63 -20.94
N VAL C 271 19.46 -3.47 -21.06
CA VAL C 271 20.80 -3.17 -20.54
C VAL C 271 21.76 -3.23 -21.72
N PRO C 272 22.62 -2.21 -21.91
CA PRO C 272 23.43 -2.17 -23.12
C PRO C 272 24.42 -3.33 -23.18
N VAL C 273 24.31 -4.13 -24.24
CA VAL C 273 25.24 -5.23 -24.43
C VAL C 273 26.66 -4.68 -24.52
N ALA C 274 27.57 -5.28 -23.76
CA ALA C 274 28.95 -4.79 -23.75
C ALA C 274 29.68 -5.29 -24.98
N HIS C 275 30.23 -4.35 -25.75
CA HIS C 275 30.96 -4.72 -26.95
C HIS C 275 32.13 -5.63 -26.60
N ILE C 276 32.27 -6.72 -27.35
CA ILE C 276 33.37 -7.65 -27.18
C ILE C 276 33.97 -7.92 -28.55
N GLU C 277 35.29 -7.89 -28.64
CA GLU C 277 36.00 -8.07 -29.90
C GLU C 277 37.23 -8.93 -29.62
N GLY C 278 37.17 -10.19 -30.03
CA GLY C 278 38.26 -11.10 -29.70
C GLY C 278 38.42 -11.18 -28.20
N THR C 279 39.66 -11.03 -27.74
CA THR C 279 39.96 -11.01 -26.32
C THR C 279 39.95 -9.61 -25.74
N LYS C 280 39.59 -8.60 -26.53
CA LYS C 280 39.59 -7.21 -26.08
C LYS C 280 38.22 -6.86 -25.51
N TYR C 281 38.22 -6.23 -24.35
CA TYR C 281 37.00 -5.74 -23.72
C TYR C 281 36.92 -4.23 -23.92
N HIS C 282 35.83 -3.77 -24.51
CA HIS C 282 35.72 -2.38 -24.94
C HIS C 282 34.99 -1.53 -23.90
N LEU C 283 35.53 -0.35 -23.66
CA LEU C 283 34.83 0.68 -22.90
C LEU C 283 33.95 1.48 -23.85
N LYS C 284 33.23 2.46 -23.31
CA LYS C 284 32.37 3.29 -24.13
C LYS C 284 32.46 4.78 -23.83
N SER C 285 33.03 5.19 -22.70
CA SER C 285 33.13 6.59 -22.34
C SER C 285 34.53 6.90 -21.84
N GLY C 286 35.11 7.96 -22.39
CA GLY C 286 36.46 8.36 -22.02
C GLY C 286 36.92 9.48 -22.92
N HIS C 287 38.10 9.99 -22.61
CA HIS C 287 38.68 11.08 -23.40
C HIS C 287 40.18 11.11 -23.20
N VAL C 288 40.87 11.75 -24.13
CA VAL C 288 42.31 11.90 -24.10
C VAL C 288 42.65 13.37 -24.30
N THR C 289 43.43 13.93 -23.40
CA THR C 289 43.91 15.31 -23.50
C THR C 289 45.35 15.25 -24.01
N CYS C 290 45.49 15.18 -25.34
CA CYS C 290 46.77 14.91 -25.96
C CYS C 290 47.38 16.18 -26.52
N GLU C 291 48.71 16.15 -26.66
CA GLU C 291 49.48 17.24 -27.25
C GLU C 291 50.12 16.71 -28.55
N VAL C 292 49.88 17.42 -29.64
CA VAL C 292 50.32 16.99 -30.97
C VAL C 292 51.57 17.76 -31.36
N GLY C 293 52.58 17.04 -31.84
CA GLY C 293 53.79 17.67 -32.32
C GLY C 293 53.76 17.88 -33.83
N LEU C 294 54.42 18.95 -34.28
CA LEU C 294 54.44 19.27 -35.69
C LEU C 294 55.81 19.75 -36.15
N GLU C 295 56.88 19.38 -35.44
CA GLU C 295 58.20 19.93 -35.74
C GLU C 295 58.69 19.50 -37.12
N LYS C 296 58.48 18.24 -37.49
CA LYS C 296 59.10 17.69 -38.68
C LYS C 296 58.09 17.19 -39.71
N LEU C 297 57.05 17.97 -39.98
CA LEU C 297 56.10 17.67 -41.04
C LEU C 297 56.45 18.47 -42.29
N LYS C 298 56.47 17.78 -43.43
CA LYS C 298 56.81 18.40 -44.71
C LYS C 298 55.61 18.27 -45.64
N MET C 299 55.25 19.38 -46.30
CA MET C 299 54.21 19.35 -47.30
C MET C 299 54.77 18.85 -48.63
N LYS C 300 53.92 18.15 -49.37
CA LYS C 300 54.32 17.42 -50.56
C LYS C 300 53.89 18.15 -51.82
N GLY C 301 54.62 17.90 -52.90
CA GLY C 301 54.24 18.43 -54.20
C GLY C 301 54.30 19.94 -54.29
N LEU C 302 55.34 20.55 -53.72
CA LEU C 302 55.48 22.00 -53.79
C LEU C 302 56.00 22.46 -55.14
N THR C 303 56.81 21.65 -55.81
CA THR C 303 57.47 22.04 -57.05
C THR C 303 56.92 21.27 -58.25
N TYR C 304 55.61 21.03 -58.26
CA TYR C 304 54.98 20.41 -59.43
C TYR C 304 54.72 21.45 -60.50
N THR C 305 54.37 20.96 -61.69
CA THR C 305 54.04 21.84 -62.81
C THR C 305 52.61 22.33 -62.64
N MET C 306 52.08 22.98 -63.68
CA MET C 306 50.72 23.52 -63.67
C MET C 306 49.92 22.89 -64.78
N CYS C 307 48.75 22.36 -64.44
CA CYS C 307 47.84 21.84 -65.46
C CYS C 307 47.33 22.96 -66.34
N ASP C 308 47.15 22.64 -67.63
CA ASP C 308 46.56 23.60 -68.54
C ASP C 308 45.17 23.98 -68.03
N LYS C 309 44.92 25.30 -67.96
CA LYS C 309 43.69 25.78 -67.33
C LYS C 309 42.44 25.28 -68.03
N THR C 310 42.50 25.02 -69.33
CA THR C 310 41.30 24.64 -70.08
C THR C 310 40.80 23.27 -69.68
N LYS C 311 41.71 22.30 -69.50
CA LYS C 311 41.31 20.90 -69.34
C LYS C 311 40.88 20.59 -67.91
N PHE C 312 39.59 20.68 -67.61
CA PHE C 312 39.06 20.31 -66.31
C PHE C 312 37.58 19.96 -66.46
N THR C 313 37.09 19.10 -65.56
CA THR C 313 35.69 18.73 -65.53
C THR C 313 35.33 18.25 -64.14
N TRP C 314 34.09 18.46 -63.74
CA TRP C 314 33.65 18.13 -62.39
C TRP C 314 33.34 16.64 -62.26
N LYS C 315 33.26 16.20 -61.01
CA LYS C 315 32.72 14.88 -60.65
C LYS C 315 31.64 14.98 -59.61
N ARG C 316 31.75 15.92 -58.67
CA ARG C 316 30.73 16.18 -57.67
C ARG C 316 30.57 17.67 -57.50
N ALA C 317 29.32 18.13 -57.46
CA ALA C 317 29.06 19.54 -57.25
C ALA C 317 29.36 19.92 -55.80
N PRO C 318 29.81 21.14 -55.55
CA PRO C 318 30.05 21.56 -54.16
C PRO C 318 28.76 21.47 -53.35
N THR C 319 28.91 21.04 -52.10
CA THR C 319 27.78 20.86 -51.21
C THR C 319 28.18 21.27 -49.80
N ASP C 320 27.17 21.57 -48.99
CA ASP C 320 27.42 21.95 -47.60
C ASP C 320 27.81 20.72 -46.80
N SER C 321 29.05 20.70 -46.29
CA SER C 321 29.55 19.54 -45.57
C SER C 321 28.74 19.30 -44.29
N GLY C 322 28.40 20.36 -43.57
CA GLY C 322 27.71 20.25 -42.30
C GLY C 322 28.42 20.88 -41.13
N HIS C 323 29.59 21.48 -41.36
CA HIS C 323 30.36 22.16 -40.33
C HIS C 323 30.86 23.50 -40.84
N ASP C 324 30.03 24.18 -41.64
CA ASP C 324 30.41 25.45 -42.24
C ASP C 324 31.65 25.29 -43.13
N THR C 325 31.68 24.21 -43.91
CA THR C 325 32.76 23.95 -44.83
C THR C 325 32.18 23.52 -46.18
N VAL C 326 32.93 23.77 -47.24
CA VAL C 326 32.53 23.43 -48.60
C VAL C 326 33.36 22.25 -49.05
N VAL C 327 32.69 21.16 -49.42
CA VAL C 327 33.33 19.94 -49.88
C VAL C 327 33.16 19.86 -51.39
N MET C 328 34.27 19.75 -52.11
CA MET C 328 34.26 19.74 -53.56
C MET C 328 35.20 18.65 -54.06
N GLU C 329 34.86 18.08 -55.21
CA GLU C 329 35.68 17.04 -55.82
C GLU C 329 35.66 17.21 -57.34
N VAL C 330 36.84 17.02 -57.95
CA VAL C 330 36.98 17.07 -59.39
C VAL C 330 37.81 15.88 -59.84
N THR C 331 37.66 15.52 -61.11
CA THR C 331 38.43 14.45 -61.73
C THR C 331 38.99 14.96 -63.04
N PHE C 332 40.29 14.73 -63.26
CA PHE C 332 40.99 15.21 -64.44
C PHE C 332 41.66 14.05 -65.14
N SER C 333 41.71 14.10 -66.47
CA SER C 333 42.22 13.01 -67.30
C SER C 333 43.18 13.55 -68.36
N GLY C 334 44.13 14.38 -67.94
CA GLY C 334 45.15 14.86 -68.85
C GLY C 334 46.55 14.63 -68.31
N THR C 335 47.49 15.51 -68.68
CA THR C 335 48.87 15.36 -68.23
C THR C 335 48.95 15.42 -66.72
N LYS C 336 49.70 14.50 -66.13
CA LYS C 336 49.88 14.43 -64.69
C LYS C 336 51.36 14.20 -64.37
N PRO C 337 51.82 14.59 -63.17
CA PRO C 337 51.09 15.30 -62.10
C PRO C 337 51.19 16.82 -62.23
N CYS C 338 50.40 17.58 -61.49
CA CYS C 338 50.39 19.03 -61.58
C CYS C 338 49.80 19.58 -60.30
N ARG C 339 49.46 20.87 -60.32
CA ARG C 339 48.72 21.53 -59.26
C ARG C 339 47.37 22.00 -59.79
N ILE C 340 46.46 22.26 -58.87
CA ILE C 340 45.13 22.81 -59.19
C ILE C 340 45.11 24.26 -58.74
N PRO C 341 45.04 25.24 -59.66
CA PRO C 341 45.06 26.65 -59.25
C PRO C 341 43.72 27.10 -58.67
N VAL C 342 43.29 26.44 -57.60
CA VAL C 342 42.01 26.75 -56.99
C VAL C 342 42.00 28.19 -56.51
N ARG C 343 40.87 28.87 -56.69
CA ARG C 343 40.69 30.21 -56.14
C ARG C 343 39.21 30.57 -56.23
N ALA C 344 38.74 31.29 -55.22
CA ALA C 344 37.37 31.77 -55.18
C ALA C 344 37.41 33.27 -54.89
N VAL C 345 36.69 34.04 -55.71
CA VAL C 345 36.69 35.50 -55.61
C VAL C 345 35.32 35.96 -55.14
N ALA C 346 35.30 36.79 -54.12
CA ALA C 346 34.05 37.34 -53.62
C ALA C 346 33.39 38.21 -54.67
N HIS C 347 32.07 38.18 -54.70
CA HIS C 347 31.32 38.96 -55.70
C HIS C 347 31.70 40.42 -55.61
N GLY C 348 32.02 41.02 -56.76
CA GLY C 348 32.45 42.40 -56.82
C GLY C 348 33.93 42.62 -56.60
N SER C 349 34.68 41.57 -56.29
CA SER C 349 36.13 41.66 -56.06
C SER C 349 36.82 40.57 -56.87
N PRO C 350 36.89 40.74 -58.20
CA PRO C 350 37.45 39.68 -59.05
C PRO C 350 38.93 39.41 -58.80
N ASP C 351 39.66 40.33 -58.16
CA ASP C 351 41.09 40.16 -57.99
C ASP C 351 41.46 39.50 -56.67
N VAL C 352 40.66 39.69 -55.63
CA VAL C 352 40.98 39.21 -54.29
C VAL C 352 40.26 37.89 -54.07
N ASN C 353 41.02 36.86 -53.68
CA ASN C 353 40.45 35.57 -53.32
C ASN C 353 40.31 35.47 -51.81
N VAL C 354 39.27 34.77 -51.36
CA VAL C 354 38.97 34.65 -49.94
C VAL C 354 38.80 33.19 -49.56
N ALA C 355 39.41 32.29 -50.34
CA ALA C 355 39.33 30.86 -50.09
C ALA C 355 40.63 30.39 -49.45
N MET C 356 40.52 29.83 -48.24
CA MET C 356 41.65 29.22 -47.55
C MET C 356 41.46 27.71 -47.59
N LEU C 357 42.41 27.01 -48.19
CA LEU C 357 42.27 25.58 -48.44
C LEU C 357 42.60 24.78 -47.20
N ILE C 358 41.68 23.90 -46.80
CA ILE C 358 42.02 22.91 -45.78
C ILE C 358 42.98 21.88 -46.36
N THR C 359 42.72 21.41 -47.56
CA THR C 359 43.63 20.48 -48.23
C THR C 359 44.96 21.19 -48.49
N PRO C 360 46.09 20.60 -48.13
CA PRO C 360 47.39 21.28 -48.32
C PRO C 360 47.84 21.21 -49.76
N ASN C 361 47.75 22.34 -50.46
CA ASN C 361 48.21 22.42 -51.84
C ASN C 361 47.60 21.30 -52.67
N PRO C 362 46.31 21.40 -53.02
CA PRO C 362 45.67 20.28 -53.72
C PRO C 362 46.43 19.90 -54.98
N THR C 363 46.52 18.60 -55.23
CA THR C 363 47.38 18.07 -56.27
C THR C 363 46.68 16.93 -56.98
N ILE C 364 47.08 16.70 -58.23
CA ILE C 364 46.59 15.57 -59.02
C ILE C 364 47.72 14.55 -59.10
N GLU C 365 47.47 13.37 -58.54
CA GLU C 365 48.45 12.29 -58.55
C GLU C 365 48.08 11.25 -59.60
N ASN C 366 48.93 10.25 -59.77
CA ASN C 366 48.61 9.14 -60.66
C ASN C 366 47.35 8.43 -60.18
N ASN C 367 47.26 8.17 -58.88
CA ASN C 367 46.07 7.61 -58.27
C ASN C 367 45.47 8.64 -57.32
N GLY C 368 44.18 8.92 -57.47
CA GLY C 368 43.56 9.89 -56.60
C GLY C 368 43.94 11.31 -56.99
N GLY C 369 43.68 12.23 -56.05
CA GLY C 369 43.93 13.63 -56.27
C GLY C 369 42.75 14.31 -56.94
N GLY C 370 42.28 15.41 -56.38
CA GLY C 370 41.16 16.13 -56.94
C GLY C 370 40.16 16.57 -55.89
N PHE C 371 40.06 15.82 -54.80
CA PHE C 371 39.16 16.18 -53.72
C PHE C 371 39.72 17.36 -52.96
N ILE C 372 38.96 18.45 -52.88
CA ILE C 372 39.39 19.69 -52.25
C ILE C 372 38.28 20.19 -51.34
N GLU C 373 38.62 20.50 -50.10
CA GLU C 373 37.69 21.07 -49.14
C GLU C 373 38.13 22.49 -48.82
N MET C 374 37.16 23.41 -48.76
CA MET C 374 37.45 24.82 -48.54
C MET C 374 36.50 25.39 -47.51
N GLN C 375 36.96 26.44 -46.83
CA GLN C 375 36.15 27.24 -45.93
C GLN C 375 36.16 28.67 -46.46
N LEU C 376 34.98 29.26 -46.61
CA LEU C 376 34.85 30.55 -47.27
C LEU C 376 34.03 31.51 -46.41
N PRO C 377 34.24 32.82 -46.57
CA PRO C 377 33.47 33.77 -45.79
C PRO C 377 32.03 33.84 -46.28
N PRO C 378 31.10 34.28 -45.43
CA PRO C 378 29.71 34.38 -45.87
C PRO C 378 29.55 35.40 -46.99
N GLY C 379 28.56 35.14 -47.84
CA GLY C 379 28.23 36.01 -48.96
C GLY C 379 28.13 35.20 -50.24
N ASP C 380 28.08 35.92 -51.36
CA ASP C 380 28.00 35.30 -52.67
C ASP C 380 29.40 35.24 -53.27
N ASN C 381 29.80 34.06 -53.71
CA ASN C 381 31.15 33.85 -54.24
C ASN C 381 31.09 32.92 -55.43
N ILE C 382 32.11 33.02 -56.28
CA ILE C 382 32.26 32.20 -57.47
C ILE C 382 33.56 31.41 -57.34
N ILE C 383 33.45 30.09 -57.35
CA ILE C 383 34.61 29.22 -57.19
C ILE C 383 35.25 29.00 -58.55
N TYR C 384 36.54 29.29 -58.65
CA TYR C 384 37.29 29.16 -59.90
C TYR C 384 38.28 28.01 -59.76
N VAL C 385 38.28 27.11 -60.74
CA VAL C 385 39.26 26.03 -60.83
C VAL C 385 39.60 25.89 -62.31
N GLY C 386 40.80 26.34 -62.69
CA GLY C 386 41.16 26.37 -64.10
C GLY C 386 40.20 27.23 -64.89
N GLU C 387 39.36 26.59 -65.71
CA GLU C 387 38.30 27.27 -66.44
C GLU C 387 36.91 26.91 -65.93
N LEU C 388 36.80 25.97 -65.00
CA LEU C 388 35.51 25.65 -64.41
C LEU C 388 35.08 26.76 -63.46
N SER C 389 33.76 26.86 -63.26
CA SER C 389 33.21 27.89 -62.39
C SER C 389 31.93 27.37 -61.75
N HIS C 390 31.54 27.99 -60.64
CA HIS C 390 30.32 27.67 -59.94
C HIS C 390 29.92 28.85 -59.07
N GLN C 391 28.63 28.96 -58.76
CA GLN C 391 28.13 30.03 -57.91
C GLN C 391 27.64 29.44 -56.60
N TRP C 392 28.19 29.94 -55.49
CA TRP C 392 27.91 29.38 -54.18
C TRP C 392 27.83 30.49 -53.14
N PHE C 393 26.95 30.32 -52.16
CA PHE C 393 26.82 31.23 -51.04
C PHE C 393 26.70 30.42 -49.76
N GLN C 394 27.13 31.02 -48.65
CA GLN C 394 27.12 30.37 -47.35
C GLN C 394 25.96 30.87 -46.50
N LYS C 395 25.87 30.35 -45.29
CA LYS C 395 24.88 30.77 -44.32
C LYS C 395 25.56 31.16 -43.01
N GLY C 396 24.95 32.10 -42.30
CA GLY C 396 25.53 32.61 -41.08
C GLY C 396 26.41 33.83 -41.33
N SER C 397 27.03 34.31 -40.25
CA SER C 397 27.84 35.51 -40.29
C SER C 397 29.15 35.28 -39.54
N SER C 398 30.15 36.09 -39.89
CA SER C 398 31.46 35.96 -39.26
C SER C 398 31.35 36.09 -37.74
N ILE C 399 30.41 36.92 -37.26
CA ILE C 399 30.17 37.00 -35.84
C ILE C 399 29.75 35.64 -35.30
N GLY C 400 28.95 34.92 -36.07
CA GLY C 400 28.56 33.57 -35.70
C GLY C 400 29.78 32.66 -35.59
N ARG C 401 30.71 32.80 -36.54
CA ARG C 401 31.93 31.99 -36.49
C ARG C 401 32.74 32.30 -35.24
N VAL C 402 32.87 33.58 -34.89
CA VAL C 402 33.62 33.96 -33.70
C VAL C 402 32.95 33.38 -32.45
N PHE C 403 31.62 33.50 -32.38
CA PHE C 403 30.90 32.97 -31.23
C PHE C 403 31.08 31.46 -31.12
N GLN C 404 31.00 30.76 -32.25
CA GLN C 404 31.18 29.31 -32.24
C GLN C 404 32.57 28.94 -31.79
N LYS C 405 33.59 29.67 -32.26
CA LYS C 405 34.95 29.39 -31.84
C LYS C 405 35.11 29.60 -30.33
N THR C 406 34.53 30.68 -29.81
CA THR C 406 34.61 30.92 -28.36
C THR C 406 33.93 29.82 -27.58
N LYS C 407 32.75 29.39 -28.02
CA LYS C 407 32.04 28.32 -27.33
C LYS C 407 32.83 27.01 -27.37
N LYS C 408 33.42 26.70 -28.53
CA LYS C 408 34.22 25.49 -28.64
C LYS C 408 35.44 25.55 -27.73
N GLY C 409 36.09 26.71 -27.65
CA GLY C 409 37.21 26.86 -26.74
C GLY C 409 36.81 26.67 -25.29
N ILE C 410 35.67 27.24 -24.90
CA ILE C 410 35.19 27.08 -23.53
C ILE C 410 34.92 25.61 -23.24
N GLU C 411 34.26 24.91 -24.18
CA GLU C 411 33.97 23.50 -23.97
C GLU C 411 35.24 22.67 -23.87
N ARG C 412 36.22 22.96 -24.73
CA ARG C 412 37.47 22.21 -24.69
C ARG C 412 38.21 22.44 -23.37
N LEU C 413 38.25 23.69 -22.90
CA LEU C 413 38.91 23.97 -21.63
C LEU C 413 38.14 23.37 -20.46
N THR C 414 36.83 23.18 -20.61
CA THR C 414 36.04 22.61 -19.52
C THR C 414 36.31 21.12 -19.35
N VAL C 415 36.49 20.40 -20.46
CA VAL C 415 36.63 18.95 -20.38
C VAL C 415 38.02 18.54 -19.88
N ILE C 416 39.00 19.43 -19.92
CA ILE C 416 40.35 19.12 -19.48
C ILE C 416 40.58 19.70 -18.10
N GLY C 417 39.49 19.89 -17.35
CA GLY C 417 39.60 20.56 -16.05
C GLY C 417 40.55 19.85 -15.10
N GLU C 418 40.51 18.51 -15.07
CA GLU C 418 41.33 17.77 -14.14
C GLU C 418 42.82 18.03 -14.33
N HIS C 419 43.25 18.39 -15.55
CA HIS C 419 44.66 18.60 -15.84
C HIS C 419 44.88 19.87 -16.67
N ALA C 420 44.26 20.97 -16.28
CA ALA C 420 44.37 22.22 -17.03
C ALA C 420 45.29 23.24 -16.36
N TRP C 421 45.48 23.15 -15.05
CA TRP C 421 46.31 24.12 -14.35
C TRP C 421 46.79 23.52 -13.03
N ASP C 422 47.80 24.17 -12.45
CA ASP C 422 48.36 23.74 -11.17
C ASP C 422 49.01 24.94 -10.50
N PHE C 423 48.94 24.99 -9.17
CA PHE C 423 49.47 26.10 -8.39
C PHE C 423 50.62 25.65 -7.48
N GLY C 424 51.31 24.57 -7.85
CA GLY C 424 52.43 24.12 -7.04
C GLY C 424 53.52 25.16 -6.94
N SER C 425 53.82 25.83 -8.05
CA SER C 425 54.82 26.88 -8.09
C SER C 425 54.29 28.06 -8.87
N ALA C 426 54.85 29.24 -8.60
CA ALA C 426 54.40 30.44 -9.27
C ALA C 426 54.60 30.34 -10.79
N GLY C 427 55.76 29.84 -11.20
CA GLY C 427 56.01 29.68 -12.63
C GLY C 427 55.04 28.71 -13.28
N GLY C 428 54.76 27.59 -12.60
CA GLY C 428 53.80 26.64 -13.13
C GLY C 428 52.40 27.24 -13.25
N PHE C 429 51.99 28.01 -12.25
CA PHE C 429 50.69 28.66 -12.32
C PHE C 429 50.63 29.65 -13.46
N LEU C 430 51.71 30.42 -13.66
CA LEU C 430 51.74 31.37 -14.76
C LEU C 430 51.65 30.65 -16.11
N SER C 431 52.40 29.55 -16.25
CA SER C 431 52.35 28.79 -17.49
C SER C 431 50.95 28.22 -17.73
N SER C 432 50.31 27.71 -16.68
CA SER C 432 48.97 27.16 -16.83
C SER C 432 47.98 28.25 -17.23
N ILE C 433 48.10 29.44 -16.62
CA ILE C 433 47.21 30.54 -16.97
C ILE C 433 47.41 30.94 -18.43
N GLY C 434 48.68 31.02 -18.86
CA GLY C 434 48.94 31.36 -20.24
C GLY C 434 48.38 30.33 -21.21
N LYS C 435 48.54 29.04 -20.88
CA LYS C 435 48.00 28.00 -21.73
C LYS C 435 46.48 28.07 -21.80
N ALA C 436 45.82 28.32 -20.66
CA ALA C 436 44.36 28.42 -20.67
C ALA C 436 43.90 29.61 -21.49
N VAL C 437 44.57 30.75 -21.35
CA VAL C 437 44.20 31.94 -22.11
C VAL C 437 44.38 31.68 -23.61
N HIS C 438 45.49 31.05 -23.98
CA HIS C 438 45.71 30.71 -25.38
C HIS C 438 44.62 29.79 -25.89
N THR C 439 44.28 28.75 -25.11
CA THR C 439 43.23 27.83 -25.54
C THR C 439 41.90 28.55 -25.73
N VAL C 440 41.59 29.51 -24.85
CA VAL C 440 40.30 30.16 -24.89
C VAL C 440 40.22 31.25 -25.96
N LEU C 441 41.35 31.84 -26.36
CA LEU C 441 41.32 32.97 -27.28
C LEU C 441 42.06 32.76 -28.60
N GLY C 442 42.62 31.57 -28.85
CA GLY C 442 43.38 31.38 -30.07
C GLY C 442 42.52 31.50 -31.33
N GLY C 443 41.36 30.86 -31.32
CA GLY C 443 40.48 30.96 -32.48
C GLY C 443 40.01 32.39 -32.72
N ALA C 444 39.65 33.09 -31.64
CA ALA C 444 39.22 34.47 -31.78
C ALA C 444 40.33 35.34 -32.35
N PHE C 445 41.56 35.18 -31.84
CA PHE C 445 42.67 35.97 -32.36
C PHE C 445 42.95 35.64 -33.81
N ASN C 446 42.94 34.35 -34.17
CA ASN C 446 43.24 33.95 -35.54
C ASN C 446 42.19 34.49 -36.51
N SER C 447 40.92 34.38 -36.15
CA SER C 447 39.85 34.86 -37.04
C SER C 447 39.86 36.39 -37.14
N ILE C 448 39.99 37.07 -36.00
CA ILE C 448 39.98 38.53 -36.01
C ILE C 448 41.27 39.06 -36.63
N PHE C 449 42.40 38.49 -36.23
CA PHE C 449 43.72 38.95 -36.68
C PHE C 449 44.37 37.87 -37.52
N GLY C 450 44.77 38.24 -38.74
CA GLY C 450 45.46 37.31 -39.62
C GLY C 450 46.57 37.97 -40.42
N GLY C 451 47.78 37.45 -40.28
CA GLY C 451 48.90 37.97 -41.05
C GLY C 451 49.26 39.41 -40.75
N VAL C 452 48.81 39.94 -39.61
CA VAL C 452 49.11 41.33 -39.27
C VAL C 452 50.61 41.52 -39.11
N GLY C 453 51.26 40.60 -38.41
CA GLY C 453 52.69 40.64 -38.18
C GLY C 453 53.04 41.19 -36.81
N PHE C 454 54.32 41.04 -36.46
CA PHE C 454 54.79 41.50 -35.16
C PHE C 454 54.64 43.01 -35.02
N LEU C 455 55.03 43.76 -36.05
CA LEU C 455 54.91 45.22 -35.99
C LEU C 455 53.47 45.67 -35.83
N PRO C 456 52.51 45.18 -36.62
CA PRO C 456 51.12 45.58 -36.39
C PRO C 456 50.62 45.23 -35.01
N LYS C 457 51.01 44.07 -34.48
CA LYS C 457 50.59 43.69 -33.13
C LYS C 457 51.17 44.64 -32.09
N LEU C 458 52.45 45.00 -32.23
CA LEU C 458 53.05 45.93 -31.29
C LEU C 458 52.38 47.30 -31.36
N LEU C 459 52.09 47.77 -32.58
CA LEU C 459 51.43 49.07 -32.71
C LEU C 459 50.04 49.02 -32.08
N LEU C 460 49.29 47.94 -32.31
CA LEU C 460 47.96 47.82 -31.73
C LEU C 460 48.03 47.79 -30.20
N GLY C 461 48.99 47.04 -29.66
CA GLY C 461 49.13 46.99 -28.21
C GLY C 461 49.46 48.34 -27.62
N VAL C 462 50.40 49.05 -28.24
CA VAL C 462 50.78 50.37 -27.73
C VAL C 462 49.60 51.33 -27.81
N ALA C 463 48.87 51.32 -28.93
CA ALA C 463 47.73 52.22 -29.08
C ALA C 463 46.66 51.91 -28.06
N LEU C 464 46.36 50.62 -27.84
CA LEU C 464 45.35 50.25 -26.86
C LEU C 464 45.77 50.63 -25.45
N ALA C 465 47.05 50.43 -25.11
CA ALA C 465 47.53 50.82 -23.79
C ALA C 465 47.42 52.34 -23.60
N TRP C 466 47.77 53.11 -24.63
CA TRP C 466 47.62 54.56 -24.53
C TRP C 466 46.15 54.96 -24.38
N LEU C 467 45.25 54.29 -25.10
CA LEU C 467 43.82 54.59 -24.98
C LEU C 467 43.31 54.26 -23.58
N GLY C 468 43.79 53.17 -22.98
CA GLY C 468 43.35 52.82 -21.64
C GLY C 468 43.72 53.89 -20.62
N LEU C 469 44.91 54.47 -20.74
CA LEU C 469 45.37 55.49 -19.82
C LEU C 469 44.77 56.86 -20.10
N ASN C 470 44.07 57.03 -21.23
CA ASN C 470 43.46 58.30 -21.57
C ASN C 470 42.19 58.52 -20.76
N MET C 471 41.57 59.68 -20.96
CA MET C 471 40.37 60.03 -20.20
C MET C 471 39.21 59.10 -20.56
N ARG C 472 38.42 58.75 -19.57
CA ARG C 472 37.24 57.90 -19.74
C ARG C 472 36.51 57.85 -18.41
N ASN C 473 35.38 57.15 -18.40
CA ASN C 473 34.60 56.99 -17.18
C ASN C 473 35.38 56.13 -16.18
N PRO C 474 35.13 56.32 -14.88
CA PRO C 474 35.89 55.55 -13.88
C PRO C 474 35.77 54.05 -14.04
N THR C 475 34.60 53.55 -14.42
CA THR C 475 34.37 52.12 -14.61
C THR C 475 34.38 51.72 -16.07
N MET C 476 34.73 52.62 -16.99
CA MET C 476 34.74 52.35 -18.42
C MET C 476 36.13 52.03 -18.93
N SER C 477 36.92 51.30 -18.14
CA SER C 477 38.29 50.96 -18.48
C SER C 477 38.44 49.53 -19.02
N MET C 478 37.36 48.95 -19.54
CA MET C 478 37.44 47.62 -20.13
C MET C 478 38.40 47.59 -21.32
N SER C 479 38.69 48.75 -21.91
CA SER C 479 39.68 48.80 -22.98
C SER C 479 41.04 48.33 -22.49
N PHE C 480 41.38 48.58 -21.23
CA PHE C 480 42.66 48.12 -20.70
C PHE C 480 42.72 46.59 -20.70
N LEU C 481 41.66 45.93 -20.23
CA LEU C 481 41.63 44.47 -20.23
C LEU C 481 41.65 43.93 -21.65
N LEU C 482 40.91 44.57 -22.56
CA LEU C 482 40.94 44.13 -23.95
C LEU C 482 42.33 44.24 -24.55
N ALA C 483 43.03 45.34 -24.27
CA ALA C 483 44.39 45.53 -24.77
C ALA C 483 45.32 44.47 -24.19
N GLY C 484 45.21 44.20 -22.89
CA GLY C 484 46.03 43.17 -22.29
C GLY C 484 45.80 41.81 -22.92
N GLY C 485 44.53 41.45 -23.13
CA GLY C 485 44.24 40.17 -23.77
C GLY C 485 44.77 40.09 -25.18
N LEU C 486 44.59 41.17 -25.96
CA LEU C 486 45.10 41.17 -27.33
C LEU C 486 46.61 41.05 -27.36
N VAL C 487 47.30 41.77 -26.47
CA VAL C 487 48.76 41.69 -26.42
C VAL C 487 49.20 40.28 -26.05
N LEU C 488 48.54 39.68 -25.05
CA LEU C 488 48.89 38.32 -24.65
C LEU C 488 48.69 37.34 -25.80
N ALA C 489 47.57 37.46 -26.52
CA ALA C 489 47.31 36.57 -27.63
C ALA C 489 48.35 36.74 -28.74
N MET C 490 48.69 37.99 -29.05
CA MET C 490 49.65 38.28 -30.11
C MET C 490 51.10 38.18 -29.65
N THR C 491 51.34 37.96 -28.35
CA THR C 491 52.71 37.86 -27.87
C THR C 491 53.44 36.69 -28.53
N LEU C 492 52.78 35.55 -28.65
CA LEU C 492 53.39 34.37 -29.27
C LEU C 492 53.60 34.59 -30.77
N THR D 1 -20.05 -49.85 -16.14
CA THR D 1 -19.42 -49.74 -17.48
C THR D 1 -17.92 -49.58 -17.36
N VAL D 2 -17.18 -50.08 -18.34
CA VAL D 2 -15.72 -49.98 -18.36
C VAL D 2 -15.27 -49.54 -19.75
N ARG D 3 -14.09 -48.94 -19.81
CA ARG D 3 -13.52 -48.49 -21.08
C ARG D 3 -12.01 -48.69 -21.07
N LYS D 4 -11.32 -48.15 -22.09
CA LYS D 4 -9.87 -48.22 -22.16
C LYS D 4 -9.39 -46.99 -22.89
N GLU D 5 -8.71 -46.10 -22.18
CA GLU D 5 -8.17 -44.90 -22.81
C GLU D 5 -6.88 -45.23 -23.56
N ARG D 6 -6.44 -44.30 -24.40
CA ARG D 6 -5.28 -44.52 -25.25
C ARG D 6 -3.97 -44.51 -24.47
N ASP D 7 -3.95 -43.90 -23.28
CA ASP D 7 -2.73 -43.81 -22.49
C ASP D 7 -2.53 -45.00 -21.55
N GLY D 8 -3.42 -45.98 -21.59
CA GLY D 8 -3.29 -47.16 -20.75
C GLY D 8 -3.95 -47.07 -19.40
N SER D 9 -4.87 -46.13 -19.20
CA SER D 9 -5.57 -45.96 -17.94
C SER D 9 -7.05 -46.27 -18.14
N THR D 10 -7.59 -47.14 -17.29
CA THR D 10 -9.00 -47.50 -17.40
C THR D 10 -9.89 -46.36 -16.94
N VAL D 11 -11.17 -46.44 -17.31
CA VAL D 11 -12.16 -45.43 -16.94
C VAL D 11 -13.45 -46.17 -16.61
N ILE D 12 -13.79 -46.24 -15.32
CA ILE D 12 -15.00 -46.92 -14.88
C ILE D 12 -16.13 -45.89 -14.90
N ARG D 13 -16.76 -45.76 -16.06
CA ARG D 13 -17.86 -44.81 -16.20
C ARG D 13 -19.09 -45.32 -15.47
N ALA D 14 -19.25 -44.93 -14.21
CA ALA D 14 -20.32 -45.44 -13.38
C ALA D 14 -21.61 -44.66 -13.60
N GLU D 15 -22.65 -45.03 -12.88
CA GLU D 15 -23.96 -44.41 -12.98
C GLU D 15 -24.64 -44.49 -11.63
N GLY D 16 -25.91 -44.09 -11.58
CA GLY D 16 -26.61 -44.01 -10.31
C GLY D 16 -26.76 -45.38 -9.63
N LYS D 17 -27.07 -46.41 -10.41
CA LYS D 17 -27.37 -47.72 -9.86
C LYS D 17 -26.13 -48.49 -9.44
N ASP D 18 -24.94 -48.01 -9.75
CA ASP D 18 -23.70 -48.72 -9.45
C ASP D 18 -23.22 -48.49 -8.02
N ALA D 19 -23.93 -47.68 -7.24
CA ALA D 19 -23.49 -47.36 -5.90
C ALA D 19 -23.36 -48.62 -5.06
N ALA D 20 -22.29 -48.69 -4.27
CA ALA D 20 -22.05 -49.81 -3.35
C ALA D 20 -21.98 -51.14 -4.09
N THR D 21 -21.51 -51.12 -5.34
CA THR D 21 -21.37 -52.32 -6.14
C THR D 21 -19.91 -52.78 -6.12
N GLN D 22 -19.62 -53.81 -6.91
CA GLN D 22 -18.27 -54.38 -7.01
C GLN D 22 -18.00 -54.65 -8.49
N VAL D 23 -17.43 -53.67 -9.18
CA VAL D 23 -17.17 -53.78 -10.61
C VAL D 23 -15.88 -54.56 -10.82
N ARG D 24 -15.83 -55.32 -11.91
CA ARG D 24 -14.70 -56.18 -12.23
C ARG D 24 -13.97 -55.63 -13.44
N VAL D 25 -12.67 -55.35 -13.27
CA VAL D 25 -11.86 -54.73 -14.30
C VAL D 25 -10.54 -55.48 -14.41
N GLU D 26 -10.17 -55.87 -15.63
CA GLU D 26 -8.91 -56.58 -15.88
C GLU D 26 -8.70 -57.69 -14.86
N ASN D 27 -7.44 -57.94 -14.47
CA ASN D 27 -7.14 -59.08 -13.61
C ASN D 27 -7.73 -58.94 -12.21
N GLY D 28 -8.19 -57.75 -11.82
CA GLY D 28 -8.67 -57.51 -10.49
C GLY D 28 -10.15 -57.11 -10.47
N THR D 29 -10.63 -56.83 -9.26
CA THR D 29 -11.99 -56.40 -9.03
C THR D 29 -11.97 -55.24 -8.04
N CYS D 30 -13.01 -54.40 -8.08
CA CYS D 30 -13.07 -53.29 -7.14
C CYS D 30 -14.48 -52.73 -7.06
N VAL D 31 -14.65 -51.80 -6.12
CA VAL D 31 -15.97 -51.35 -5.69
C VAL D 31 -16.13 -49.86 -5.93
N ILE D 32 -17.32 -49.34 -5.64
CA ILE D 32 -17.61 -47.92 -5.77
C ILE D 32 -18.42 -47.48 -4.57
N LEU D 33 -17.78 -46.84 -3.60
CA LEU D 33 -18.47 -46.40 -2.38
C LEU D 33 -19.17 -45.06 -2.55
N ALA D 34 -18.98 -44.39 -3.68
CA ALA D 34 -19.63 -43.11 -3.90
C ALA D 34 -21.14 -43.27 -3.80
N THR D 35 -21.80 -42.27 -3.21
CA THR D 35 -23.23 -42.36 -2.96
C THR D 35 -23.96 -41.07 -3.35
N ASP D 36 -23.48 -40.41 -4.40
CA ASP D 36 -24.18 -39.24 -4.93
C ASP D 36 -24.22 -39.26 -6.45
N MET D 37 -24.05 -40.43 -7.06
CA MET D 37 -24.03 -40.53 -8.51
C MET D 37 -25.41 -40.19 -9.09
N GLY D 38 -25.47 -40.16 -10.41
CA GLY D 38 -26.71 -39.92 -11.13
C GLY D 38 -26.60 -40.47 -12.52
N SER D 39 -27.25 -39.80 -13.47
CA SER D 39 -27.15 -40.18 -14.87
C SER D 39 -25.84 -39.63 -15.44
N TRP D 40 -25.69 -39.67 -16.76
CA TRP D 40 -24.52 -39.16 -17.44
C TRP D 40 -24.89 -37.96 -18.30
N CYS D 41 -24.07 -36.92 -18.25
CA CYS D 41 -24.27 -35.73 -19.06
C CYS D 41 -22.97 -34.94 -19.06
N ASP D 42 -23.03 -33.68 -19.51
CA ASP D 42 -21.84 -32.85 -19.53
C ASP D 42 -21.26 -32.69 -18.13
N ASP D 43 -22.12 -32.54 -17.12
CA ASP D 43 -21.68 -32.35 -15.74
C ASP D 43 -21.16 -33.68 -15.20
N SER D 44 -19.90 -33.97 -15.54
CA SER D 44 -19.28 -35.25 -15.24
C SER D 44 -18.03 -35.05 -14.40
N LEU D 45 -18.01 -35.66 -13.22
CA LEU D 45 -16.83 -35.68 -12.38
C LEU D 45 -16.00 -36.91 -12.69
N SER D 46 -14.68 -36.77 -12.57
CA SER D 46 -13.77 -37.87 -12.87
C SER D 46 -12.50 -37.68 -12.04
N TYR D 47 -12.38 -38.46 -10.98
CA TYR D 47 -11.24 -38.39 -10.08
C TYR D 47 -10.55 -39.74 -10.01
N GLU D 48 -9.26 -39.72 -9.69
CA GLU D 48 -8.50 -40.94 -9.60
C GLU D 48 -9.09 -41.86 -8.55
N CYS D 49 -9.07 -43.17 -8.83
CA CYS D 49 -9.51 -44.19 -7.88
C CYS D 49 -8.27 -44.89 -7.35
N VAL D 50 -8.07 -44.83 -6.02
CA VAL D 50 -6.82 -45.30 -5.45
C VAL D 50 -6.68 -46.80 -5.64
N THR D 51 -5.46 -47.29 -5.45
CA THR D 51 -5.16 -48.72 -5.49
C THR D 51 -4.41 -49.09 -4.23
N ILE D 52 -4.91 -50.08 -3.51
CA ILE D 52 -4.38 -50.45 -2.20
C ILE D 52 -4.10 -51.95 -2.17
N ASP D 53 -3.21 -52.33 -1.26
CA ASP D 53 -2.82 -53.73 -1.12
C ASP D 53 -3.94 -54.51 -0.43
N GLN D 54 -3.80 -55.84 -0.45
CA GLN D 54 -4.80 -56.70 0.15
C GLN D 54 -4.93 -56.45 1.65
N GLY D 55 -3.80 -56.30 2.34
CA GLY D 55 -3.81 -56.10 3.77
C GLY D 55 -4.01 -54.66 4.17
N GLU D 56 -5.01 -54.00 3.59
CA GLU D 56 -5.30 -52.61 3.91
C GLU D 56 -6.76 -52.32 3.63
N GLU D 57 -7.25 -51.24 4.22
CA GLU D 57 -8.64 -50.80 4.06
C GLU D 57 -8.66 -49.30 3.83
N PRO D 58 -9.63 -48.80 3.07
CA PRO D 58 -9.62 -47.40 2.68
C PRO D 58 -9.84 -46.46 3.85
N VAL D 59 -9.33 -45.24 3.70
CA VAL D 59 -9.58 -44.15 4.63
C VAL D 59 -9.99 -42.93 3.83
N ASP D 60 -11.19 -42.42 4.09
CA ASP D 60 -11.76 -41.26 3.41
C ASP D 60 -11.49 -41.33 1.90
N VAL D 61 -12.00 -42.39 1.29
CA VAL D 61 -11.98 -42.57 -0.16
C VAL D 61 -13.36 -43.04 -0.60
N ASP D 62 -13.68 -42.79 -1.87
CA ASP D 62 -14.93 -43.22 -2.45
C ASP D 62 -14.78 -44.40 -3.41
N CYS D 63 -13.61 -44.57 -4.03
CA CYS D 63 -13.35 -45.70 -4.91
C CYS D 63 -11.95 -46.20 -4.64
N PHE D 64 -11.81 -47.52 -4.52
CA PHE D 64 -10.50 -48.14 -4.34
C PHE D 64 -10.48 -49.46 -5.09
N CYS D 65 -9.45 -49.65 -5.92
CA CYS D 65 -9.33 -50.86 -6.73
C CYS D 65 -8.01 -51.55 -6.48
N ARG D 66 -8.09 -52.83 -6.14
CA ARG D 66 -6.93 -53.66 -5.86
C ARG D 66 -6.53 -54.46 -7.09
N ASN D 67 -5.25 -54.84 -7.14
CA ASN D 67 -4.73 -55.68 -8.22
C ASN D 67 -4.99 -55.06 -9.59
N VAL D 68 -4.83 -53.74 -9.67
CA VAL D 68 -4.95 -53.02 -10.94
C VAL D 68 -4.36 -51.64 -10.74
N ASP D 69 -3.86 -51.05 -11.82
CA ASP D 69 -3.17 -49.76 -11.77
C ASP D 69 -3.86 -48.78 -12.71
N GLY D 70 -4.03 -47.54 -12.24
CA GLY D 70 -4.56 -46.49 -13.09
C GLY D 70 -6.02 -46.67 -13.43
N VAL D 71 -6.90 -46.56 -12.45
CA VAL D 71 -8.34 -46.63 -12.65
C VAL D 71 -8.93 -45.27 -12.29
N TYR D 72 -9.64 -44.66 -13.24
CA TYR D 72 -10.23 -43.34 -13.06
C TYR D 72 -11.74 -43.47 -13.13
N LEU D 73 -12.40 -43.34 -11.98
CA LEU D 73 -13.85 -43.34 -11.95
C LEU D 73 -14.37 -42.05 -12.58
N GLU D 74 -15.59 -42.11 -13.10
CA GLU D 74 -16.15 -40.99 -13.85
C GLU D 74 -17.66 -41.15 -13.91
N TYR D 75 -18.39 -40.22 -13.31
CA TYR D 75 -19.85 -40.31 -13.25
C TYR D 75 -20.47 -38.94 -13.44
N GLY D 76 -21.68 -38.92 -14.00
CA GLY D 76 -22.37 -37.67 -14.21
C GLY D 76 -23.19 -37.29 -12.98
N ARG D 77 -23.07 -36.05 -12.55
CA ARG D 77 -23.72 -35.57 -11.33
C ARG D 77 -25.13 -35.05 -11.57
N CYS D 78 -25.61 -35.04 -12.81
CA CYS D 78 -26.93 -34.53 -13.15
C CYS D 78 -27.91 -35.68 -13.27
N GLY D 79 -29.19 -35.33 -13.41
CA GLY D 79 -30.26 -36.30 -13.47
C GLY D 79 -31.01 -36.51 -12.18
N LYS D 80 -30.71 -35.73 -11.14
CA LYS D 80 -31.37 -35.81 -9.85
C LYS D 80 -31.79 -34.41 -9.40
N GLN D 81 -32.46 -34.35 -8.26
CA GLN D 81 -32.93 -33.08 -7.72
C GLN D 81 -31.81 -32.38 -6.94
N GLU D 82 -31.98 -31.08 -6.76
CA GLU D 82 -31.00 -30.27 -6.04
C GLU D 82 -30.79 -30.81 -4.64
N THR D 86 -26.42 -26.64 -0.16
CA THR D 86 -25.35 -26.82 -1.13
C THR D 86 -25.13 -25.56 -1.95
N ARG D 87 -26.19 -24.78 -2.14
CA ARG D 87 -26.15 -23.56 -2.94
C ARG D 87 -26.63 -22.38 -2.11
N ARG D 88 -25.85 -21.31 -2.13
CA ARG D 88 -26.17 -20.08 -1.42
C ARG D 88 -26.13 -18.92 -2.42
N SER D 89 -27.15 -18.07 -2.35
CA SER D 89 -27.22 -16.92 -3.23
C SER D 89 -26.16 -15.89 -2.86
N VAL D 90 -25.64 -15.20 -3.87
CA VAL D 90 -24.67 -14.13 -3.65
C VAL D 90 -25.41 -12.90 -3.13
N LEU D 91 -24.66 -11.99 -2.50
CA LEU D 91 -25.23 -10.79 -1.92
C LEU D 91 -25.04 -9.63 -2.89
N ILE D 92 -26.15 -9.10 -3.41
CA ILE D 92 -26.12 -7.94 -4.30
C ILE D 92 -26.95 -6.83 -3.66
N PRO D 93 -26.42 -5.61 -3.54
CA PRO D 93 -27.18 -4.56 -2.86
C PRO D 93 -28.47 -4.23 -3.59
N SER D 94 -29.49 -3.88 -2.81
CA SER D 94 -30.75 -3.42 -3.38
C SER D 94 -30.58 -2.05 -4.01
N HIS D 95 -31.43 -1.76 -4.99
CA HIS D 95 -31.34 -0.50 -5.71
C HIS D 95 -31.81 0.66 -4.84
N ASP D 111 -39.41 20.03 1.18
CA ASP D 111 -38.01 20.39 1.44
C ASP D 111 -37.50 21.37 0.40
N SER D 112 -38.32 22.35 0.05
CA SER D 112 -37.92 23.34 -0.95
C SER D 112 -36.70 24.13 -0.49
N LEU D 113 -36.69 24.55 0.78
CA LEU D 113 -35.61 25.35 1.33
C LEU D 113 -34.95 24.70 2.53
N ARG D 114 -35.29 23.44 2.84
CA ARG D 114 -34.68 22.77 3.98
C ARG D 114 -33.19 22.53 3.75
N THR D 115 -32.84 21.97 2.59
CA THR D 115 -31.44 21.66 2.30
C THR D 115 -30.61 22.93 2.21
N HIS D 116 -31.15 23.98 1.57
CA HIS D 116 -30.36 25.19 1.37
C HIS D 116 -29.93 25.80 2.70
N LEU D 117 -30.85 25.88 3.66
CA LEU D 117 -30.50 26.40 4.98
C LEU D 117 -29.46 25.52 5.65
N THR D 118 -29.65 24.21 5.60
CA THR D 118 -28.69 23.30 6.21
C THR D 118 -27.33 23.39 5.54
N ARG D 119 -27.31 23.44 4.21
CA ARG D 119 -26.04 23.54 3.50
C ARG D 119 -25.32 24.84 3.83
N VAL D 120 -26.06 25.95 3.90
CA VAL D 120 -25.45 27.23 4.24
C VAL D 120 -24.90 27.19 5.66
N GLU D 121 -25.67 26.62 6.59
CA GLU D 121 -25.19 26.52 7.97
C GLU D 121 -23.93 25.68 8.05
N GLY D 122 -23.89 24.57 7.30
CA GLY D 122 -22.69 23.75 7.29
C GLY D 122 -21.49 24.47 6.72
N TRP D 123 -21.69 25.21 5.62
CA TRP D 123 -20.60 25.98 5.05
C TRP D 123 -20.10 27.03 6.03
N VAL D 124 -21.01 27.69 6.74
CA VAL D 124 -20.60 28.69 7.72
C VAL D 124 -19.82 28.04 8.86
N TRP D 125 -20.33 26.92 9.39
CA TRP D 125 -19.66 26.27 10.50
C TRP D 125 -18.28 25.77 10.11
N LYS D 126 -18.17 25.14 8.95
CA LYS D 126 -16.87 24.67 8.47
C LYS D 126 -15.99 25.81 7.97
N ASN D 127 -16.55 26.99 7.79
CA ASN D 127 -15.83 28.18 7.33
C ASN D 127 -16.14 29.37 8.22
N LYS D 128 -16.05 29.16 9.53
CA LYS D 128 -16.34 30.23 10.47
C LYS D 128 -15.52 31.48 10.18
N LEU D 129 -14.27 31.30 9.75
CA LEU D 129 -13.45 32.45 9.37
C LEU D 129 -14.09 33.21 8.21
N LEU D 130 -14.63 32.48 7.22
CA LEU D 130 -15.28 33.16 6.10
C LEU D 130 -16.48 33.95 6.55
N ALA D 131 -17.30 33.38 7.44
CA ALA D 131 -18.47 34.10 7.94
C ALA D 131 -18.06 35.34 8.73
N LEU D 132 -17.03 35.20 9.58
CA LEU D 132 -16.57 36.35 10.35
C LEU D 132 -16.05 37.45 9.43
N ALA D 133 -15.29 37.07 8.40
CA ALA D 133 -14.79 38.06 7.45
C ALA D 133 -15.94 38.74 6.70
N MET D 134 -16.95 37.96 6.31
CA MET D 134 -18.09 38.53 5.61
C MET D 134 -18.83 39.53 6.49
N VAL D 135 -19.04 39.19 7.76
CA VAL D 135 -19.71 40.11 8.67
C VAL D 135 -18.88 41.37 8.87
N THR D 136 -17.58 41.21 9.11
CA THR D 136 -16.71 42.35 9.35
C THR D 136 -16.62 43.24 8.12
N VAL D 137 -16.73 42.67 6.91
CA VAL D 137 -16.67 43.49 5.70
C VAL D 137 -17.82 44.49 5.71
N VAL D 138 -19.04 44.01 5.91
CA VAL D 138 -20.19 44.90 5.97
C VAL D 138 -20.05 45.87 7.14
N TRP D 139 -19.51 45.39 8.26
CA TRP D 139 -19.40 46.23 9.45
C TRP D 139 -18.49 47.42 9.20
N LEU D 140 -17.35 47.19 8.53
CA LEU D 140 -16.28 48.20 8.46
C LEU D 140 -16.13 48.80 7.07
N THR D 141 -15.91 47.99 6.04
CA THR D 141 -15.54 48.53 4.73
C THR D 141 -16.77 48.87 3.90
N LEU D 142 -17.70 47.92 3.74
CA LEU D 142 -18.88 48.17 2.94
C LEU D 142 -19.70 49.32 3.53
N GLU D 143 -19.86 49.34 4.85
CA GLU D 143 -20.65 50.36 5.53
C GLU D 143 -22.03 50.49 4.90
N SER D 144 -22.76 49.37 4.94
CA SER D 144 -24.08 49.23 4.32
C SER D 144 -25.08 48.67 5.32
N VAL D 145 -25.15 49.29 6.50
CA VAL D 145 -26.04 48.78 7.54
C VAL D 145 -27.46 48.63 7.03
N VAL D 146 -27.94 49.59 6.24
CA VAL D 146 -29.27 49.47 5.65
C VAL D 146 -29.34 48.27 4.72
N THR D 147 -28.31 48.09 3.89
CA THR D 147 -28.21 46.95 2.99
C THR D 147 -27.30 45.85 3.52
N ARG D 148 -26.92 45.92 4.80
CA ARG D 148 -26.07 44.89 5.38
C ARG D 148 -26.76 43.54 5.37
N VAL D 149 -28.08 43.51 5.59
CA VAL D 149 -28.82 42.26 5.55
C VAL D 149 -28.73 41.64 4.17
N ALA D 150 -28.92 42.46 3.13
CA ALA D 150 -28.83 41.96 1.76
C ALA D 150 -27.42 41.48 1.46
N VAL D 151 -26.40 42.22 1.91
CA VAL D 151 -25.02 41.82 1.66
C VAL D 151 -24.73 40.47 2.33
N LEU D 152 -25.17 40.30 3.58
CA LEU D 152 -24.97 39.04 4.26
C LEU D 152 -25.71 37.90 3.56
N VAL D 153 -26.93 38.15 3.10
CA VAL D 153 -27.69 37.12 2.40
C VAL D 153 -26.95 36.71 1.12
N VAL D 154 -26.43 37.68 0.38
CA VAL D 154 -25.70 37.37 -0.84
C VAL D 154 -24.44 36.57 -0.51
N LEU D 155 -23.73 36.96 0.55
CA LEU D 155 -22.53 36.23 0.93
C LEU D 155 -22.86 34.79 1.30
N LEU D 156 -23.94 34.59 2.06
CA LEU D 156 -24.35 33.23 2.42
C LEU D 156 -24.71 32.43 1.17
N CYS D 157 -25.45 33.04 0.24
CA CYS D 157 -25.78 32.36 -1.01
C CYS D 157 -24.54 32.08 -1.85
N LEU D 158 -23.44 32.79 -1.61
CA LEU D 158 -22.20 32.54 -2.33
C LEU D 158 -21.59 31.19 -1.97
N ALA D 159 -22.05 30.55 -0.89
CA ALA D 159 -21.59 29.23 -0.49
C ALA D 159 -22.81 28.34 -0.24
N PRO D 160 -23.52 27.96 -1.31
CA PRO D 160 -24.73 27.14 -1.26
C PRO D 160 -24.53 25.84 -0.49
N THR E 1 -19.64 -56.44 17.92
CA THR E 1 -19.87 -55.80 16.59
C THR E 1 -21.36 -55.56 16.36
N VAL E 2 -22.19 -56.45 16.89
CA VAL E 2 -23.64 -56.33 16.80
C VAL E 2 -24.20 -56.53 18.20
N ARG E 3 -24.89 -55.51 18.72
CA ARG E 3 -25.50 -55.55 20.04
C ARG E 3 -26.98 -55.22 19.91
N LYS E 4 -27.82 -55.97 20.62
CA LYS E 4 -29.26 -55.74 20.63
C LYS E 4 -29.60 -54.97 21.90
N GLU E 5 -29.87 -53.68 21.76
CA GLU E 5 -30.17 -52.83 22.90
C GLU E 5 -31.55 -53.15 23.44
N ARG E 6 -31.83 -52.63 24.63
CA ARG E 6 -33.09 -52.90 25.33
C ARG E 6 -34.19 -51.93 24.94
N ASP E 7 -33.93 -50.99 24.03
CA ASP E 7 -34.93 -50.05 23.57
C ASP E 7 -35.65 -50.51 22.32
N GLY E 8 -35.36 -51.71 21.83
CA GLY E 8 -35.98 -52.19 20.61
C GLY E 8 -35.25 -51.84 19.34
N SER E 9 -33.94 -51.60 19.40
CA SER E 9 -33.15 -51.27 18.23
C SER E 9 -31.79 -51.93 18.35
N THR E 10 -31.13 -52.11 17.21
CA THR E 10 -29.83 -52.76 17.13
C THR E 10 -28.78 -51.73 16.73
N VAL E 11 -27.64 -51.75 17.42
CA VAL E 11 -26.54 -50.82 17.15
C VAL E 11 -25.35 -51.64 16.64
N ILE E 12 -24.83 -51.25 15.48
CA ILE E 12 -23.68 -51.90 14.87
C ILE E 12 -22.43 -51.15 15.33
N ARG E 13 -21.50 -51.88 15.91
CA ARG E 13 -20.28 -51.30 16.49
C ARG E 13 -19.11 -51.67 15.58
N ALA E 14 -18.54 -50.67 14.91
CA ALA E 14 -17.57 -50.90 13.86
C ALA E 14 -16.21 -50.31 14.23
N GLU E 15 -15.16 -50.97 13.76
CA GLU E 15 -13.79 -50.53 13.92
C GLU E 15 -13.29 -49.99 12.58
N GLY E 16 -12.02 -49.59 12.55
CA GLY E 16 -11.44 -49.08 11.31
C GLY E 16 -11.36 -50.15 10.23
N LYS E 17 -11.02 -51.38 10.61
CA LYS E 17 -10.88 -52.46 9.65
C LYS E 17 -12.20 -52.87 9.01
N ASP E 18 -13.34 -52.45 9.56
CA ASP E 18 -14.65 -52.91 9.12
C ASP E 18 -15.23 -52.04 8.02
N ALA E 19 -14.49 -51.07 7.51
CA ALA E 19 -15.02 -50.16 6.50
C ALA E 19 -15.30 -50.89 5.19
N ALA E 20 -16.43 -50.55 4.56
CA ALA E 20 -16.79 -51.07 3.25
C ALA E 20 -16.95 -52.59 3.29
N THR E 21 -17.79 -53.06 4.21
CA THR E 21 -18.08 -54.49 4.31
C THR E 21 -19.58 -54.71 4.43
N GLN E 22 -20.00 -55.97 4.57
CA GLN E 22 -21.41 -56.34 4.69
C GLN E 22 -21.55 -57.18 5.95
N VAL E 23 -22.31 -56.66 6.92
CA VAL E 23 -22.48 -57.31 8.22
C VAL E 23 -23.94 -57.69 8.37
N ARG E 24 -24.18 -58.94 8.76
CA ARG E 24 -25.54 -59.44 8.92
C ARG E 24 -26.12 -59.03 10.26
N VAL E 25 -27.39 -58.62 10.25
CA VAL E 25 -28.11 -58.25 11.45
C VAL E 25 -29.52 -58.82 11.37
N GLU E 26 -29.98 -59.42 12.47
CA GLU E 26 -31.32 -59.99 12.55
C GLU E 26 -31.61 -60.84 11.31
N ASN E 27 -32.44 -60.31 10.40
CA ASN E 27 -32.81 -61.01 9.18
C ASN E 27 -32.37 -60.29 7.92
N GLY E 28 -31.85 -59.07 8.04
CA GLY E 28 -31.42 -58.30 6.89
C GLY E 28 -29.91 -58.18 6.80
N THR E 29 -29.48 -57.31 5.87
CA THR E 29 -28.06 -57.09 5.61
C THR E 29 -27.76 -55.61 5.74
N CYS E 30 -26.82 -55.26 6.61
CA CYS E 30 -26.30 -53.90 6.72
C CYS E 30 -24.93 -53.86 6.08
N VAL E 31 -24.72 -52.90 5.18
CA VAL E 31 -23.47 -52.75 4.45
C VAL E 31 -22.85 -51.43 4.87
N ILE E 32 -21.95 -51.48 5.84
CA ILE E 32 -21.25 -50.28 6.29
C ILE E 32 -20.53 -49.65 5.12
N LEU E 33 -20.64 -48.34 4.99
CA LEU E 33 -20.06 -47.62 3.87
C LEU E 33 -19.17 -46.45 4.28
N ALA E 34 -19.35 -45.92 5.48
CA ALA E 34 -18.48 -44.86 5.97
C ALA E 34 -17.05 -45.36 6.05
N THR E 35 -16.11 -44.47 5.75
CA THR E 35 -14.71 -44.85 5.60
C THR E 35 -13.76 -44.11 6.53
N ASP E 36 -14.25 -43.17 7.34
CA ASP E 36 -13.40 -42.40 8.25
C ASP E 36 -13.46 -42.92 9.68
N MET E 37 -13.57 -44.23 9.86
CA MET E 37 -13.72 -44.81 11.18
C MET E 37 -12.35 -44.91 11.86
N GLY E 38 -12.32 -45.51 13.04
CA GLY E 38 -11.08 -45.66 13.78
C GLY E 38 -11.30 -46.51 15.01
N SER E 39 -10.20 -46.76 15.72
CA SER E 39 -10.27 -47.59 16.93
C SER E 39 -11.22 -46.96 17.94
N TRP E 40 -11.98 -47.80 18.63
CA TRP E 40 -12.99 -47.31 19.55
C TRP E 40 -12.36 -46.55 20.70
N CYS E 41 -13.07 -45.53 21.17
CA CYS E 41 -12.68 -44.73 22.31
C CYS E 41 -13.91 -43.96 22.78
N ASP E 42 -13.70 -42.97 23.66
CA ASP E 42 -14.82 -42.16 24.13
C ASP E 42 -15.46 -41.38 22.99
N ASP E 43 -14.66 -40.87 22.06
CA ASP E 43 -15.20 -40.06 20.96
C ASP E 43 -15.92 -40.96 19.96
N SER E 44 -17.19 -41.23 20.21
CA SER E 44 -17.97 -42.16 19.40
C SER E 44 -19.14 -41.43 18.76
N LEU E 45 -19.22 -41.49 17.44
CA LEU E 45 -20.34 -40.96 16.70
C LEU E 45 -21.28 -42.10 16.32
N SER E 46 -22.59 -41.88 16.51
CA SER E 46 -23.59 -42.89 16.22
C SER E 46 -24.77 -42.21 15.55
N TYR E 47 -24.99 -42.56 14.27
CA TYR E 47 -26.05 -41.95 13.48
C TYR E 47 -26.99 -43.02 12.94
N GLU E 48 -28.23 -42.62 12.70
CA GLU E 48 -29.23 -43.55 12.20
C GLU E 48 -28.77 -44.18 10.89
N CYS E 49 -28.99 -45.48 10.76
CA CYS E 49 -28.69 -46.21 9.54
C CYS E 49 -29.99 -46.41 8.78
N VAL E 50 -30.04 -45.90 7.55
CA VAL E 50 -31.28 -45.88 6.78
C VAL E 50 -31.65 -47.31 6.37
N THR E 51 -32.94 -47.51 6.11
CA THR E 51 -33.45 -48.76 5.55
C THR E 51 -34.21 -48.42 4.27
N ILE E 52 -33.92 -49.18 3.21
CA ILE E 52 -34.43 -48.86 1.88
C ILE E 52 -35.13 -50.08 1.31
N ASP E 53 -36.00 -49.82 0.33
CA ASP E 53 -36.77 -50.88 -0.29
C ASP E 53 -35.88 -51.75 -1.18
N GLN E 54 -36.49 -52.76 -1.80
CA GLN E 54 -35.72 -53.69 -2.62
C GLN E 54 -35.11 -53.00 -3.83
N GLY E 55 -35.86 -52.14 -4.51
CA GLY E 55 -35.44 -51.63 -5.80
C GLY E 55 -34.91 -50.22 -5.78
N GLU E 56 -34.60 -49.68 -4.60
CA GLU E 56 -34.11 -48.32 -4.46
C GLU E 56 -32.64 -48.35 -4.06
N GLU E 57 -31.82 -47.57 -4.76
CA GLU E 57 -30.42 -47.44 -4.41
C GLU E 57 -30.22 -46.31 -3.41
N PRO E 58 -29.14 -46.33 -2.64
CA PRO E 58 -28.91 -45.25 -1.66
C PRO E 58 -28.26 -44.04 -2.29
N VAL E 59 -28.60 -42.87 -1.76
CA VAL E 59 -28.00 -41.61 -2.18
C VAL E 59 -27.76 -40.77 -0.94
N ASP E 60 -26.57 -40.16 -0.87
CA ASP E 60 -26.22 -39.21 0.19
C ASP E 60 -26.27 -39.86 1.58
N VAL E 61 -25.93 -41.13 1.66
CA VAL E 61 -25.83 -41.84 2.94
C VAL E 61 -24.61 -42.75 2.89
N ASP E 62 -24.22 -43.24 4.07
CA ASP E 62 -23.10 -44.17 4.19
C ASP E 62 -23.42 -45.33 5.11
N CYS E 63 -24.69 -45.64 5.33
CA CYS E 63 -25.09 -46.81 6.08
C CYS E 63 -26.53 -47.13 5.72
N PHE E 64 -26.75 -48.22 5.00
CA PHE E 64 -28.10 -48.62 4.64
C PHE E 64 -28.26 -50.12 4.82
N CYS E 65 -29.46 -50.53 5.25
CA CYS E 65 -29.78 -51.92 5.48
C CYS E 65 -31.08 -52.27 4.76
N ARG E 66 -31.28 -53.55 4.52
CA ARG E 66 -32.42 -54.05 3.75
C ARG E 66 -33.24 -55.01 4.60
N ASN E 67 -34.56 -54.90 4.48
CA ASN E 67 -35.51 -55.72 5.21
C ASN E 67 -35.08 -55.94 6.66
N VAL E 68 -34.77 -54.81 7.32
CA VAL E 68 -34.51 -54.80 8.76
C VAL E 68 -34.67 -53.36 9.23
N ASP E 69 -35.39 -53.17 10.32
CA ASP E 69 -35.82 -51.84 10.76
C ASP E 69 -35.17 -51.48 12.09
N GLY E 70 -34.81 -50.22 12.25
CA GLY E 70 -34.24 -49.72 13.49
C GLY E 70 -32.82 -50.18 13.73
N VAL E 71 -31.90 -49.73 12.88
CA VAL E 71 -30.48 -50.06 13.00
C VAL E 71 -29.69 -48.77 13.12
N TYR E 72 -28.78 -48.72 14.10
CA TYR E 72 -27.94 -47.56 14.34
C TYR E 72 -26.48 -47.96 14.22
N LEU E 73 -25.66 -47.04 13.73
CA LEU E 73 -24.22 -47.24 13.63
C LEU E 73 -23.51 -46.54 14.77
N GLU E 74 -22.26 -46.91 14.98
CA GLU E 74 -21.47 -46.37 16.08
C GLU E 74 -20.02 -46.76 15.86
N TYR E 75 -19.13 -45.78 15.94
CA TYR E 75 -17.71 -46.03 15.77
C TYR E 75 -16.91 -44.92 16.40
N GLY E 76 -15.75 -45.28 16.97
CA GLY E 76 -14.89 -44.29 17.58
C GLY E 76 -14.03 -43.57 16.57
N ARG E 77 -13.31 -42.56 17.06
CA ARG E 77 -12.44 -41.75 16.22
C ARG E 77 -11.10 -41.47 16.88
N CYS E 78 -10.52 -42.45 17.56
CA CYS E 78 -9.22 -42.33 18.17
C CYS E 78 -8.22 -43.26 17.48
N GLY E 79 -6.94 -42.94 17.64
CA GLY E 79 -5.89 -43.70 16.99
C GLY E 79 -5.62 -43.19 15.59
N LYS E 80 -6.67 -42.80 14.89
CA LYS E 80 -6.53 -42.25 13.55
C LYS E 80 -5.64 -41.01 13.59
N GLN E 81 -4.73 -40.91 12.61
CA GLN E 81 -3.81 -39.79 12.57
C GLN E 81 -4.58 -38.47 12.53
N GLU E 82 -4.11 -37.50 13.31
CA GLU E 82 -4.79 -36.21 13.39
C GLU E 82 -3.75 -35.09 13.47
N THR E 86 -10.81 -30.45 11.18
CA THR E 86 -10.55 -29.04 10.90
C THR E 86 -9.93 -28.37 12.12
N ARG E 87 -8.61 -28.21 12.10
CA ARG E 87 -7.88 -27.63 13.22
C ARG E 87 -7.68 -26.13 13.00
N ARG E 88 -8.78 -25.41 13.06
CA ARG E 88 -8.75 -23.95 13.06
C ARG E 88 -8.53 -23.46 14.48
N SER E 89 -7.79 -22.35 14.61
CA SER E 89 -7.43 -21.78 15.90
C SER E 89 -8.13 -20.45 16.11
N VAL E 90 -8.58 -20.21 17.34
CA VAL E 90 -9.28 -18.98 17.68
C VAL E 90 -8.32 -17.81 17.64
N LEU E 91 -8.84 -16.59 17.68
CA LEU E 91 -8.05 -15.38 17.62
C LEU E 91 -7.94 -14.79 19.01
N ILE E 92 -6.74 -14.81 19.58
CA ILE E 92 -6.45 -14.26 20.90
C ILE E 92 -5.58 -13.03 20.71
N PRO E 93 -6.10 -11.82 20.89
CA PRO E 93 -5.25 -10.63 20.74
C PRO E 93 -4.21 -10.55 21.84
N SER E 94 -2.99 -10.14 21.47
CA SER E 94 -1.91 -10.03 22.44
C SER E 94 -1.95 -8.67 23.13
N HIS E 95 -0.97 -8.43 23.99
CA HIS E 95 -0.90 -7.17 24.72
C HIS E 95 0.54 -6.86 25.10
N ASP E 111 12.07 12.13 37.10
CA ASP E 111 11.33 11.16 36.30
C ASP E 111 9.92 11.64 36.02
N SER E 112 9.17 11.91 37.09
CA SER E 112 7.80 12.39 36.92
C SER E 112 7.75 13.65 36.07
N LEU E 113 8.56 14.65 36.43
CA LEU E 113 8.66 15.87 35.64
C LEU E 113 9.73 15.77 34.56
N ARG E 114 10.55 14.71 34.57
CA ARG E 114 11.56 14.55 33.53
C ARG E 114 10.90 14.39 32.16
N THR E 115 9.83 13.59 32.08
CA THR E 115 9.08 13.51 30.83
C THR E 115 8.47 14.85 30.47
N HIS E 116 7.90 15.55 31.45
CA HIS E 116 7.33 16.86 31.19
C HIS E 116 8.39 17.83 30.69
N LEU E 117 9.56 17.83 31.32
CA LEU E 117 10.66 18.64 30.83
C LEU E 117 11.09 18.19 29.44
N THR E 118 11.15 16.87 29.22
CA THR E 118 11.49 16.35 27.90
C THR E 118 10.44 16.75 26.88
N ARG E 119 9.16 16.69 27.25
CA ARG E 119 8.10 17.10 26.34
C ARG E 119 8.22 18.58 26.00
N VAL E 120 8.53 19.42 26.99
CA VAL E 120 8.69 20.85 26.74
C VAL E 120 9.86 21.09 25.80
N GLU E 121 10.98 20.41 26.03
CA GLU E 121 12.14 20.57 25.16
C GLU E 121 11.82 20.14 23.73
N GLY E 122 11.10 19.03 23.58
CA GLY E 122 10.72 18.58 22.26
C GLY E 122 9.79 19.55 21.56
N TRP E 123 8.82 20.10 22.30
CA TRP E 123 7.92 21.10 21.72
C TRP E 123 8.69 22.32 21.27
N VAL E 124 9.64 22.80 22.09
CA VAL E 124 10.44 23.95 21.70
C VAL E 124 11.25 23.63 20.45
N TRP E 125 11.86 22.44 20.39
CA TRP E 125 12.67 22.07 19.24
C TRP E 125 11.83 21.99 17.97
N LYS E 126 10.62 21.43 18.07
CA LYS E 126 9.75 21.28 16.92
C LYS E 126 8.78 22.44 16.75
N ASN E 127 8.83 23.44 17.62
CA ASN E 127 8.02 24.64 17.53
C ASN E 127 8.90 25.89 17.62
N LYS E 128 9.95 25.91 16.79
CA LYS E 128 10.91 27.00 16.86
C LYS E 128 10.25 28.35 16.61
N LEU E 129 9.36 28.42 15.62
CA LEU E 129 8.74 29.70 15.28
C LEU E 129 7.92 30.24 16.45
N LEU E 130 7.03 29.42 17.00
CA LEU E 130 6.17 29.89 18.08
C LEU E 130 6.98 30.23 19.33
N ALA E 131 7.97 29.39 19.66
CA ALA E 131 8.80 29.68 20.82
C ALA E 131 9.58 30.98 20.65
N LEU E 132 10.13 31.21 19.45
CA LEU E 132 10.84 32.45 19.19
C LEU E 132 9.91 33.64 19.27
N ALA E 133 8.69 33.51 18.75
CA ALA E 133 7.73 34.60 18.83
C ALA E 133 7.39 34.93 20.29
N MET E 134 7.15 33.90 21.10
CA MET E 134 6.83 34.13 22.51
C MET E 134 8.02 34.78 23.23
N VAL E 135 9.23 34.30 22.96
CA VAL E 135 10.40 34.88 23.61
C VAL E 135 10.57 36.34 23.21
N THR E 136 10.38 36.65 21.92
CA THR E 136 10.49 38.03 21.46
C THR E 136 9.44 38.92 22.10
N VAL E 137 8.21 38.42 22.19
CA VAL E 137 7.15 39.20 22.82
C VAL E 137 7.50 39.50 24.27
N VAL E 138 7.97 38.47 25.00
CA VAL E 138 8.33 38.66 26.40
C VAL E 138 9.46 39.68 26.52
N TRP E 139 10.50 39.54 25.71
CA TRP E 139 11.67 40.39 25.83
C TRP E 139 11.46 41.79 25.25
N LEU E 140 10.36 42.01 24.52
CA LEU E 140 10.06 43.32 23.98
C LEU E 140 8.94 44.05 24.70
N THR E 141 8.14 43.35 25.52
CA THR E 141 7.08 44.01 26.26
C THR E 141 6.98 43.52 27.71
N LEU E 142 8.06 43.00 28.28
CA LEU E 142 8.00 42.49 29.64
C LEU E 142 8.18 43.61 30.67
N GLU E 143 9.33 44.27 30.66
CA GLU E 143 9.65 45.27 31.68
C GLU E 143 9.58 44.65 33.08
N SER E 144 9.74 43.32 33.14
CA SER E 144 9.59 42.57 34.38
C SER E 144 10.73 41.57 34.52
N VAL E 145 11.97 42.05 34.39
CA VAL E 145 13.13 41.18 34.53
C VAL E 145 13.06 40.36 35.81
N VAL E 146 12.52 40.96 36.88
CA VAL E 146 12.32 40.21 38.11
C VAL E 146 11.32 39.08 37.90
N THR E 147 10.21 39.37 37.22
CA THR E 147 9.17 38.40 36.94
C THR E 147 9.25 37.85 35.51
N ARG E 148 10.31 38.20 34.77
CA ARG E 148 10.44 37.69 33.40
C ARG E 148 10.54 36.17 33.40
N VAL E 149 11.32 35.60 34.31
CA VAL E 149 11.43 34.15 34.39
C VAL E 149 10.08 33.53 34.73
N ALA E 150 9.36 34.13 35.67
CA ALA E 150 8.05 33.60 36.06
C ALA E 150 7.09 33.60 34.88
N VAL E 151 7.07 34.69 34.12
CA VAL E 151 6.18 34.77 32.95
C VAL E 151 6.60 33.74 31.91
N LEU E 152 7.91 33.64 31.63
CA LEU E 152 8.38 32.73 30.60
C LEU E 152 8.12 31.28 30.95
N VAL E 153 8.17 30.93 32.24
CA VAL E 153 7.92 29.54 32.63
C VAL E 153 6.52 29.13 32.22
N VAL E 154 5.52 29.95 32.56
CA VAL E 154 4.15 29.65 32.17
C VAL E 154 4.00 29.68 30.66
N LEU E 155 4.61 30.67 30.00
CA LEU E 155 4.49 30.77 28.55
C LEU E 155 5.00 29.52 27.86
N LEU E 156 6.13 29.00 28.31
CA LEU E 156 6.72 27.81 27.69
C LEU E 156 5.95 26.54 28.05
N CYS E 157 5.54 26.40 29.32
CA CYS E 157 4.87 25.18 29.77
C CYS E 157 3.41 25.11 29.37
N LEU E 158 2.83 26.22 28.87
CA LEU E 158 1.41 26.19 28.51
C LEU E 158 1.13 25.19 27.41
N ALA E 159 1.97 25.15 26.39
CA ALA E 159 1.76 24.26 25.25
C ALA E 159 1.79 22.81 25.70
N PRO E 160 0.77 22.00 25.41
CA PRO E 160 0.72 20.59 25.80
C PRO E 160 0.17 19.69 24.70
N THR F 1 19.77 -55.71 -5.69
CA THR F 1 21.23 -55.85 -5.37
C THR F 1 21.47 -55.60 -3.89
N VAL F 2 22.35 -56.42 -3.30
CA VAL F 2 22.73 -56.27 -1.90
C VAL F 2 24.25 -56.37 -1.81
N ARG F 3 24.81 -55.81 -0.75
CA ARG F 3 26.25 -55.85 -0.53
C ARG F 3 26.54 -55.38 0.89
N LYS F 4 27.52 -56.02 1.52
CA LYS F 4 27.90 -55.71 2.89
C LYS F 4 29.16 -54.86 2.86
N GLU F 5 29.07 -53.64 3.41
CA GLU F 5 30.20 -52.74 3.45
C GLU F 5 31.21 -53.22 4.49
N ARG F 6 32.40 -52.62 4.46
CA ARG F 6 33.45 -53.02 5.37
C ARG F 6 33.06 -52.77 6.83
N ASP F 7 32.24 -51.75 7.07
CA ASP F 7 31.83 -51.44 8.44
C ASP F 7 30.90 -52.48 9.04
N GLY F 8 30.39 -53.41 8.23
CA GLY F 8 29.45 -54.40 8.70
C GLY F 8 28.00 -54.04 8.50
N SER F 9 27.70 -53.04 7.68
CA SER F 9 26.34 -52.63 7.39
C SER F 9 26.01 -52.90 5.93
N THR F 10 24.85 -53.52 5.69
CA THR F 10 24.44 -53.89 4.35
C THR F 10 23.73 -52.73 3.67
N VAL F 11 23.89 -52.65 2.34
CA VAL F 11 23.30 -51.59 1.53
C VAL F 11 22.58 -52.23 0.36
N ILE F 12 21.36 -51.76 0.08
CA ILE F 12 20.57 -52.25 -1.05
C ILE F 12 20.56 -51.16 -2.12
N ARG F 13 20.99 -51.51 -3.32
CA ARG F 13 21.04 -50.57 -4.44
C ARG F 13 19.81 -50.81 -5.31
N ALA F 14 18.69 -50.21 -4.90
CA ALA F 14 17.44 -50.39 -5.63
C ALA F 14 17.52 -49.74 -7.01
N GLU F 15 16.72 -50.26 -7.92
CA GLU F 15 16.62 -49.74 -9.29
C GLU F 15 15.19 -49.30 -9.56
N GLY F 16 14.94 -48.86 -10.79
CA GLY F 16 13.63 -48.33 -11.14
C GLY F 16 12.54 -49.39 -11.09
N LYS F 17 12.86 -50.61 -11.53
CA LYS F 17 11.86 -51.66 -11.60
C LYS F 17 11.63 -52.34 -10.25
N ASP F 18 12.45 -52.04 -9.25
CA ASP F 18 12.34 -52.69 -7.95
C ASP F 18 11.24 -52.11 -7.08
N ALA F 19 10.45 -51.17 -7.58
CA ALA F 19 9.41 -50.55 -6.76
C ALA F 19 8.39 -51.58 -6.30
N ALA F 20 8.05 -51.53 -5.01
CA ALA F 20 7.01 -52.38 -4.44
C ALA F 20 7.32 -53.86 -4.67
N THR F 21 8.43 -54.32 -4.07
CA THR F 21 8.84 -55.71 -4.14
C THR F 21 9.52 -56.07 -2.83
N GLN F 22 10.11 -57.26 -2.80
CA GLN F 22 10.82 -57.76 -1.63
C GLN F 22 12.28 -58.01 -1.97
N VAL F 23 13.14 -57.84 -0.97
CA VAL F 23 14.56 -58.15 -1.08
C VAL F 23 14.97 -58.90 0.19
N ARG F 24 15.66 -60.03 0.01
CA ARG F 24 16.06 -60.89 1.11
C ARG F 24 17.51 -60.60 1.47
N VAL F 25 17.75 -60.24 2.72
CA VAL F 25 19.07 -59.89 3.22
C VAL F 25 19.41 -60.81 4.38
N GLU F 26 20.61 -61.38 4.36
CA GLU F 26 21.05 -62.29 5.41
C GLU F 26 19.99 -63.35 5.66
N ASN F 27 19.18 -63.16 6.71
CA ASN F 27 18.06 -64.05 7.01
C ASN F 27 16.72 -63.34 7.03
N GLY F 28 16.70 -62.02 7.20
CA GLY F 28 15.47 -61.25 7.12
C GLY F 28 15.15 -60.81 5.71
N THR F 29 14.07 -60.03 5.59
CA THR F 29 13.61 -59.54 4.31
C THR F 29 13.31 -58.05 4.41
N CYS F 30 13.46 -57.36 3.28
CA CYS F 30 13.23 -55.93 3.19
C CYS F 30 12.06 -55.63 2.26
N VAL F 31 11.34 -54.56 2.57
CA VAL F 31 10.18 -54.12 1.81
C VAL F 31 10.47 -52.72 1.30
N ILE F 32 10.25 -52.50 0.00
CA ILE F 32 10.49 -51.21 -0.64
C ILE F 32 9.16 -50.65 -1.10
N LEU F 33 8.84 -49.44 -0.65
CA LEU F 33 7.62 -48.76 -1.05
C LEU F 33 7.87 -47.46 -1.80
N ALA F 34 9.14 -47.08 -1.98
CA ALA F 34 9.44 -45.82 -2.65
C ALA F 34 8.89 -45.82 -4.08
N THR F 35 8.35 -44.67 -4.49
CA THR F 35 7.80 -44.51 -5.82
C THR F 35 8.47 -43.35 -6.53
N ASP F 36 9.78 -43.15 -6.29
CA ASP F 36 10.53 -42.07 -6.90
C ASP F 36 11.91 -42.53 -7.33
N MET F 37 12.06 -43.83 -7.64
CA MET F 37 13.36 -44.39 -7.95
C MET F 37 13.68 -44.22 -9.43
N GLY F 38 14.83 -44.74 -9.84
CA GLY F 38 15.25 -44.63 -11.22
C GLY F 38 16.62 -45.25 -11.41
N SER F 39 17.14 -45.11 -12.62
CA SER F 39 18.45 -45.66 -12.94
C SER F 39 19.51 -45.07 -12.02
N TRP F 40 20.64 -45.75 -11.93
CA TRP F 40 21.72 -45.32 -11.05
C TRP F 40 22.46 -44.11 -11.63
N CYS F 41 22.92 -43.24 -10.73
CA CYS F 41 23.66 -42.04 -11.10
C CYS F 41 24.47 -41.60 -9.89
N ASP F 42 25.01 -40.38 -9.97
CA ASP F 42 25.58 -39.74 -8.80
C ASP F 42 24.48 -39.24 -7.86
N ASP F 43 23.29 -38.98 -8.39
CA ASP F 43 22.15 -38.51 -7.59
C ASP F 43 21.60 -39.69 -6.79
N SER F 44 22.37 -40.12 -5.81
CA SER F 44 22.03 -41.26 -4.97
C SER F 44 21.58 -40.75 -3.61
N LEU F 45 20.34 -41.07 -3.25
CA LEU F 45 19.77 -40.67 -1.96
C LEU F 45 19.75 -41.89 -1.06
N SER F 46 20.86 -42.12 -0.36
CA SER F 46 21.01 -43.26 0.53
C SER F 46 20.60 -42.83 1.94
N TYR F 47 19.58 -43.48 2.48
CA TYR F 47 19.08 -43.15 3.81
C TYR F 47 18.79 -44.44 4.58
N GLU F 48 18.76 -44.32 5.91
CA GLU F 48 18.50 -45.46 6.76
C GLU F 48 17.15 -46.08 6.44
N CYS F 49 17.11 -47.42 6.43
CA CYS F 49 15.88 -48.17 6.25
C CYS F 49 15.58 -48.85 7.58
N VAL F 50 14.80 -48.16 8.42
CA VAL F 50 14.58 -48.62 9.78
C VAL F 50 13.99 -50.02 9.78
N THR F 51 14.40 -50.83 10.75
CA THR F 51 13.88 -52.17 10.96
C THR F 51 13.08 -52.22 12.26
N ILE F 52 11.99 -52.97 12.24
CA ILE F 52 11.03 -53.03 13.33
C ILE F 52 10.77 -54.48 13.67
N ASP F 53 10.00 -54.69 14.75
CA ASP F 53 9.65 -56.04 15.20
C ASP F 53 8.49 -56.56 14.37
N GLN F 54 7.92 -57.68 14.79
CA GLN F 54 6.79 -58.29 14.08
C GLN F 54 5.44 -57.85 14.64
N GLY F 55 5.40 -57.05 15.70
CA GLY F 55 4.16 -56.72 16.36
C GLY F 55 3.54 -55.41 15.91
N GLU F 56 4.28 -54.59 15.19
CA GLU F 56 3.84 -53.26 14.78
C GLU F 56 3.97 -53.10 13.28
N GLU F 57 2.98 -52.47 12.66
CA GLU F 57 3.06 -52.14 11.25
C GLU F 57 3.83 -50.83 11.08
N PRO F 58 4.48 -50.63 9.94
CA PRO F 58 5.28 -49.41 9.75
C PRO F 58 4.40 -48.17 9.69
N VAL F 59 4.96 -47.05 10.16
CA VAL F 59 4.30 -45.77 10.12
C VAL F 59 5.30 -44.73 9.63
N ASP F 60 4.92 -43.96 8.62
CA ASP F 60 5.75 -42.87 8.12
C ASP F 60 7.12 -43.36 7.65
N VAL F 61 7.17 -44.58 7.12
CA VAL F 61 8.43 -45.20 6.71
C VAL F 61 8.27 -45.71 5.28
N ASP F 62 9.26 -45.42 4.44
CA ASP F 62 9.24 -45.89 3.07
C ASP F 62 9.80 -47.31 2.97
N CYS F 63 11.00 -47.54 3.52
CA CYS F 63 11.65 -48.83 3.50
C CYS F 63 11.70 -49.38 4.92
N PHE F 64 11.29 -50.63 5.09
CA PHE F 64 11.38 -51.30 6.37
C PHE F 64 11.70 -52.77 6.17
N CYS F 65 12.56 -53.32 7.04
CA CYS F 65 12.98 -54.70 6.97
C CYS F 65 12.72 -55.38 8.30
N ARG F 66 12.46 -56.68 8.25
CA ARG F 66 12.17 -57.48 9.42
C ARG F 66 13.17 -58.63 9.53
N ASN F 67 13.51 -58.99 10.76
CA ASN F 67 14.48 -60.03 11.04
C ASN F 67 15.85 -59.68 10.46
N VAL F 68 16.25 -58.42 10.59
CA VAL F 68 17.56 -57.96 10.16
C VAL F 68 17.80 -56.61 10.79
N ASP F 69 19.07 -56.26 11.00
CA ASP F 69 19.45 -55.03 11.65
C ASP F 69 20.55 -54.33 10.86
N GLY F 70 20.43 -53.01 10.73
CA GLY F 70 21.46 -52.21 10.10
C GLY F 70 21.51 -52.37 8.59
N VAL F 71 20.46 -51.93 7.90
CA VAL F 71 20.38 -52.01 6.45
C VAL F 71 20.04 -50.63 5.91
N TYR F 72 20.77 -50.19 4.89
CA TYR F 72 20.63 -48.87 4.30
C TYR F 72 20.16 -48.99 2.87
N LEU F 73 19.25 -48.11 2.47
CA LEU F 73 18.77 -48.06 1.09
C LEU F 73 19.56 -47.01 0.31
N GLU F 74 19.54 -47.15 -1.02
CA GLU F 74 20.30 -46.26 -1.88
C GLU F 74 19.86 -46.49 -3.32
N TYR F 75 19.57 -45.42 -4.05
CA TYR F 75 19.12 -45.54 -5.42
C TYR F 75 19.35 -44.24 -6.17
N GLY F 76 19.47 -44.35 -7.50
CA GLY F 76 19.66 -43.19 -8.35
C GLY F 76 18.35 -42.53 -8.72
N ARG F 77 18.45 -41.48 -9.55
CA ARG F 77 17.28 -40.69 -9.87
C ARG F 77 17.20 -40.21 -11.33
N CYS F 78 18.13 -40.61 -12.21
CA CYS F 78 18.06 -40.17 -13.59
C CYS F 78 17.07 -41.04 -14.38
N GLY F 79 16.98 -40.76 -15.68
CA GLY F 79 16.08 -41.51 -16.54
C GLY F 79 14.65 -41.49 -16.08
N LYS F 80 14.23 -40.42 -15.42
CA LYS F 80 12.92 -40.35 -14.80
C LYS F 80 12.28 -39.00 -15.10
N GLN F 81 11.09 -39.06 -15.71
CA GLN F 81 10.34 -37.85 -15.98
C GLN F 81 10.04 -37.11 -14.69
N GLU F 82 10.20 -35.79 -14.72
CA GLU F 82 9.98 -34.96 -13.53
C GLU F 82 8.56 -35.14 -13.01
N THR F 86 8.11 -28.78 -9.27
CA THR F 86 8.88 -28.70 -8.03
C THR F 86 9.88 -27.55 -8.08
N ARG F 87 10.05 -26.95 -9.26
CA ARG F 87 11.03 -25.89 -9.43
C ARG F 87 10.52 -24.58 -8.87
N ARG F 88 11.46 -23.69 -8.56
CA ARG F 88 11.18 -22.35 -8.05
C ARG F 88 12.23 -21.40 -8.61
N SER F 89 11.99 -20.10 -8.47
CA SER F 89 12.91 -19.08 -8.95
C SER F 89 13.27 -18.13 -7.83
N VAL F 90 14.54 -17.75 -7.76
CA VAL F 90 15.02 -16.82 -6.74
C VAL F 90 14.68 -15.40 -7.17
N LEU F 91 14.77 -14.45 -6.25
CA LEU F 91 14.46 -13.05 -6.52
C LEU F 91 15.72 -12.36 -7.04
N ILE F 92 15.67 -11.92 -8.29
CA ILE F 92 16.73 -11.13 -8.91
C ILE F 92 16.15 -9.76 -9.23
N PRO F 93 16.46 -8.72 -8.47
CA PRO F 93 15.87 -7.40 -8.74
C PRO F 93 16.22 -6.92 -10.14
N SER F 94 15.24 -6.31 -10.80
CA SER F 94 15.46 -5.77 -12.13
C SER F 94 16.43 -4.59 -12.07
N HIS F 95 17.29 -4.51 -13.08
CA HIS F 95 18.31 -3.46 -13.13
C HIS F 95 17.68 -2.08 -13.31
N ASP F 111 23.99 22.19 -20.09
CA ASP F 111 23.35 20.97 -19.60
C ASP F 111 23.19 21.01 -18.09
N SER F 112 24.30 20.85 -17.37
CA SER F 112 24.25 20.88 -15.91
C SER F 112 23.65 22.18 -15.40
N LEU F 113 23.92 23.29 -16.08
CA LEU F 113 23.30 24.55 -15.70
C LEU F 113 21.79 24.49 -15.85
N ARG F 114 21.31 23.82 -16.90
CA ARG F 114 19.87 23.68 -17.09
C ARG F 114 19.23 22.94 -15.92
N THR F 115 19.89 21.89 -15.42
CA THR F 115 19.35 21.16 -14.28
C THR F 115 19.14 22.09 -13.09
N HIS F 116 20.14 22.91 -12.75
CA HIS F 116 19.94 23.89 -11.69
C HIS F 116 18.91 24.94 -12.11
N LEU F 117 18.97 25.38 -13.37
CA LEU F 117 18.02 26.39 -13.84
C LEU F 117 16.60 25.86 -13.79
N THR F 118 16.38 24.61 -14.21
CA THR F 118 15.04 24.04 -14.19
C THR F 118 14.50 23.93 -12.77
N ARG F 119 15.35 23.47 -11.84
CA ARG F 119 14.90 23.36 -10.45
C ARG F 119 14.59 24.75 -9.87
N VAL F 120 15.41 25.74 -10.21
CA VAL F 120 15.15 27.10 -9.72
C VAL F 120 13.83 27.61 -10.28
N GLU F 121 13.58 27.38 -11.57
CA GLU F 121 12.33 27.82 -12.16
C GLU F 121 11.13 27.12 -11.51
N GLY F 122 11.26 25.83 -11.23
CA GLY F 122 10.19 25.12 -10.56
C GLY F 122 9.92 25.66 -9.17
N TRP F 123 10.99 25.92 -8.41
CA TRP F 123 10.83 26.50 -7.08
C TRP F 123 10.17 27.87 -7.15
N VAL F 124 10.55 28.68 -8.14
CA VAL F 124 9.93 30.00 -8.29
C VAL F 124 8.45 29.85 -8.63
N TRP F 125 8.11 28.93 -9.53
CA TRP F 125 6.73 28.74 -9.95
C TRP F 125 5.86 28.13 -8.86
N LYS F 126 6.46 27.41 -7.91
CA LYS F 126 5.71 26.80 -6.82
C LYS F 126 5.54 27.72 -5.63
N ASN F 127 6.05 28.95 -5.70
CA ASN F 127 6.02 29.91 -4.59
C ASN F 127 5.59 31.28 -5.10
N LYS F 128 4.47 31.32 -5.82
CA LYS F 128 3.99 32.58 -6.38
C LYS F 128 3.91 33.67 -5.31
N LEU F 129 3.41 33.32 -4.12
CA LEU F 129 3.42 34.29 -3.02
C LEU F 129 4.85 34.69 -2.67
N LEU F 130 5.75 33.70 -2.60
CA LEU F 130 7.15 34.01 -2.36
C LEU F 130 7.74 34.82 -3.52
N ALA F 131 7.31 34.54 -4.75
CA ALA F 131 7.79 35.31 -5.90
C ALA F 131 7.41 36.78 -5.76
N LEU F 132 6.18 37.05 -5.35
CA LEU F 132 5.76 38.43 -5.13
C LEU F 132 6.51 39.06 -3.96
N ALA F 133 6.68 38.30 -2.88
CA ALA F 133 7.38 38.83 -1.71
C ALA F 133 8.83 39.17 -2.01
N MET F 134 9.47 38.41 -2.89
CA MET F 134 10.85 38.70 -3.25
C MET F 134 10.98 40.11 -3.79
N VAL F 135 10.12 40.48 -4.75
CA VAL F 135 10.14 41.84 -5.29
C VAL F 135 9.72 42.83 -4.22
N THR F 136 8.65 42.53 -3.48
CA THR F 136 8.15 43.46 -2.47
C THR F 136 9.22 43.80 -1.45
N VAL F 137 10.16 42.88 -1.22
CA VAL F 137 11.25 43.11 -0.27
C VAL F 137 12.44 43.79 -0.94
N VAL F 138 12.84 43.31 -2.11
CA VAL F 138 14.03 43.86 -2.75
C VAL F 138 13.81 45.31 -3.16
N TRP F 139 12.71 45.58 -3.89
CA TRP F 139 12.50 46.92 -4.42
C TRP F 139 12.42 47.97 -3.32
N LEU F 140 12.05 47.58 -2.10
CA LEU F 140 11.95 48.52 -1.01
C LEU F 140 13.25 48.60 -0.20
N THR F 141 13.69 47.47 0.35
CA THR F 141 14.85 47.49 1.24
C THR F 141 16.14 47.77 0.48
N LEU F 142 16.35 47.09 -0.65
CA LEU F 142 17.63 47.18 -1.34
C LEU F 142 17.80 48.53 -2.02
N GLU F 143 16.92 48.84 -2.97
CA GLU F 143 17.02 50.08 -3.76
C GLU F 143 18.40 50.22 -4.37
N SER F 144 19.01 49.10 -4.71
CA SER F 144 20.39 49.01 -5.19
C SER F 144 20.46 48.12 -6.42
N VAL F 145 19.63 48.42 -7.42
CA VAL F 145 19.38 47.54 -8.56
C VAL F 145 20.67 46.88 -9.03
N VAL F 146 21.75 47.66 -9.12
CA VAL F 146 23.03 47.09 -9.55
C VAL F 146 23.41 45.92 -8.64
N THR F 147 23.28 46.09 -7.33
CA THR F 147 23.50 45.00 -6.39
C THR F 147 22.22 44.25 -6.05
N ARG F 148 21.05 44.86 -6.28
CA ARG F 148 19.80 44.17 -6.01
C ARG F 148 19.61 42.98 -6.93
N VAL F 149 20.10 43.06 -8.17
CA VAL F 149 20.03 41.91 -9.07
C VAL F 149 20.80 40.74 -8.48
N ALA F 150 22.01 41.00 -8.00
CA ALA F 150 22.82 39.94 -7.40
C ALA F 150 22.16 39.40 -6.13
N VAL F 151 21.58 40.30 -5.32
CA VAL F 151 20.91 39.85 -4.10
C VAL F 151 19.74 38.93 -4.43
N LEU F 152 18.93 39.32 -5.42
CA LEU F 152 17.80 38.50 -5.82
C LEU F 152 18.26 37.17 -6.40
N VAL F 153 19.34 37.18 -7.18
CA VAL F 153 19.86 35.93 -7.74
C VAL F 153 20.32 35.00 -6.62
N VAL F 154 21.01 35.54 -5.63
CA VAL F 154 21.46 34.73 -4.50
C VAL F 154 20.27 34.18 -3.74
N LEU F 155 19.25 35.02 -3.51
CA LEU F 155 18.06 34.55 -2.80
C LEU F 155 17.37 33.42 -3.57
N LEU F 156 17.24 33.57 -4.89
CA LEU F 156 16.61 32.53 -5.69
C LEU F 156 17.43 31.24 -5.67
N CYS F 157 18.76 31.36 -5.76
CA CYS F 157 19.61 30.17 -5.73
C CYS F 157 19.67 29.54 -4.34
N LEU F 158 19.29 30.29 -3.29
CA LEU F 158 19.33 29.73 -1.94
C LEU F 158 18.39 28.55 -1.82
N ALA F 159 17.19 28.65 -2.36
CA ALA F 159 16.23 27.55 -2.30
C ALA F 159 16.73 26.40 -3.18
N PRO F 160 16.89 25.20 -2.63
CA PRO F 160 17.39 24.06 -3.42
C PRO F 160 16.40 23.63 -4.51
C1 NAG G . -62.71 5.06 -27.79
C2 NAG G . -63.28 3.92 -28.64
C3 NAG G . -64.80 4.00 -28.67
C4 NAG G . -65.37 4.04 -27.25
C5 NAG G . -64.71 5.18 -26.47
C6 NAG G . -65.14 5.22 -25.02
C7 NAG G . -61.64 3.29 -30.35
C8 NAG G . -61.24 3.43 -31.80
N2 NAG G . -62.74 3.95 -29.99
O3 NAG G . -65.32 2.86 -29.35
O4 NAG G . -66.77 4.24 -27.29
O5 NAG G . -63.29 5.02 -26.48
O6 NAG G . -64.15 4.64 -24.18
O7 NAG G . -61.00 2.60 -29.56
C1 NAG H . 26.91 -17.80 47.92
C2 NAG H . 27.00 -19.24 48.45
C3 NAG H . 28.31 -19.89 48.02
C4 NAG H . 28.48 -19.79 46.51
C5 NAG H . 28.36 -18.34 46.07
C6 NAG H . 28.41 -18.18 44.57
C7 NAG H . 26.82 -20.38 50.62
C8 NAG H . 26.70 -20.21 52.11
N2 NAG H . 26.89 -19.25 49.90
O3 NAG H . 28.33 -21.26 48.42
O4 NAG H . 29.77 -20.28 46.14
O5 NAG H . 27.08 -17.82 46.49
O6 NAG H . 27.15 -17.76 44.04
O7 NAG H . 26.86 -21.49 50.09
C1 NAG I . 30.84 0.14 -47.67
C2 NAG I . 30.02 1.08 -48.55
C3 NAG I . 29.66 0.39 -49.86
C4 NAG I . 30.92 -0.14 -50.55
C5 NAG I . 31.72 -1.01 -49.59
C6 NAG I . 33.04 -1.47 -50.16
C7 NAG I . 28.18 2.65 -48.15
C8 NAG I . 26.95 2.94 -47.33
N2 NAG I . 28.82 1.52 -47.85
O3 NAG I . 28.99 1.32 -50.71
O4 NAG I . 30.55 -0.90 -51.69
O5 NAG I . 32.01 -0.28 -48.38
O6 NAG I . 34.03 -1.57 -49.16
O7 NAG I . 28.56 3.41 -49.04
#